data_7ETU
# 
_entry.id   7ETU 
# 
_audit_conform.dict_name       mmcif_pdbx.dic 
_audit_conform.dict_version    5.380 
_audit_conform.dict_location   http://mmcif.pdb.org/dictionaries/ascii/mmcif_pdbx.dic 
# 
loop_
_database_2.database_id 
_database_2.database_code 
_database_2.pdbx_database_accession 
_database_2.pdbx_DOI 
PDB   7ETU         pdb_00007etu 10.2210/pdb7etu/pdb 
WWPDB D_1300022233 ?            ?                   
# 
_pdbx_database_status.status_code                     REL 
_pdbx_database_status.status_code_sf                  REL 
_pdbx_database_status.status_code_mr                  ? 
_pdbx_database_status.entry_id                        7ETU 
_pdbx_database_status.recvd_initial_deposition_date   2021-05-14 
_pdbx_database_status.SG_entry                        N 
_pdbx_database_status.deposit_site                    PDBJ 
_pdbx_database_status.process_site                    PDBJ 
_pdbx_database_status.status_code_cs                  ? 
_pdbx_database_status.status_code_nmr_data            ? 
_pdbx_database_status.methods_development_category    ? 
_pdbx_database_status.pdb_format_compatible           Y 
# 
loop_
_audit_author.name 
_audit_author.pdbx_ordinal 
_audit_author.identifier_ORCID 
'Han, J.T.' 1 ? 
'Zhu, Y.C.' 2 ? 
'Pan, D.B.' 3 ? 
'Xue, H.X.' 4 ? 
'Wang, S.'  5 ? 
'Liu, H.X.' 6 ? 
'He, Y.X.'  7 ? 
'Yao, X.J.' 8 ? 
# 
_citation.abstract                  ? 
_citation.abstract_id_CAS           ? 
_citation.book_id_ISBN              ? 
_citation.book_publisher            ? 
_citation.book_publisher_city       ? 
_citation.book_title                ? 
_citation.coordinate_linkage        ? 
_citation.country                   NE 
_citation.database_id_Medline       ? 
_citation.details                   ? 
_citation.id                        primary 
_citation.journal_abbrev            'Comput Struct Biotechnol J' 
_citation.journal_id_ASTM           ? 
_citation.journal_id_CSD            ? 
_citation.journal_id_ISSN           2001-0370 
_citation.journal_full              ? 
_citation.journal_issue             ? 
_citation.journal_volume            19 
_citation.language                  ? 
_citation.page_first                4079 
_citation.page_last                 4091 
_citation.title                     
'Discovery of pentapeptide-inhibitor hits targeting FKBP51 by combining computational modeling and X-ray crystallography.' 
_citation.year                      2021 
_citation.database_id_CSD           ? 
_citation.pdbx_database_id_DOI      10.1016/j.csbj.2021.07.015 
_citation.pdbx_database_id_PubMed   34401048 
_citation.pdbx_database_id_patent   ? 
_citation.unpublished_flag          ? 
# 
loop_
_citation_author.citation_id 
_citation_author.name 
_citation_author.ordinal 
_citation_author.identifier_ORCID 
primary 'Han, J.T.' 1 ? 
primary 'Zhu, Y.'   2 ? 
primary 'Pan, D.B.' 3 ? 
primary 'Xue, H.X.' 4 ? 
primary 'Wang, S.'  5 ? 
primary 'Peng, Y.'  6 ? 
primary 'Liu, H.'   7 ? 
primary 'He, Y.X.'  8 ? 
primary 'Yao, X.'   9 ? 
# 
_cell.angle_alpha                  90.000 
_cell.angle_alpha_esd              ? 
_cell.angle_beta                   90.000 
_cell.angle_beta_esd               ? 
_cell.angle_gamma                  90.000 
_cell.angle_gamma_esd              ? 
_cell.entry_id                     7ETU 
_cell.details                      ? 
_cell.formula_units_Z              ? 
_cell.length_a                     42.326 
_cell.length_a_esd                 ? 
_cell.length_b                     54.425 
_cell.length_b_esd                 ? 
_cell.length_c                     56.319 
_cell.length_c_esd                 ? 
_cell.volume                       ? 
_cell.volume_esd                   ? 
_cell.Z_PDB                        4 
_cell.reciprocal_angle_alpha       ? 
_cell.reciprocal_angle_beta        ? 
_cell.reciprocal_angle_gamma       ? 
_cell.reciprocal_angle_alpha_esd   ? 
_cell.reciprocal_angle_beta_esd    ? 
_cell.reciprocal_angle_gamma_esd   ? 
_cell.reciprocal_length_a          ? 
_cell.reciprocal_length_b          ? 
_cell.reciprocal_length_c          ? 
_cell.reciprocal_length_a_esd      ? 
_cell.reciprocal_length_b_esd      ? 
_cell.reciprocal_length_c_esd      ? 
_cell.pdbx_unique_axis             ? 
# 
_symmetry.entry_id                         7ETU 
_symmetry.cell_setting                     ? 
_symmetry.Int_Tables_number                19 
_symmetry.space_group_name_Hall            ? 
_symmetry.space_group_name_H-M             'P 21 21 21' 
_symmetry.pdbx_full_space_group_name_H-M   ? 
# 
loop_
_entity.id 
_entity.type 
_entity.src_method 
_entity.pdbx_description 
_entity.formula_weight 
_entity.pdbx_number_of_molecules 
_entity.pdbx_ec 
_entity.pdbx_mutation 
_entity.pdbx_fragment 
_entity.details 
1 polymer syn 'peptide-inhibitor hit'                     597.659   1   ?       ?    ? ? 
2 polymer man 'Peptidyl-prolyl cis-trans isomerase FKBP5' 14026.077 1   5.2.1.8 A19T ? ? 
3 water   nat water                                       18.015    187 ?       ?    ? ? 
# 
_entity_name_com.entity_id   2 
_entity_name_com.name        
;PPIase FKBP5,51 kDa FK506-binding protein,51 kDa FKBP,FKBP-51,54 kDa progesterone receptor-associated immunophilin,Androgen-regulated protein 6,FF1 antigen,FK506-binding protein 5,FKBP-5,FKBP54,p54,HSP90-binding immunophilin,Rotamase
;
# 
loop_
_entity_poly.entity_id 
_entity_poly.type 
_entity_poly.nstd_linkage 
_entity_poly.nstd_monomer 
_entity_poly.pdbx_seq_one_letter_code 
_entity_poly.pdbx_seq_one_letter_code_can 
_entity_poly.pdbx_strand_id 
_entity_poly.pdbx_target_identifier 
1 'polypeptide(L)' no no SFPFT SFPFT B ? 
2 'polypeptide(L)' no no 
;GAPATVTEQGEDITSKKDRGVLKIVKRVGNGEETPMIGDKVYVHYKGKLSNGKKFDSSHDRNEPFVFSLGKGQVIKAWDI
GVATMKKGEICHLLCKPEYAYGSAGSLPKIPSNATLFFEIELLDFKGE
;
;GAPATVTEQGEDITSKKDRGVLKIVKRVGNGEETPMIGDKVYVHYKGKLSNGKKFDSSHDRNEPFVFSLGKGQVIKAWDI
GVATMKKGEICHLLCKPEYAYGSAGSLPKIPSNATLFFEIELLDFKGE
;
A ? 
# 
loop_
_entity_poly_seq.entity_id 
_entity_poly_seq.num 
_entity_poly_seq.mon_id 
_entity_poly_seq.hetero 
1 1   SER n 
1 2   PHE n 
1 3   PRO n 
1 4   PHE n 
1 5   THR n 
2 1   GLY n 
2 2   ALA n 
2 3   PRO n 
2 4   ALA n 
2 5   THR n 
2 6   VAL n 
2 7   THR n 
2 8   GLU n 
2 9   GLN n 
2 10  GLY n 
2 11  GLU n 
2 12  ASP n 
2 13  ILE n 
2 14  THR n 
2 15  SER n 
2 16  LYS n 
2 17  LYS n 
2 18  ASP n 
2 19  ARG n 
2 20  GLY n 
2 21  VAL n 
2 22  LEU n 
2 23  LYS n 
2 24  ILE n 
2 25  VAL n 
2 26  LYS n 
2 27  ARG n 
2 28  VAL n 
2 29  GLY n 
2 30  ASN n 
2 31  GLY n 
2 32  GLU n 
2 33  GLU n 
2 34  THR n 
2 35  PRO n 
2 36  MET n 
2 37  ILE n 
2 38  GLY n 
2 39  ASP n 
2 40  LYS n 
2 41  VAL n 
2 42  TYR n 
2 43  VAL n 
2 44  HIS n 
2 45  TYR n 
2 46  LYS n 
2 47  GLY n 
2 48  LYS n 
2 49  LEU n 
2 50  SER n 
2 51  ASN n 
2 52  GLY n 
2 53  LYS n 
2 54  LYS n 
2 55  PHE n 
2 56  ASP n 
2 57  SER n 
2 58  SER n 
2 59  HIS n 
2 60  ASP n 
2 61  ARG n 
2 62  ASN n 
2 63  GLU n 
2 64  PRO n 
2 65  PHE n 
2 66  VAL n 
2 67  PHE n 
2 68  SER n 
2 69  LEU n 
2 70  GLY n 
2 71  LYS n 
2 72  GLY n 
2 73  GLN n 
2 74  VAL n 
2 75  ILE n 
2 76  LYS n 
2 77  ALA n 
2 78  TRP n 
2 79  ASP n 
2 80  ILE n 
2 81  GLY n 
2 82  VAL n 
2 83  ALA n 
2 84  THR n 
2 85  MET n 
2 86  LYS n 
2 87  LYS n 
2 88  GLY n 
2 89  GLU n 
2 90  ILE n 
2 91  CYS n 
2 92  HIS n 
2 93  LEU n 
2 94  LEU n 
2 95  CYS n 
2 96  LYS n 
2 97  PRO n 
2 98  GLU n 
2 99  TYR n 
2 100 ALA n 
2 101 TYR n 
2 102 GLY n 
2 103 SER n 
2 104 ALA n 
2 105 GLY n 
2 106 SER n 
2 107 LEU n 
2 108 PRO n 
2 109 LYS n 
2 110 ILE n 
2 111 PRO n 
2 112 SER n 
2 113 ASN n 
2 114 ALA n 
2 115 THR n 
2 116 LEU n 
2 117 PHE n 
2 118 PHE n 
2 119 GLU n 
2 120 ILE n 
2 121 GLU n 
2 122 LEU n 
2 123 LEU n 
2 124 ASP n 
2 125 PHE n 
2 126 LYS n 
2 127 GLY n 
2 128 GLU n 
# 
_entity_src_gen.entity_id                          2 
_entity_src_gen.pdbx_src_id                        1 
_entity_src_gen.pdbx_alt_source_flag               sample 
_entity_src_gen.pdbx_seq_type                      'Biological sequence' 
_entity_src_gen.pdbx_beg_seq_num                   1 
_entity_src_gen.pdbx_end_seq_num                   128 
_entity_src_gen.gene_src_common_name               Human 
_entity_src_gen.gene_src_genus                     ? 
_entity_src_gen.pdbx_gene_src_gene                 'FKBP5, AIG6, FKBP51' 
_entity_src_gen.gene_src_species                   ? 
_entity_src_gen.gene_src_strain                    ? 
_entity_src_gen.gene_src_tissue                    ? 
_entity_src_gen.gene_src_tissue_fraction           ? 
_entity_src_gen.gene_src_details                   ? 
_entity_src_gen.pdbx_gene_src_fragment             ? 
_entity_src_gen.pdbx_gene_src_scientific_name      'Homo sapiens' 
_entity_src_gen.pdbx_gene_src_ncbi_taxonomy_id     9606 
_entity_src_gen.pdbx_gene_src_variant              ? 
_entity_src_gen.pdbx_gene_src_cell_line            ? 
_entity_src_gen.pdbx_gene_src_atcc                 ? 
_entity_src_gen.pdbx_gene_src_organ                ? 
_entity_src_gen.pdbx_gene_src_organelle            ? 
_entity_src_gen.pdbx_gene_src_cell                 ? 
_entity_src_gen.pdbx_gene_src_cellular_location    ? 
_entity_src_gen.host_org_common_name               ? 
_entity_src_gen.pdbx_host_org_scientific_name      'Escherichia coli' 
_entity_src_gen.pdbx_host_org_ncbi_taxonomy_id     562 
_entity_src_gen.host_org_genus                     ? 
_entity_src_gen.pdbx_host_org_gene                 ? 
_entity_src_gen.pdbx_host_org_organ                ? 
_entity_src_gen.host_org_species                   ? 
_entity_src_gen.pdbx_host_org_tissue               ? 
_entity_src_gen.pdbx_host_org_tissue_fraction      ? 
_entity_src_gen.pdbx_host_org_strain               ? 
_entity_src_gen.pdbx_host_org_variant              ? 
_entity_src_gen.pdbx_host_org_cell_line            ? 
_entity_src_gen.pdbx_host_org_atcc                 ? 
_entity_src_gen.pdbx_host_org_culture_collection   ? 
_entity_src_gen.pdbx_host_org_cell                 ? 
_entity_src_gen.pdbx_host_org_organelle            ? 
_entity_src_gen.pdbx_host_org_cellular_location    ? 
_entity_src_gen.pdbx_host_org_vector_type          ? 
_entity_src_gen.pdbx_host_org_vector               ? 
_entity_src_gen.host_org_details                   ? 
_entity_src_gen.expression_system_id               ? 
_entity_src_gen.plasmid_name                       ? 
_entity_src_gen.plasmid_details                    ? 
_entity_src_gen.pdbx_description                   ? 
# 
_pdbx_entity_src_syn.entity_id              1 
_pdbx_entity_src_syn.pdbx_src_id            1 
_pdbx_entity_src_syn.pdbx_alt_source_flag   sample 
_pdbx_entity_src_syn.pdbx_beg_seq_num       1 
_pdbx_entity_src_syn.pdbx_end_seq_num       5 
_pdbx_entity_src_syn.organism_scientific    'synthetic construct' 
_pdbx_entity_src_syn.organism_common_name   ? 
_pdbx_entity_src_syn.ncbi_taxonomy_id       32630 
_pdbx_entity_src_syn.details                ? 
# 
loop_
_struct_ref.id 
_struct_ref.db_name 
_struct_ref.db_code 
_struct_ref.pdbx_db_accession 
_struct_ref.pdbx_db_isoform 
_struct_ref.entity_id 
_struct_ref.pdbx_seq_one_letter_code 
_struct_ref.pdbx_align_begin 
1 PDB 7ETU        7ETU   ? 1 ? 1  
2 UNP FKBP5_HUMAN Q13451 ? 2 
;ATVAEQGEDITSKKDRGVLKIVKRVGNGEETPMIGDKVYVHYKGKLSNGKKFDSSHDRNEPFVFSLGKGQVIKAWDIGVA
TMKKGEICHLLCKPEYAYGSAGSLPKIPSNATLFFEIELLDFKGE
;
16 
# 
loop_
_struct_ref_seq.align_id 
_struct_ref_seq.ref_id 
_struct_ref_seq.pdbx_PDB_id_code 
_struct_ref_seq.pdbx_strand_id 
_struct_ref_seq.seq_align_beg 
_struct_ref_seq.pdbx_seq_align_beg_ins_code 
_struct_ref_seq.seq_align_end 
_struct_ref_seq.pdbx_seq_align_end_ins_code 
_struct_ref_seq.pdbx_db_accession 
_struct_ref_seq.db_align_beg 
_struct_ref_seq.pdbx_db_align_beg_ins_code 
_struct_ref_seq.db_align_end 
_struct_ref_seq.pdbx_db_align_end_ins_code 
_struct_ref_seq.pdbx_auth_seq_align_beg 
_struct_ref_seq.pdbx_auth_seq_align_end 
1 1 7ETU B 1 ? 5   ? 7ETU   1  ? 5   ? 1  5   
2 2 7ETU A 4 ? 128 ? Q13451 16 ? 140 ? 16 140 
# 
loop_
_struct_ref_seq_dif.align_id 
_struct_ref_seq_dif.pdbx_pdb_id_code 
_struct_ref_seq_dif.mon_id 
_struct_ref_seq_dif.pdbx_pdb_strand_id 
_struct_ref_seq_dif.seq_num 
_struct_ref_seq_dif.pdbx_pdb_ins_code 
_struct_ref_seq_dif.pdbx_seq_db_name 
_struct_ref_seq_dif.pdbx_seq_db_accession_code 
_struct_ref_seq_dif.db_mon_id 
_struct_ref_seq_dif.pdbx_seq_db_seq_num 
_struct_ref_seq_dif.details 
_struct_ref_seq_dif.pdbx_auth_seq_num 
_struct_ref_seq_dif.pdbx_ordinal 
2 7ETU GLY A 1 ? UNP Q13451 ?   ?  'expression tag'      13 1 
2 7ETU ALA A 2 ? UNP Q13451 ?   ?  'expression tag'      14 2 
2 7ETU PRO A 3 ? UNP Q13451 ?   ?  'expression tag'      15 3 
2 7ETU THR A 7 ? UNP Q13451 ALA 19 'engineered mutation' 19 4 
# 
loop_
_chem_comp.id 
_chem_comp.type 
_chem_comp.mon_nstd_flag 
_chem_comp.name 
_chem_comp.pdbx_synonyms 
_chem_comp.formula 
_chem_comp.formula_weight 
ALA 'L-peptide linking' y ALANINE         ? 'C3 H7 N O2'     89.093  
ARG 'L-peptide linking' y ARGININE        ? 'C6 H15 N4 O2 1' 175.209 
ASN 'L-peptide linking' y ASPARAGINE      ? 'C4 H8 N2 O3'    132.118 
ASP 'L-peptide linking' y 'ASPARTIC ACID' ? 'C4 H7 N O4'     133.103 
CYS 'L-peptide linking' y CYSTEINE        ? 'C3 H7 N O2 S'   121.158 
GLN 'L-peptide linking' y GLUTAMINE       ? 'C5 H10 N2 O3'   146.144 
GLU 'L-peptide linking' y 'GLUTAMIC ACID' ? 'C5 H9 N O4'     147.129 
GLY 'peptide linking'   y GLYCINE         ? 'C2 H5 N O2'     75.067  
HIS 'L-peptide linking' y HISTIDINE       ? 'C6 H10 N3 O2 1' 156.162 
HOH non-polymer         . WATER           ? 'H2 O'           18.015  
ILE 'L-peptide linking' y ISOLEUCINE      ? 'C6 H13 N O2'    131.173 
LEU 'L-peptide linking' y LEUCINE         ? 'C6 H13 N O2'    131.173 
LYS 'L-peptide linking' y LYSINE          ? 'C6 H15 N2 O2 1' 147.195 
MET 'L-peptide linking' y METHIONINE      ? 'C5 H11 N O2 S'  149.211 
PHE 'L-peptide linking' y PHENYLALANINE   ? 'C9 H11 N O2'    165.189 
PRO 'L-peptide linking' y PROLINE         ? 'C5 H9 N O2'     115.130 
SER 'L-peptide linking' y SERINE          ? 'C3 H7 N O3'     105.093 
THR 'L-peptide linking' y THREONINE       ? 'C4 H9 N O3'     119.119 
TRP 'L-peptide linking' y TRYPTOPHAN      ? 'C11 H12 N2 O2'  204.225 
TYR 'L-peptide linking' y TYROSINE        ? 'C9 H11 N O3'    181.189 
VAL 'L-peptide linking' y VALINE          ? 'C5 H11 N O2'    117.146 
# 
_exptl.absorpt_coefficient_mu     ? 
_exptl.absorpt_correction_T_max   ? 
_exptl.absorpt_correction_T_min   ? 
_exptl.absorpt_correction_type    ? 
_exptl.absorpt_process_details    ? 
_exptl.entry_id                   7ETU 
_exptl.crystals_number            1 
_exptl.details                    ? 
_exptl.method                     'X-RAY DIFFRACTION' 
_exptl.method_details             ? 
# 
_exptl_crystal.colour                      ? 
_exptl_crystal.density_diffrn              ? 
_exptl_crystal.density_Matthews            2.22 
_exptl_crystal.density_method              ? 
_exptl_crystal.density_percent_sol         44.54 
_exptl_crystal.description                 'THE ENTRY CONTAINS FRIEDEL PAIRS IN I/F_PLUS/MINUS COLUMNS.' 
_exptl_crystal.F_000                       ? 
_exptl_crystal.id                          1 
_exptl_crystal.preparation                 ? 
_exptl_crystal.size_max                    ? 
_exptl_crystal.size_mid                    ? 
_exptl_crystal.size_min                    ? 
_exptl_crystal.size_rad                    ? 
_exptl_crystal.colour_lustre               ? 
_exptl_crystal.colour_modifier             ? 
_exptl_crystal.colour_primary              ? 
_exptl_crystal.density_meas                ? 
_exptl_crystal.density_meas_esd            ? 
_exptl_crystal.density_meas_gt             ? 
_exptl_crystal.density_meas_lt             ? 
_exptl_crystal.density_meas_temp           ? 
_exptl_crystal.density_meas_temp_esd       ? 
_exptl_crystal.density_meas_temp_gt        ? 
_exptl_crystal.density_meas_temp_lt        ? 
_exptl_crystal.pdbx_crystal_image_url      ? 
_exptl_crystal.pdbx_crystal_image_format   ? 
_exptl_crystal.pdbx_mosaicity              ? 
_exptl_crystal.pdbx_mosaicity_esd          ? 
# 
_exptl_crystal_grow.apparatus       ? 
_exptl_crystal_grow.atmosphere      ? 
_exptl_crystal_grow.crystal_id      1 
_exptl_crystal_grow.details         ? 
_exptl_crystal_grow.method          'VAPOR DIFFUSION, HANGING DROP' 
_exptl_crystal_grow.method_ref      ? 
_exptl_crystal_grow.pH              ? 
_exptl_crystal_grow.pressure        ? 
_exptl_crystal_grow.pressure_esd    ? 
_exptl_crystal_grow.seeding         ? 
_exptl_crystal_grow.seeding_ref     ? 
_exptl_crystal_grow.temp            298 
_exptl_crystal_grow.temp_details    ? 
_exptl_crystal_grow.temp_esd        ? 
_exptl_crystal_grow.time            ? 
_exptl_crystal_grow.pdbx_details    '30%-36% PEG 3350, 0.2 M Ammonium Acetate and 0.1 M HEPES pH 7.5' 
_exptl_crystal_grow.pdbx_pH_range   ? 
# 
_diffrn.ambient_environment              ? 
_diffrn.ambient_temp                     100 
_diffrn.ambient_temp_details             ? 
_diffrn.ambient_temp_esd                 ? 
_diffrn.crystal_id                       1 
_diffrn.crystal_support                  ? 
_diffrn.crystal_treatment                ? 
_diffrn.details                          ? 
_diffrn.id                               1 
_diffrn.ambient_pressure                 ? 
_diffrn.ambient_pressure_esd             ? 
_diffrn.ambient_pressure_gt              ? 
_diffrn.ambient_pressure_lt              ? 
_diffrn.ambient_temp_gt                  ? 
_diffrn.ambient_temp_lt                  ? 
_diffrn.pdbx_serial_crystal_experiment   N 
# 
_diffrn_detector.details                      ? 
_diffrn_detector.detector                     PIXEL 
_diffrn_detector.diffrn_id                    1 
_diffrn_detector.type                         'DECTRIS PILATUS 6M' 
_diffrn_detector.area_resol_mean              ? 
_diffrn_detector.dtime                        ? 
_diffrn_detector.pdbx_frames_total            ? 
_diffrn_detector.pdbx_collection_time_total   ? 
_diffrn_detector.pdbx_collection_date         2019-07-06 
_diffrn_detector.pdbx_frequency               ? 
# 
_diffrn_radiation.collimation                      ? 
_diffrn_radiation.diffrn_id                        1 
_diffrn_radiation.filter_edge                      ? 
_diffrn_radiation.inhomogeneity                    ? 
_diffrn_radiation.monochromator                    ? 
_diffrn_radiation.polarisn_norm                    ? 
_diffrn_radiation.polarisn_ratio                   ? 
_diffrn_radiation.probe                            ? 
_diffrn_radiation.type                             ? 
_diffrn_radiation.xray_symbol                      ? 
_diffrn_radiation.wavelength_id                    1 
_diffrn_radiation.pdbx_monochromatic_or_laue_m_l   M 
_diffrn_radiation.pdbx_wavelength_list             ? 
_diffrn_radiation.pdbx_wavelength                  ? 
_diffrn_radiation.pdbx_diffrn_protocol             'SINGLE WAVELENGTH' 
_diffrn_radiation.pdbx_analyzer                    ? 
_diffrn_radiation.pdbx_scattering_type             x-ray 
# 
_diffrn_radiation_wavelength.id           1 
_diffrn_radiation_wavelength.wavelength   0.9793 
_diffrn_radiation_wavelength.wt           1.0 
# 
_diffrn_source.current                     ? 
_diffrn_source.details                     ? 
_diffrn_source.diffrn_id                   1 
_diffrn_source.power                       ? 
_diffrn_source.size                        ? 
_diffrn_source.source                      SYNCHROTRON 
_diffrn_source.target                      ? 
_diffrn_source.type                        'SSRF BEAMLINE BL18U1' 
_diffrn_source.voltage                     ? 
_diffrn_source.take-off_angle              ? 
_diffrn_source.pdbx_wavelength_list        0.9793 
_diffrn_source.pdbx_wavelength             ? 
_diffrn_source.pdbx_synchrotron_beamline   BL18U1 
_diffrn_source.pdbx_synchrotron_site       SSRF 
# 
_reflns.B_iso_Wilson_estimate                          ? 
_reflns.entry_id                                       7ETU 
_reflns.data_reduction_details                         ? 
_reflns.data_reduction_method                          ? 
_reflns.d_resolution_high                              1.39 
_reflns.d_resolution_low                               50 
_reflns.details                                        ? 
_reflns.limit_h_max                                    ? 
_reflns.limit_h_min                                    ? 
_reflns.limit_k_max                                    ? 
_reflns.limit_k_min                                    ? 
_reflns.limit_l_max                                    ? 
_reflns.limit_l_min                                    ? 
_reflns.number_all                                     ? 
_reflns.number_obs                                     26679 
_reflns.observed_criterion                             ? 
_reflns.observed_criterion_F_max                       ? 
_reflns.observed_criterion_F_min                       ? 
_reflns.observed_criterion_I_max                       ? 
_reflns.observed_criterion_I_min                       ? 
_reflns.observed_criterion_sigma_F                     ? 
_reflns.observed_criterion_sigma_I                     ? 
_reflns.percent_possible_obs                           99.2 
_reflns.R_free_details                                 ? 
_reflns.Rmerge_F_all                                   ? 
_reflns.Rmerge_F_obs                                   ? 
_reflns.Friedel_coverage                               ? 
_reflns.number_gt                                      ? 
_reflns.threshold_expression                           ? 
_reflns.pdbx_redundancy                                12 
_reflns.pdbx_Rmerge_I_obs                              ? 
_reflns.pdbx_Rmerge_I_all                              ? 
_reflns.pdbx_Rsym_value                                ? 
_reflns.pdbx_netI_over_av_sigmaI                       ? 
_reflns.pdbx_netI_over_sigmaI                          55.14 
_reflns.pdbx_res_netI_over_av_sigmaI_2                 ? 
_reflns.pdbx_res_netI_over_sigmaI_2                    ? 
_reflns.pdbx_chi_squared                               ? 
_reflns.pdbx_scaling_rejects                           ? 
_reflns.pdbx_d_res_high_opt                            ? 
_reflns.pdbx_d_res_low_opt                             ? 
_reflns.pdbx_d_res_opt_method                          ? 
_reflns.phase_calculation_details                      ? 
_reflns.pdbx_Rrim_I_all                                ? 
_reflns.pdbx_Rpim_I_all                                0.026 
_reflns.pdbx_d_opt                                     ? 
_reflns.pdbx_number_measured_all                       ? 
_reflns.pdbx_diffrn_id                                 1 
_reflns.pdbx_ordinal                                   1 
_reflns.pdbx_CC_half                                   ? 
_reflns.pdbx_CC_star                                   ? 
_reflns.pdbx_R_split                                   ? 
_reflns.pdbx_aniso_diffraction_limit_axis_1_ortho[1]   ? 
_reflns.pdbx_aniso_diffraction_limit_axis_1_ortho[2]   ? 
_reflns.pdbx_aniso_diffraction_limit_axis_1_ortho[3]   ? 
_reflns.pdbx_aniso_diffraction_limit_axis_2_ortho[1]   ? 
_reflns.pdbx_aniso_diffraction_limit_axis_2_ortho[2]   ? 
_reflns.pdbx_aniso_diffraction_limit_axis_2_ortho[3]   ? 
_reflns.pdbx_aniso_diffraction_limit_axis_3_ortho[1]   ? 
_reflns.pdbx_aniso_diffraction_limit_axis_3_ortho[2]   ? 
_reflns.pdbx_aniso_diffraction_limit_axis_3_ortho[3]   ? 
_reflns.pdbx_aniso_diffraction_limit_1                 ? 
_reflns.pdbx_aniso_diffraction_limit_2                 ? 
_reflns.pdbx_aniso_diffraction_limit_3                 ? 
_reflns.pdbx_aniso_B_tensor_eigenvector_1_ortho[1]     ? 
_reflns.pdbx_aniso_B_tensor_eigenvector_1_ortho[2]     ? 
_reflns.pdbx_aniso_B_tensor_eigenvector_1_ortho[3]     ? 
_reflns.pdbx_aniso_B_tensor_eigenvector_2_ortho[1]     ? 
_reflns.pdbx_aniso_B_tensor_eigenvector_2_ortho[2]     ? 
_reflns.pdbx_aniso_B_tensor_eigenvector_2_ortho[3]     ? 
_reflns.pdbx_aniso_B_tensor_eigenvector_3_ortho[1]     ? 
_reflns.pdbx_aniso_B_tensor_eigenvector_3_ortho[2]     ? 
_reflns.pdbx_aniso_B_tensor_eigenvector_3_ortho[3]     ? 
_reflns.pdbx_aniso_B_tensor_eigenvalue_1               ? 
_reflns.pdbx_aniso_B_tensor_eigenvalue_2               ? 
_reflns.pdbx_aniso_B_tensor_eigenvalue_3               ? 
_reflns.pdbx_orthogonalization_convention              ? 
_reflns.pdbx_percent_possible_ellipsoidal              ? 
_reflns.pdbx_percent_possible_spherical                ? 
_reflns.pdbx_percent_possible_ellipsoidal_anomalous    ? 
_reflns.pdbx_percent_possible_spherical_anomalous      ? 
_reflns.pdbx_redundancy_anomalous                      ? 
_reflns.pdbx_CC_half_anomalous                         ? 
_reflns.pdbx_absDiff_over_sigma_anomalous              ? 
_reflns.pdbx_percent_possible_anomalous                ? 
_reflns.pdbx_observed_signal_threshold                 ? 
_reflns.pdbx_signal_type                               ? 
_reflns.pdbx_signal_details                            ? 
_reflns.pdbx_signal_software_id                        ? 
# 
_reflns_shell.d_res_high                                    1.39 
_reflns_shell.d_res_low                                     1.41 
_reflns_shell.meanI_over_sigI_all                           ? 
_reflns_shell.meanI_over_sigI_obs                           ? 
_reflns_shell.number_measured_all                           ? 
_reflns_shell.number_measured_obs                           ? 
_reflns_shell.number_possible                               ? 
_reflns_shell.number_unique_all                             ? 
_reflns_shell.number_unique_obs                             1265 
_reflns_shell.percent_possible_all                          ? 
_reflns_shell.percent_possible_obs                          ? 
_reflns_shell.Rmerge_F_all                                  ? 
_reflns_shell.Rmerge_F_obs                                  ? 
_reflns_shell.Rmerge_I_all                                  ? 
_reflns_shell.Rmerge_I_obs                                  ? 
_reflns_shell.meanI_over_sigI_gt                            ? 
_reflns_shell.meanI_over_uI_all                             ? 
_reflns_shell.meanI_over_uI_gt                              ? 
_reflns_shell.number_measured_gt                            ? 
_reflns_shell.number_unique_gt                              ? 
_reflns_shell.percent_possible_gt                           ? 
_reflns_shell.Rmerge_F_gt                                   ? 
_reflns_shell.Rmerge_I_gt                                   ? 
_reflns_shell.pdbx_redundancy                               ? 
_reflns_shell.pdbx_Rsym_value                               ? 
_reflns_shell.pdbx_chi_squared                              ? 
_reflns_shell.pdbx_netI_over_sigmaI_all                     ? 
_reflns_shell.pdbx_netI_over_sigmaI_obs                     ? 
_reflns_shell.pdbx_Rrim_I_all                               ? 
_reflns_shell.pdbx_Rpim_I_all                               0.055 
_reflns_shell.pdbx_rejects                                  ? 
_reflns_shell.pdbx_ordinal                                  1 
_reflns_shell.pdbx_diffrn_id                                1 
_reflns_shell.pdbx_CC_half                                  ? 
_reflns_shell.pdbx_CC_star                                  ? 
_reflns_shell.pdbx_R_split                                  ? 
_reflns_shell.pdbx_percent_possible_ellipsoidal             ? 
_reflns_shell.pdbx_percent_possible_spherical               ? 
_reflns_shell.pdbx_percent_possible_ellipsoidal_anomalous   ? 
_reflns_shell.pdbx_percent_possible_spherical_anomalous     ? 
_reflns_shell.pdbx_redundancy_anomalous                     ? 
_reflns_shell.pdbx_CC_half_anomalous                        ? 
_reflns_shell.pdbx_absDiff_over_sigma_anomalous             ? 
_reflns_shell.pdbx_percent_possible_anomalous               ? 
# 
_refine.aniso_B[1][1]                            0.0100 
_refine.aniso_B[1][2]                            0.0000 
_refine.aniso_B[1][3]                            -0.0000 
_refine.aniso_B[2][2]                            -0.0100 
_refine.aniso_B[2][3]                            0.0000 
_refine.aniso_B[3][3]                            -0.0000 
_refine.B_iso_max                                49.330 
_refine.B_iso_mean                               10.9500 
_refine.B_iso_min                                4.420 
_refine.correlation_coeff_Fo_to_Fc               0.9580 
_refine.correlation_coeff_Fo_to_Fc_free          0.9410 
_refine.details                                  
'HYDROGENS HAVE BEEN ADDED IN THE RIDING POSITIONS U VALUES      : REFINED INDIVIDUALLY' 
_refine.diff_density_max                         ? 
_refine.diff_density_max_esd                     ? 
_refine.diff_density_min                         ? 
_refine.diff_density_min_esd                     ? 
_refine.diff_density_rms                         ? 
_refine.diff_density_rms_esd                     ? 
_refine.entry_id                                 7ETU 
_refine.pdbx_refine_id                           'X-RAY DIFFRACTION' 
_refine.ls_abs_structure_details                 ? 
_refine.ls_abs_structure_Flack                   ? 
_refine.ls_abs_structure_Flack_esd               ? 
_refine.ls_abs_structure_Rogers                  ? 
_refine.ls_abs_structure_Rogers_esd              ? 
_refine.ls_d_res_high                            1.3900 
_refine.ls_d_res_low                             28.1800 
_refine.ls_extinction_coef                       ? 
_refine.ls_extinction_coef_esd                   ? 
_refine.ls_extinction_expression                 ? 
_refine.ls_extinction_method                     ? 
_refine.ls_goodness_of_fit_all                   ? 
_refine.ls_goodness_of_fit_all_esd               ? 
_refine.ls_goodness_of_fit_obs                   ? 
_refine.ls_goodness_of_fit_obs_esd               ? 
_refine.ls_hydrogen_treatment                    ? 
_refine.ls_matrix_type                           ? 
_refine.ls_number_constraints                    ? 
_refine.ls_number_parameters                     ? 
_refine.ls_number_reflns_all                     ? 
_refine.ls_number_reflns_obs                     25371 
_refine.ls_number_reflns_R_free                  1255 
_refine.ls_number_reflns_R_work                  ? 
_refine.ls_number_restraints                     ? 
_refine.ls_percent_reflns_obs                    99.3200 
_refine.ls_percent_reflns_R_free                 4.7000 
_refine.ls_R_factor_all                          ? 
_refine.ls_R_factor_obs                          0.1698 
_refine.ls_R_factor_R_free                       0.1955 
_refine.ls_R_factor_R_free_error                 ? 
_refine.ls_R_factor_R_free_error_details         ? 
_refine.ls_R_factor_R_work                       0.1686 
_refine.ls_R_Fsqd_factor_obs                     ? 
_refine.ls_R_I_factor_obs                        ? 
_refine.ls_redundancy_reflns_all                 ? 
_refine.ls_redundancy_reflns_obs                 ? 
_refine.ls_restrained_S_all                      ? 
_refine.ls_restrained_S_obs                      ? 
_refine.ls_shift_over_esd_max                    ? 
_refine.ls_shift_over_esd_mean                   ? 
_refine.ls_structure_factor_coef                 ? 
_refine.ls_weighting_details                     ? 
_refine.ls_weighting_scheme                      ? 
_refine.ls_wR_factor_all                         ? 
_refine.ls_wR_factor_obs                         ? 
_refine.ls_wR_factor_R_free                      ? 
_refine.ls_wR_factor_R_work                      ? 
_refine.occupancy_max                            ? 
_refine.occupancy_min                            ? 
_refine.solvent_model_details                    MASK 
_refine.solvent_model_param_bsol                 ? 
_refine.solvent_model_param_ksol                 ? 
_refine.pdbx_R_complete                          ? 
_refine.ls_R_factor_gt                           ? 
_refine.ls_goodness_of_fit_gt                    ? 
_refine.ls_goodness_of_fit_ref                   ? 
_refine.ls_shift_over_su_max                     ? 
_refine.ls_shift_over_su_max_lt                  ? 
_refine.ls_shift_over_su_mean                    ? 
_refine.ls_shift_over_su_mean_lt                 ? 
_refine.pdbx_ls_sigma_I                          ? 
_refine.pdbx_ls_sigma_F                          0.000 
_refine.pdbx_ls_sigma_Fsqd                       ? 
_refine.pdbx_data_cutoff_high_absF               ? 
_refine.pdbx_data_cutoff_high_rms_absF           ? 
_refine.pdbx_data_cutoff_low_absF                ? 
_refine.pdbx_isotropic_thermal_model             ? 
_refine.pdbx_ls_cross_valid_method               THROUGHOUT 
_refine.pdbx_method_to_determine_struct          'MOLECULAR REPLACEMENT' 
_refine.pdbx_starting_model                      3O5R 
_refine.pdbx_stereochemistry_target_values       'MAXIMUM LIKELIHOOD' 
_refine.pdbx_R_Free_selection_details            RANDOM 
_refine.pdbx_stereochem_target_val_spec_case     ? 
_refine.pdbx_overall_ESU_R                       0.0570 
_refine.pdbx_overall_ESU_R_Free                  0.0600 
_refine.pdbx_solvent_vdw_probe_radii             1.2000 
_refine.pdbx_solvent_ion_probe_radii             0.8000 
_refine.pdbx_solvent_shrinkage_radii             0.8000 
_refine.pdbx_real_space_R                        ? 
_refine.pdbx_density_correlation                 ? 
_refine.pdbx_pd_number_of_powder_patterns        ? 
_refine.pdbx_pd_number_of_points                 ? 
_refine.pdbx_pd_meas_number_of_points            ? 
_refine.pdbx_pd_proc_ls_prof_R_factor            ? 
_refine.pdbx_pd_proc_ls_prof_wR_factor           ? 
_refine.pdbx_pd_Marquardt_correlation_coeff      ? 
_refine.pdbx_pd_Fsqrd_R_factor                   ? 
_refine.pdbx_pd_ls_matrix_band_width             ? 
_refine.pdbx_overall_phase_error                 ? 
_refine.pdbx_overall_SU_R_free_Cruickshank_DPI   ? 
_refine.pdbx_overall_SU_R_free_Blow_DPI          ? 
_refine.pdbx_overall_SU_R_Blow_DPI               ? 
_refine.pdbx_TLS_residual_ADP_flag               ? 
_refine.pdbx_diffrn_id                           1 
_refine.overall_SU_B                             0.7370 
_refine.overall_SU_ML                            0.0310 
_refine.overall_SU_R_Cruickshank_DPI             ? 
_refine.overall_SU_R_free                        ? 
_refine.overall_FOM_free_R_set                   ? 
_refine.overall_FOM_work_R_set                   ? 
_refine.pdbx_average_fsc_overall                 ? 
_refine.pdbx_average_fsc_work                    ? 
_refine.pdbx_average_fsc_free                    ? 
# 
_refine_hist.pdbx_refine_id                   'X-RAY DIFFRACTION' 
_refine_hist.cycle_id                         final 
_refine_hist.details                          ? 
_refine_hist.d_res_high                       1.3900 
_refine_hist.d_res_low                        28.1800 
_refine_hist.number_atoms_solvent             187 
_refine_hist.number_atoms_total               1183 
_refine_hist.number_reflns_all                ? 
_refine_hist.number_reflns_obs                ? 
_refine_hist.number_reflns_R_free             ? 
_refine_hist.number_reflns_R_work             ? 
_refine_hist.R_factor_all                     ? 
_refine_hist.R_factor_obs                     ? 
_refine_hist.R_factor_R_free                  ? 
_refine_hist.R_factor_R_work                  ? 
_refine_hist.pdbx_number_residues_total       132 
_refine_hist.pdbx_B_iso_mean_ligand           ? 
_refine_hist.pdbx_B_iso_mean_solvent          18.97 
_refine_hist.pdbx_number_atoms_protein        996 
_refine_hist.pdbx_number_atoms_nucleic_acid   0 
_refine_hist.pdbx_number_atoms_ligand         0 
_refine_hist.pdbx_number_atoms_lipid          ? 
_refine_hist.pdbx_number_atoms_carb           ? 
_refine_hist.pdbx_pseudo_atom_details         ? 
# 
loop_
_refine_ls_restr.pdbx_refine_id 
_refine_ls_restr.criterion 
_refine_ls_restr.dev_ideal 
_refine_ls_restr.dev_ideal_target 
_refine_ls_restr.number 
_refine_ls_restr.rejects 
_refine_ls_restr.type 
_refine_ls_restr.weight 
_refine_ls_restr.pdbx_restraint_function 
'X-RAY DIFFRACTION' ? 0.015  0.014  1018 ? r_bond_refined_d       ? ? 
'X-RAY DIFFRACTION' ? 0.001  0.017  929  ? r_bond_other_d         ? ? 
'X-RAY DIFFRACTION' ? 1.803  1.653  1372 ? r_angle_refined_deg    ? ? 
'X-RAY DIFFRACTION' ? 1.073  1.653  2172 ? r_angle_other_deg      ? ? 
'X-RAY DIFFRACTION' ? 7.550  5.000  130  ? r_dihedral_angle_1_deg ? ? 
'X-RAY DIFFRACTION' ? 29.810 23.636 44   ? r_dihedral_angle_2_deg ? ? 
'X-RAY DIFFRACTION' ? 11.646 15.000 169  ? r_dihedral_angle_3_deg ? ? 
'X-RAY DIFFRACTION' ? 13.307 15.000 3    ? r_dihedral_angle_4_deg ? ? 
'X-RAY DIFFRACTION' ? 0.099  0.200  131  ? r_chiral_restr         ? ? 
'X-RAY DIFFRACTION' ? 0.011  0.020  1142 ? r_gen_planes_refined   ? ? 
'X-RAY DIFFRACTION' ? 0.001  0.020  194  ? r_gen_planes_other     ? ? 
# 
_refine_ls_shell.pdbx_refine_id                   'X-RAY DIFFRACTION' 
_refine_ls_shell.d_res_high                       1.3910 
_refine_ls_shell.d_res_low                        1.4270 
_refine_ls_shell.number_reflns_all                1896 
_refine_ls_shell.number_reflns_obs                ? 
_refine_ls_shell.number_reflns_R_free             80 
_refine_ls_shell.number_reflns_R_work             1816 
_refine_ls_shell.percent_reflns_obs               97.7800 
_refine_ls_shell.percent_reflns_R_free            ? 
_refine_ls_shell.R_factor_all                     ? 
_refine_ls_shell.R_factor_obs                     ? 
_refine_ls_shell.R_factor_R_free                  0.1920 
_refine_ls_shell.R_factor_R_free_error            0.0000 
_refine_ls_shell.R_factor_R_work                  0.1660 
_refine_ls_shell.redundancy_reflns_all            ? 
_refine_ls_shell.redundancy_reflns_obs            ? 
_refine_ls_shell.wR_factor_all                    ? 
_refine_ls_shell.wR_factor_obs                    ? 
_refine_ls_shell.wR_factor_R_free                 ? 
_refine_ls_shell.wR_factor_R_work                 ? 
_refine_ls_shell.pdbx_R_complete                  ? 
_refine_ls_shell.pdbx_total_number_of_bins_used   20 
_refine_ls_shell.pdbx_phase_error                 ? 
_refine_ls_shell.pdbx_fsc_work                    ? 
_refine_ls_shell.pdbx_fsc_free                    ? 
# 
_struct.entry_id                     7ETU 
_struct.title                        'The FK1 domain of FKBP51 in complex with peptide-inhibitor hit SFPFT' 
_struct.pdbx_model_details           ? 
_struct.pdbx_formula_weight          ? 
_struct.pdbx_formula_weight_method   ? 
_struct.pdbx_model_type_details      ? 
_struct.pdbx_CASP_flag               N 
# 
_struct_keywords.entry_id        7ETU 
_struct_keywords.text            ISOMERASE 
_struct_keywords.pdbx_keywords   ISOMERASE 
# 
loop_
_struct_asym.id 
_struct_asym.pdbx_blank_PDB_chainid_flag 
_struct_asym.pdbx_modified 
_struct_asym.entity_id 
_struct_asym.details 
A N N 1 ? 
B N N 2 ? 
C N N 3 ? 
D N N 3 ? 
# 
loop_
_struct_conf.conf_type_id 
_struct_conf.id 
_struct_conf.pdbx_PDB_helix_id 
_struct_conf.beg_label_comp_id 
_struct_conf.beg_label_asym_id 
_struct_conf.beg_label_seq_id 
_struct_conf.pdbx_beg_PDB_ins_code 
_struct_conf.end_label_comp_id 
_struct_conf.end_label_asym_id 
_struct_conf.end_label_seq_id 
_struct_conf.pdbx_end_PDB_ins_code 
_struct_conf.beg_auth_comp_id 
_struct_conf.beg_auth_asym_id 
_struct_conf.beg_auth_seq_id 
_struct_conf.end_auth_comp_id 
_struct_conf.end_auth_asym_id 
_struct_conf.end_auth_seq_id 
_struct_conf.pdbx_PDB_helix_class 
_struct_conf.details 
_struct_conf.pdbx_PDB_helix_length 
HELX_P HELX_P1 AA1 ALA B 2  ? GLY B 10  ? ALA A 14  GLY A 22  1 ? 9 
HELX_P HELX_P2 AA2 HIS B 59 ? ASN B 62  ? HIS A 71  ASN A 74  5 ? 4 
HELX_P HELX_P3 AA3 ILE B 75 ? ALA B 83  ? ILE A 87  ALA A 95  1 ? 9 
HELX_P HELX_P4 AA4 PRO B 97 ? ALA B 100 ? PRO A 109 ALA A 112 5 ? 4 
# 
_struct_conf_type.id          HELX_P 
_struct_conf_type.criteria    ? 
_struct_conf_type.reference   ? 
# 
loop_
_struct_mon_prot_cis.pdbx_id 
_struct_mon_prot_cis.label_comp_id 
_struct_mon_prot_cis.label_seq_id 
_struct_mon_prot_cis.label_asym_id 
_struct_mon_prot_cis.label_alt_id 
_struct_mon_prot_cis.pdbx_PDB_ins_code 
_struct_mon_prot_cis.auth_comp_id 
_struct_mon_prot_cis.auth_seq_id 
_struct_mon_prot_cis.auth_asym_id 
_struct_mon_prot_cis.pdbx_label_comp_id_2 
_struct_mon_prot_cis.pdbx_label_seq_id_2 
_struct_mon_prot_cis.pdbx_label_asym_id_2 
_struct_mon_prot_cis.pdbx_PDB_ins_code_2 
_struct_mon_prot_cis.pdbx_auth_comp_id_2 
_struct_mon_prot_cis.pdbx_auth_seq_id_2 
_struct_mon_prot_cis.pdbx_auth_asym_id_2 
_struct_mon_prot_cis.pdbx_PDB_model_num 
_struct_mon_prot_cis.pdbx_omega_angle 
1 PHE 2   A . ? PHE 2   B PRO 3   A ? PRO 3   B 1 14.97 
2 LEU 107 B . ? LEU 119 A PRO 108 B ? PRO 120 A 1 2.23  
# 
loop_
_struct_sheet.id 
_struct_sheet.type 
_struct_sheet.number_strands 
_struct_sheet.details 
AA1 ? 6 ? 
AA2 ? 6 ? 
# 
loop_
_struct_sheet_order.sheet_id 
_struct_sheet_order.range_id_1 
_struct_sheet_order.range_id_2 
_struct_sheet_order.offset 
_struct_sheet_order.sense 
AA1 1 2 ? anti-parallel 
AA1 2 3 ? anti-parallel 
AA1 3 4 ? anti-parallel 
AA1 4 5 ? anti-parallel 
AA1 5 6 ? anti-parallel 
AA2 1 2 ? anti-parallel 
AA2 2 3 ? anti-parallel 
AA2 3 4 ? anti-parallel 
AA2 4 5 ? anti-parallel 
AA2 5 6 ? anti-parallel 
# 
loop_
_struct_sheet_range.sheet_id 
_struct_sheet_range.id 
_struct_sheet_range.beg_label_comp_id 
_struct_sheet_range.beg_label_asym_id 
_struct_sheet_range.beg_label_seq_id 
_struct_sheet_range.pdbx_beg_PDB_ins_code 
_struct_sheet_range.end_label_comp_id 
_struct_sheet_range.end_label_asym_id 
_struct_sheet_range.end_label_seq_id 
_struct_sheet_range.pdbx_end_PDB_ins_code 
_struct_sheet_range.beg_auth_comp_id 
_struct_sheet_range.beg_auth_asym_id 
_struct_sheet_range.beg_auth_seq_id 
_struct_sheet_range.end_auth_comp_id 
_struct_sheet_range.end_auth_asym_id 
_struct_sheet_range.end_auth_seq_id 
AA1 1 GLU B 11  ? ASP B 12  ? GLU A 23  ASP A 24  
AA1 2 VAL B 21  ? ARG B 27  ? VAL A 33  ARG A 39  
AA1 3 ILE B 90  ? CYS B 95  ? ILE A 102 CYS A 107 
AA1 4 LEU B 116 ? LYS B 126 ? LEU A 128 LYS A 138 
AA1 5 LYS B 40  ? LEU B 49  ? LYS A 52  LEU A 61  
AA1 6 LYS B 54  ? SER B 57  ? LYS A 66  SER A 69  
AA2 1 GLU B 11  ? ASP B 12  ? GLU A 23  ASP A 24  
AA2 2 VAL B 21  ? ARG B 27  ? VAL A 33  ARG A 39  
AA2 3 ILE B 90  ? CYS B 95  ? ILE A 102 CYS A 107 
AA2 4 LEU B 116 ? LYS B 126 ? LEU A 128 LYS A 138 
AA2 5 LYS B 40  ? LEU B 49  ? LYS A 52  LEU A 61  
AA2 6 PHE B 65  ? SER B 68  ? PHE A 77  SER A 80  
# 
loop_
_pdbx_struct_sheet_hbond.sheet_id 
_pdbx_struct_sheet_hbond.range_id_1 
_pdbx_struct_sheet_hbond.range_id_2 
_pdbx_struct_sheet_hbond.range_1_label_atom_id 
_pdbx_struct_sheet_hbond.range_1_label_comp_id 
_pdbx_struct_sheet_hbond.range_1_label_asym_id 
_pdbx_struct_sheet_hbond.range_1_label_seq_id 
_pdbx_struct_sheet_hbond.range_1_PDB_ins_code 
_pdbx_struct_sheet_hbond.range_1_auth_atom_id 
_pdbx_struct_sheet_hbond.range_1_auth_comp_id 
_pdbx_struct_sheet_hbond.range_1_auth_asym_id 
_pdbx_struct_sheet_hbond.range_1_auth_seq_id 
_pdbx_struct_sheet_hbond.range_2_label_atom_id 
_pdbx_struct_sheet_hbond.range_2_label_comp_id 
_pdbx_struct_sheet_hbond.range_2_label_asym_id 
_pdbx_struct_sheet_hbond.range_2_label_seq_id 
_pdbx_struct_sheet_hbond.range_2_PDB_ins_code 
_pdbx_struct_sheet_hbond.range_2_auth_atom_id 
_pdbx_struct_sheet_hbond.range_2_auth_comp_id 
_pdbx_struct_sheet_hbond.range_2_auth_asym_id 
_pdbx_struct_sheet_hbond.range_2_auth_seq_id 
AA1 1 2 N GLU B 11  ? N GLU A 23  O LYS B 23  ? O LYS A 35  
AA1 2 3 N ILE B 24  ? N ILE A 36  O HIS B 92  ? O HIS A 104 
AA1 3 4 N CYS B 95  ? N CYS A 107 O LEU B 116 ? O LEU A 128 
AA1 4 5 O GLU B 121 ? O GLU A 133 N HIS B 44  ? N HIS A 56  
AA1 5 6 N GLY B 47  ? N GLY A 59  O PHE B 55  ? O PHE A 67  
AA2 1 2 N GLU B 11  ? N GLU A 23  O LYS B 23  ? O LYS A 35  
AA2 2 3 N ILE B 24  ? N ILE A 36  O HIS B 92  ? O HIS A 104 
AA2 3 4 N CYS B 95  ? N CYS A 107 O LEU B 116 ? O LEU A 128 
AA2 4 5 O GLU B 121 ? O GLU A 133 N HIS B 44  ? N HIS A 56  
AA2 5 6 N VAL B 43  ? N VAL A 55  O PHE B 65  ? O PHE A 77  
# 
_atom_sites.entry_id                    7ETU 
_atom_sites.Cartn_transf_matrix[1][1]   ? 
_atom_sites.Cartn_transf_matrix[1][2]   ? 
_atom_sites.Cartn_transf_matrix[1][3]   ? 
_atom_sites.Cartn_transf_matrix[2][1]   ? 
_atom_sites.Cartn_transf_matrix[2][2]   ? 
_atom_sites.Cartn_transf_matrix[2][3]   ? 
_atom_sites.Cartn_transf_matrix[3][1]   ? 
_atom_sites.Cartn_transf_matrix[3][2]   ? 
_atom_sites.Cartn_transf_matrix[3][3]   ? 
_atom_sites.Cartn_transf_vector[1]      ? 
_atom_sites.Cartn_transf_vector[2]      ? 
_atom_sites.Cartn_transf_vector[3]      ? 
_atom_sites.fract_transf_matrix[1][1]   -0.02237333 
_atom_sites.fract_transf_matrix[1][2]   0.00339921 
_atom_sites.fract_transf_matrix[1][3]   0.00678728 
_atom_sites.fract_transf_matrix[2][1]   0.00587678 
_atom_sites.fract_transf_matrix[2][2]   0.00931676 
_atom_sites.fract_transf_matrix[2][3]   0.01470596 
_atom_sites.fract_transf_matrix[3][1]   -0.00054183 
_atom_sites.fract_transf_matrix[3][2]   0.01508934 
_atom_sites.fract_transf_matrix[3][3]   -0.00934312 
_atom_sites.fract_transf_vector[1]      0.213007 
_atom_sites.fract_transf_vector[2]      -0.216861 
_atom_sites.fract_transf_vector[3]      -0.178741 
_atom_sites.solution_primary            ? 
_atom_sites.solution_secondary          ? 
_atom_sites.solution_hydrogens          ? 
_atom_sites.special_details             ? 
# 
loop_
_atom_type.symbol 
C 
N 
O 
S 
# 
loop_
_atom_site.group_PDB 
_atom_site.id 
_atom_site.type_symbol 
_atom_site.label_atom_id 
_atom_site.label_alt_id 
_atom_site.label_comp_id 
_atom_site.label_asym_id 
_atom_site.label_entity_id 
_atom_site.label_seq_id 
_atom_site.pdbx_PDB_ins_code 
_atom_site.Cartn_x 
_atom_site.Cartn_y 
_atom_site.Cartn_z 
_atom_site.occupancy 
_atom_site.B_iso_or_equiv 
_atom_site.pdbx_formal_charge 
_atom_site.auth_seq_id 
_atom_site.auth_comp_id 
_atom_site.auth_asym_id 
_atom_site.auth_atom_id 
_atom_site.pdbx_PDB_model_num 
ATOM   1    N N   . SER A 1 1   ? -2.906  -14.371 5.993   1.00 37.45 ?  1   SER B N   1 
ATOM   2    C CA  . SER A 1 1   ? -1.513  -13.868 5.953   1.00 34.20 ?  1   SER B CA  1 
ATOM   3    C C   . SER A 1 1   ? -1.442  -12.625 5.063   1.00 31.72 ?  1   SER B C   1 
ATOM   4    O O   . SER A 1 1   ? -2.322  -12.406 4.280   1.00 25.82 ?  1   SER B O   1 
ATOM   5    C CB  . SER A 1 1   ? -0.548  -14.932 5.483   1.00 30.00 ?  1   SER B CB  1 
ATOM   6    N N   . PHE A 1 2   ? -0.351  -11.875 5.204   1.00 31.36 ?  2   PHE B N   1 
ATOM   7    C CA  . PHE A 1 2   ? -0.048  -10.719 4.340   1.00 28.67 ?  2   PHE B CA  1 
ATOM   8    C C   . PHE A 1 2   ? -0.011  -11.266 2.893   1.00 30.75 ?  2   PHE B C   1 
ATOM   9    O O   . PHE A 1 2   ? 0.560   -12.299 2.639   1.00 33.60 ?  2   PHE B O   1 
ATOM   10   C CB  . PHE A 1 2   ? 1.264   -10.099 4.824   1.00 30.33 ?  2   PHE B CB  1 
ATOM   11   C CG  . PHE A 1 2   ? 1.706   -9.011  3.909   1.00 27.48 ?  2   PHE B CG  1 
ATOM   12   C CD1 . PHE A 1 2   ? 1.206   -7.731  4.081   1.00 28.20 ?  2   PHE B CD1 1 
ATOM   13   C CD2 . PHE A 1 2   ? 2.552   -9.292  2.863   1.00 30.27 ?  2   PHE B CD2 1 
ATOM   14   C CE1 . PHE A 1 2   ? 1.521   -6.743  3.177   1.00 26.22 ?  2   PHE B CE1 1 
ATOM   15   C CE2 . PHE A 1 2   ? 2.869   -8.305  1.956   1.00 31.83 ?  2   PHE B CE2 1 
ATOM   16   C CZ  . PHE A 1 2   ? 2.355   -7.046  2.130   1.00 28.51 ?  2   PHE B CZ  1 
ATOM   17   N N   . PRO A 1 3   ? -0.607  -10.628 1.885   1.00 35.70 ?  3   PRO B N   1 
ATOM   18   C CA  . PRO A 1 3   ? -1.062  -9.258  1.956   1.00 37.46 ?  3   PRO B CA  1 
ATOM   19   C C   . PRO A 1 3   ? -2.570  -9.107  2.203   1.00 38.98 ?  3   PRO B C   1 
ATOM   20   O O   . PRO A 1 3   ? -3.084  -8.116  1.835   1.00 42.74 ?  3   PRO B O   1 
ATOM   21   C CB  . PRO A 1 3   ? -0.914  -8.805  0.494   1.00 36.84 ?  3   PRO B CB  1 
ATOM   22   C CG  . PRO A 1 3   ? -0.379  -10.002 -0.218  1.00 36.48 ?  3   PRO B CG  1 
ATOM   23   C CD  . PRO A 1 3   ? -0.818  -11.206 0.569   1.00 36.27 ?  3   PRO B CD  1 
ATOM   24   N N   . PHE A 1 4   ? -3.197  -10.143 2.756   1.00 36.74 ?  4   PHE B N   1 
ATOM   25   C CA  . PHE A 1 4   ? -4.643  -10.151 3.093   1.00 36.39 ?  4   PHE B CA  1 
ATOM   26   C C   . PHE A 1 4   ? -4.875  -9.715  4.542   1.00 37.88 ?  4   PHE B C   1 
ATOM   27   O O   . PHE A 1 4   ? -3.925  -9.745  5.279   1.00 32.62 ?  4   PHE B O   1 
ATOM   28   C CB  . PHE A 1 4   ? -5.205  -11.549 2.896   1.00 33.65 ?  4   PHE B CB  1 
ATOM   29   C CG  . PHE A 1 4   ? -5.143  -12.001 1.471   1.00 34.49 ?  4   PHE B CG  1 
ATOM   30   C CD1 . PHE A 1 4   ? -6.090  -11.572 0.572   1.00 34.96 ?  4   PHE B CD1 1 
ATOM   31   C CD2 . PHE A 1 4   ? -4.178  -12.868 1.043   1.00 35.87 ?  4   PHE B CD2 1 
ATOM   32   C CE1 . PHE A 1 4   ? -6.050  -11.976 -0.740  1.00 35.45 ?  4   PHE B CE1 1 
ATOM   33   C CE2 . PHE A 1 4   ? -4.135  -13.262 -0.277  1.00 35.03 ?  4   PHE B CE2 1 
ATOM   34   C CZ  . PHE A 1 4   ? -5.067  -12.821 -1.162  1.00 34.45 ?  4   PHE B CZ  1 
ATOM   35   N N   . THR A 1 5   ? -6.137  -9.405  4.853   1.00 41.42 ?  5   THR B N   1 
ATOM   36   C CA  . THR A 1 5   ? -6.773  -8.838  6.076   1.00 44.54 ?  5   THR B CA  1 
ATOM   37   C C   . THR A 1 5   ? -7.061  -7.368  5.740   1.00 49.33 ?  5   THR B C   1 
ATOM   38   O O   . THR A 1 5   ? -8.116  -6.877  6.146   1.00 45.71 ?  5   THR B O   1 
ATOM   39   C CB  . THR A 1 5   ? -6.142  -9.165  7.447   1.00 30.00 ?  5   THR B CB  1 
ATOM   40   N N   . GLY B 2 1   ? 16.730  6.982   4.064   1.00 9.07  ?  13  GLY A N   1 
ATOM   41   C CA  . GLY B 2 1   ? 16.266  6.163   2.924   1.00 8.27  ?  13  GLY A CA  1 
ATOM   42   C C   . GLY B 2 1   ? 14.793  6.430   2.631   1.00 6.73  ?  13  GLY A C   1 
ATOM   43   O O   . GLY B 2 1   ? 14.224  7.389   3.154   1.00 7.88  ?  13  GLY A O   1 
ATOM   44   N N   . ALA B 2 2   ? 14.236  5.626   1.729   1.00 6.04  ?  14  ALA A N   1 
ATOM   45   C CA  . ALA B 2 2   ? 12.869  5.903   1.264   1.00 6.01  ?  14  ALA A CA  1 
ATOM   46   C C   . ALA B 2 2   ? 11.846  5.859   2.409   1.00 5.49  ?  14  ALA A C   1 
ATOM   47   O O   . ALA B 2 2   ? 10.963  6.722   2.439   1.00 5.63  ?  14  ALA A O   1 
ATOM   48   C CB  . ALA B 2 2   ? 12.463  4.986   0.120   1.00 6.47  ?  14  ALA A CB  1 
ATOM   49   N N   . PRO B 2 3   ? 11.908  4.915   3.385   1.00 5.85  ?  15  PRO A N   1 
ATOM   50   C CA  . PRO B 2 3   ? 10.942  4.938   4.481   1.00 5.75  ?  15  PRO A CA  1 
ATOM   51   C C   . PRO B 2 3   ? 11.024  6.256   5.272   1.00 6.27  ?  15  PRO A C   1 
ATOM   52   O O   . PRO B 2 3   ? 9.971   6.833   5.620   1.00 5.50  ?  15  PRO A O   1 
ATOM   53   C CB  . PRO B 2 3   ? 11.314  3.696   5.293   1.00 6.33  ?  15  PRO A CB  1 
ATOM   54   C CG  . PRO B 2 3   ? 11.926  2.773   4.258   1.00 6.53  ?  15  PRO A CG  1 
ATOM   55   C CD  . PRO B 2 3   ? 12.738  3.705   3.413   1.00 6.43  ?  15  PRO A CD  1 
ATOM   56   N N   . ALA B 2 4   ? 12.217  6.726   5.589   1.00 5.78  ?  16  ALA A N   1 
ATOM   57   C CA  . ALA B 2 4   ? 12.372  7.945   6.323   1.00 5.77  ?  16  ALA A CA  1 
ATOM   58   C C   . ALA B 2 4   ? 11.783  9.094   5.525   1.00 5.77  ?  16  ALA A C   1 
ATOM   59   O O   . ALA B 2 4   ? 11.165  10.030  6.040   1.00 6.63  ?  16  ALA A O   1 
ATOM   60   C CB  . ALA B 2 4   ? 13.833  8.212   6.626   1.00 6.12  ?  16  ALA A CB  1 
ATOM   61   N N   . THR B 2 5   ? 12.084  9.119   4.223   1.00 5.33  ?  17  THR A N   1 
ATOM   62   C CA  . THR B 2 5   ? 11.621  10.225  3.378   1.00 6.02  ?  17  THR A CA  1 
ATOM   63   C C   . THR B 2 5   ? 10.093  10.289  3.319   1.00 5.32  ?  17  THR A C   1 
ATOM   64   O O   . THR B 2 5   ? 9.540   11.364  3.393   1.00 5.76  ?  17  THR A O   1 
ATOM   65   C CB  . THR B 2 5   ? 12.249  10.160  1.994   1.00 5.74  ?  17  THR A CB  1 
ATOM   66   O OG1 . THR B 2 5   ? 13.655  10.309  2.178   1.00 7.05  ?  17  THR A OG1 1 
ATOM   67   C CG2 . THR B 2 5   ? 11.648  11.179  1.039   1.00 5.93  ?  17  THR A CG2 1 
ATOM   68   N N   . VAL B 2 6   ? 9.419   9.174   3.145   1.00 5.01  ?  18  VAL A N   1 
ATOM   69   C CA  . VAL B 2 6   ? 7.931   9.255   3.106   1.00 5.08  ?  18  VAL A CA  1 
ATOM   70   C C   . VAL B 2 6   ? 7.380   9.541   4.509   1.00 5.38  ?  18  VAL A C   1 
ATOM   71   O O   . VAL B 2 6   ? 6.382   10.237  4.632   1.00 5.93  ?  18  VAL A O   1 
ATOM   72   C CB  . VAL B 2 6   ? 7.294   8.026   2.459   1.00 5.51  ?  18  VAL A CB  1 
ATOM   73   C CG1 . VAL B 2 6   ? 7.653   6.720   3.187   1.00 5.65  ?  18  VAL A CG1 1 
ATOM   74   C CG2 . VAL B 2 6   ? 5.808   8.193   2.274   1.00 5.73  ?  18  VAL A CG2 1 
ATOM   75   N N   . THR B 2 7   ? 8.038   9.108   5.573   1.00 5.55  ?  19  THR A N   1 
ATOM   76   C CA  . THR B 2 7   ? 7.649   9.495   6.916   1.00 5.80  ?  19  THR A CA  1 
ATOM   77   C C   . THR B 2 7   ? 7.654   11.019  7.104   1.00 6.35  ?  19  THR A C   1 
ATOM   78   O O   . THR B 2 7   ? 6.723   11.595  7.659   1.00 6.88  ?  19  THR A O   1 
ATOM   79   C CB  . THR B 2 7   ? 8.553   8.851   7.973   1.00 5.79  ?  19  THR A CB  1 
ATOM   80   O OG1 . THR B 2 7   ? 8.479   7.424   7.847   1.00 5.68  ?  19  THR A OG1 1 
ATOM   81   C CG2 . THR B 2 7   ? 8.161   9.217   9.385   1.00 6.40  ?  19  THR A CG2 1 
ATOM   82   N N   . GLU B 2 8   ? 8.688   11.664  6.576   1.00 6.37  ?  20  GLU A N   1 
ATOM   83   C CA  . GLU B 2 8   ? 8.893   13.077  6.875   1.00 7.84  ?  20  GLU A CA  1 
ATOM   84   C C   . GLU B 2 8   ? 8.326   13.981  5.793   1.00 7.96  ?  20  GLU A C   1 
ATOM   85   O O   . GLU B 2 8   ? 8.114   15.156  6.051   1.00 9.66  ?  20  GLU A O   1 
ATOM   86   C CB  . GLU B 2 8   ? 10.393  13.326  7.039   1.00 9.48  ?  20  GLU A CB  1 
ATOM   87   C CG  . GLU B 2 8   ? 10.980  12.593  8.249   1.00 13.33 ?  20  GLU A CG  1 
ATOM   88   C CD  . GLU B 2 8   ? 12.491  12.469  8.397   1.00 17.55 ?  20  GLU A CD  1 
ATOM   89   O OE1 . GLU B 2 8   ? 13.255  12.818  7.497   1.00 19.14 ?  20  GLU A OE1 1 
ATOM   90   O OE2 . GLU B 2 8   ? 12.919  12.007  9.482   1.00 21.80 -1 20  GLU A OE2 1 
ATOM   91   N N   . GLN B 2 9   ? 8.100   13.455  4.601   1.00 6.01  ?  21  GLN A N   1 
ATOM   92   C CA  . GLN B 2 9   ? 7.791   14.264  3.417   1.00 6.27  ?  21  GLN A CA  1 
ATOM   93   C C   . GLN B 2 9   ? 6.560   13.767  2.704   1.00 6.65  ?  21  GLN A C   1 
ATOM   94   O O   . GLN B 2 9   ? 6.220   14.292  1.644   1.00 7.10  ?  21  GLN A O   1 
ATOM   95   C CB  . GLN B 2 9   ? 8.949   14.299  2.409   1.00 6.65  ?  21  GLN A CB  1 
ATOM   96   C CG  . GLN B 2 9   ? 10.305  14.694  2.971   1.00 8.00  ?  21  GLN A CG  1 
ATOM   97   C CD  . GLN B 2 9   ? 10.380  16.069  3.538   1.00 8.76  ?  21  GLN A CD  1 
ATOM   98   O OE1 . GLN B 2 9   ? 9.637   16.970  3.145   1.00 9.58  ?  21  GLN A OE1 1 
ATOM   99   N NE2 . GLN B 2 9   ? 11.265  16.284  4.500   1.00 9.48  ?  21  GLN A NE2 1 
ATOM   100  N N   . GLY B 2 10  ? 5.834   12.818  3.268   1.00 5.65  ?  22  GLY A N   1 
ATOM   101  C CA  . GLY B 2 10  ? 4.646   12.280  2.608   1.00 5.98  ?  22  GLY A CA  1 
ATOM   102  C C   . GLY B 2 10  ? 3.403   13.097  2.869   1.00 6.35  ?  22  GLY A C   1 
ATOM   103  O O   . GLY B 2 10  ? 3.331   13.850  3.848   1.00 7.54  ?  22  GLY A O   1 
ATOM   104  N N   . GLU B 2 11  ? 2.393   12.883  2.036   1.00 6.61  ?  23  GLU A N   1 
ATOM   105  C CA  . GLU B 2 11  ? 1.144   13.555  2.192   1.00 7.00  ?  23  GLU A CA  1 
ATOM   106  C C   . GLU B 2 11  ? 0.130   12.638  2.858   1.00 6.38  ?  23  GLU A C   1 
ATOM   107  O O   . GLU B 2 11  ? -0.059  11.493  2.422   1.00 5.27  ?  23  GLU A O   1 
ATOM   108  C CB  . GLU B 2 11  ? 0.658   13.988  0.832   1.00 8.70  ?  23  GLU A CB  1 
ATOM   109  C CG  . GLU B 2 11  ? -0.652  14.782  0.832   1.00 10.27 ?  23  GLU A CG  1 
ATOM   110  C CD  . GLU B 2 11  ? -1.006  15.338  -0.529  1.00 15.36 ?  23  GLU A CD  1 
ATOM   111  O OE1 . GLU B 2 11  ? -0.259  16.188  -1.059  1.00 16.23 ?  23  GLU A OE1 1 
ATOM   112  O OE2 . GLU B 2 11  ? -2.005  14.870  -1.073  1.00 21.05 -1 23  GLU A OE2 1 
ATOM   113  N N   . ASP B 2 12  ? -0.602  13.215  3.799   1.00 6.45  ?  24  ASP A N   1 
ATOM   114  C CA  . ASP B 2 12  ? -1.652  12.474  4.485   1.00 6.23  ?  24  ASP A CA  1 
ATOM   115  C C   . ASP B 2 12  ? -2.840  12.296  3.520   1.00 6.65  ?  24  ASP A C   1 
ATOM   116  O O   . ASP B 2 12  ? -3.446  13.286  3.114   1.00 7.39  ?  24  ASP A O   1 
ATOM   117  C CB  . ASP B 2 12  ? -2.110  13.195  5.737   1.00 6.72  ?  24  ASP A CB  1 
ATOM   118  C CG  . ASP B 2 12  ? -3.077  12.437  6.603   1.00 7.42  ?  24  ASP A CG  1 
ATOM   119  O OD1 . ASP B 2 12  ? -3.515  11.329  6.220   1.00 7.54  ?  24  ASP A OD1 1 
ATOM   120  O OD2 . ASP B 2 12  ? -3.421  12.975  7.692   1.00 8.22  -1 24  ASP A OD2 1 
ATOM   121  N N   . ILE B 2 13  ? -3.214  11.050  3.195   1.00 6.05  ?  25  ILE A N   1 
ATOM   122  C CA  . ILE B 2 13  ? -4.311  10.771  2.256   1.00 6.31  ?  25  ILE A CA  1 
ATOM   123  C C   . ILE B 2 13  ? -5.495  10.191  3.022   1.00 6.82  ?  25  ILE A C   1 
ATOM   124  O O   . ILE B 2 13  ? -6.442  9.680   2.388   1.00 8.29  ?  25  ILE A O   1 
ATOM   125  C CB  . ILE B 2 13  ? -3.837  9.831   1.139   1.00 5.82  ?  25  ILE A CB  1 
ATOM   126  C CG1 . ILE B 2 13  ? -3.293  8.484   1.604   1.00 5.56  ?  25  ILE A CG1 1 
ATOM   127  C CG2 . ILE B 2 13  ? -2.853  10.558  0.235   1.00 6.24  ?  25  ILE A CG2 1 
ATOM   128  C CD1 . ILE B 2 13  ? -3.231  7.470   0.495   1.00 6.31  ?  25  ILE A CD1 1 
ATOM   129  N N   . THR B 2 14  ? -5.471  10.153  4.357   1.00 6.56  ?  26  THR A N   1 
ATOM   130  C CA  . THR B 2 14  ? -6.615  9.651   5.096   1.00 7.31  ?  26  THR A CA  1 
ATOM   131  C C   . THR B 2 14  ? -7.765  10.663  5.078   1.00 8.79  ?  26  THR A C   1 
ATOM   132  O O   . THR B 2 14  ? -7.578  11.898  5.100   1.00 9.81  ?  26  THR A O   1 
ATOM   133  C CB  . THR B 2 14  ? -6.236  9.320   6.534   1.00 6.66  ?  26  THR A CB  1 
ATOM   134  O OG1 . THR B 2 14  ? -5.863  10.510  7.248   1.00 7.82  ?  26  THR A OG1 1 
ATOM   135  C CG2 . THR B 2 14  ? -5.146  8.282   6.643   1.00 7.17  ?  26  THR A CG2 1 
ATOM   136  N N   . SER B 2 15  ? -8.996  10.121  5.152   1.00 8.26  ?  27  SER A N   1 
ATOM   137  C CA  . SER B 2 15  ? -10.187 10.994  5.319   1.00 9.08  ?  27  SER A CA  1 
ATOM   138  C C   . SER B 2 15  ? -10.222 11.619  6.715   1.00 9.15  ?  27  SER A C   1 
ATOM   139  O O   . SER B 2 15  ? -10.680 12.735  6.861   1.00 9.16  ?  27  SER A O   1 
ATOM   140  C CB  . SER B 2 15  ? -11.434 10.216  5.084   1.00 10.68 ?  27  SER A CB  1 
ATOM   141  O OG  . SER B 2 15  ? -11.669 9.204   5.996   1.00 12.27 ?  27  SER A OG  1 
ATOM   142  N N   . LYS B 2 16  ? -9.696  10.922  7.712   1.00 8.24  ?  28  LYS A N   1 
ATOM   143  C CA  . LYS B 2 16  ? -9.641  11.462  9.079   1.00 10.01 ?  28  LYS A CA  1 
ATOM   144  C C   . LYS B 2 16  ? -8.569  12.507  9.288   1.00 9.83  ?  28  LYS A C   1 
ATOM   145  O O   . LYS B 2 16  ? -8.573  13.223  10.292  1.00 11.07 ?  28  LYS A O   1 
ATOM   146  C CB  . LYS B 2 16  ? -9.448  10.355  10.108  1.00 12.98 ?  28  LYS A CB  1 
ATOM   147  C CG  . LYS B 2 16  ? -10.713 9.565   10.434  1.00 18.35 ?  28  LYS A CG  1 
ATOM   148  C CD  . LYS B 2 16  ? -10.477 8.766   11.687  1.00 24.52 ?  28  LYS A CD  1 
ATOM   149  C CE  . LYS B 2 16  ? -11.502 7.683   11.930  1.00 30.38 ?  28  LYS A CE  1 
ATOM   150  N NZ  . LYS B 2 16  ? -10.838 6.427   12.352  1.00 34.52 ?  28  LYS A NZ  1 
ATOM   151  N N   . LYS B 2 17  ? -7.596  12.601  8.400   1.00 8.90  ?  29  LYS A N   1 
ATOM   152  C CA  . LYS B 2 17  ? -6.440  13.485  8.546   1.00 9.05  ?  29  LYS A CA  1 
ATOM   153  C C   . LYS B 2 17  ? -5.739  13.177  9.865   1.00 9.27  ?  29  LYS A C   1 
ATOM   154  O O   . LYS B 2 17  ? -5.330  14.076  10.609  1.00 9.81  ?  29  LYS A O   1 
ATOM   155  C CB  . LYS B 2 17  ? -6.848  14.948  8.335   1.00 12.22 ?  29  LYS A CB  1 
ATOM   156  C CG  . LYS B 2 17  ? -7.356  15.248  6.912   1.00 14.40 ?  29  LYS A CG  1 
ATOM   157  C CD  . LYS B 2 17  ? -6.327  15.008  5.832   1.00 18.54 ?  29  LYS A CD  1 
ATOM   158  C CE  . LYS B 2 17  ? -6.783  15.326  4.407   1.00 21.46 ?  29  LYS A CE  1 
ATOM   159  N NZ  . LYS B 2 17  ? -7.873  14.402  4.002   1.00 23.19 ?  29  LYS A NZ  1 
ATOM   160  N N   . ASP B 2 18  ? -5.445  11.911  10.080  1.00 7.40  ?  30  ASP A N   1 
ATOM   161  C CA  . ASP B 2 18  ? -4.772  11.428  11.262  1.00 7.96  ?  30  ASP A CA  1 
ATOM   162  C C   . ASP B 2 18  ? -3.350  10.972  11.000  1.00 8.74  ?  30  ASP A C   1 
ATOM   163  O O   . ASP B 2 18  ? -2.745  10.401  11.910  1.00 9.91  ?  30  ASP A O   1 
ATOM   164  C CB  . ASP B 2 18  ? -5.599  10.349  11.943  1.00 8.05  ?  30  ASP A CB  1 
ATOM   165  C CG  . ASP B 2 18  ? -5.756  9.057   11.157  1.00 8.59  ?  30  ASP A CG  1 
ATOM   166  O OD1 . ASP B 2 18  ? -5.056  8.931   10.103  1.00 8.93  ?  30  ASP A OD1 1 
ATOM   167  O OD2 . ASP B 2 18  ? -6.581  8.201   11.565  1.00 10.35 -1 30  ASP A OD2 1 
ATOM   168  N N   . ARG B 2 19  ? -2.801  11.285  9.830   1.00 7.43  ?  31  ARG A N   1 
ATOM   169  C CA  . ARG B 2 19  ? -1.470  10.905  9.380   1.00 8.61  ?  31  ARG A CA  1 
ATOM   170  C C   . ARG B 2 19  ? -1.237  9.397   9.379   1.00 8.18  ?  31  ARG A C   1 
ATOM   171  O O   . ARG B 2 19  ? -0.103  8.956   9.370   1.00 8.30  ?  31  ARG A O   1 
ATOM   172  C CB  . ARG B 2 19  ? -0.422  11.753  10.108  1.00 11.42 ?  31  ARG A CB  1 
ATOM   173  C CG  . ARG B 2 19  ? -0.403  13.174  9.520   1.00 12.62 ?  31  ARG A CG  1 
ATOM   174  C CD  . ARG B 2 19  ? 0.625   14.103  10.024  1.00 13.13 ?  31  ARG A CD  1 
ATOM   175  N NE  . ARG B 2 19  ? 1.923   13.559  9.724   1.00 12.18 ?  31  ARG A NE  1 
ATOM   176  C CZ  . ARG B 2 19  ? 2.672   13.940  8.693   1.00 10.97 ?  31  ARG A CZ  1 
ATOM   177  N NH1 . ARG B 2 19  ? 2.168   14.681  7.714   1.00 11.13 ?  31  ARG A NH1 1 
ATOM   178  N NH2 . ARG B 2 19  ? 3.936   13.557  8.638   1.00 11.27 ?  31  ARG A NH2 1 
ATOM   179  N N   . GLY B 2 20  ? -2.310  8.587   9.307   1.00 6.40  ?  32  GLY A N   1 
ATOM   180  C CA  . GLY B 2 20  ? -2.136  7.167   9.380   1.00 6.60  ?  32  GLY A CA  1 
ATOM   181  C C   . GLY B 2 20  ? -1.623  6.514   8.098   1.00 5.92  ?  32  GLY A C   1 
ATOM   182  O O   . GLY B 2 20  ? -1.090  5.401   8.139   1.00 6.31  ?  32  GLY A O   1 
ATOM   183  N N   . VAL B 2 21  ? -1.788  7.188   6.939   1.00 5.76  ?  33  VAL A N   1 
ATOM   184  C CA  . VAL B 2 21  ? -1.316  6.738   5.671   1.00 5.99  ?  33  VAL A CA  1 
ATOM   185  C C   . VAL B 2 21  ? -0.719  7.952   4.973   1.00 5.23  ?  33  VAL A C   1 
ATOM   186  O O   . VAL B 2 21  ? -1.470  8.898   4.655   1.00 5.47  ?  33  VAL A O   1 
ATOM   187  C CB  . VAL B 2 21  ? -2.399  6.093   4.817   1.00 6.47  ?  33  VAL A CB  1 
ATOM   188  C CG1 . VAL B 2 21  ? -1.782  5.538   3.539   1.00 7.19  ?  33  VAL A CG1 1 
ATOM   189  C CG2 . VAL B 2 21  ? -3.127  5.006   5.579   1.00 6.54  ?  33  VAL A CG2 1 
ATOM   190  N N   . LEU B 2 22  ? 0.601   7.968   4.745   1.00 4.96  ?  34  LEU A N   1 
ATOM   191  C CA  . LEU B 2 22  ? 1.285   9.010   4.012   1.00 5.44  ?  34  LEU A CA  1 
ATOM   192  C C   . LEU B 2 22  ? 1.703   8.478   2.682   1.00 5.30  ?  34  LEU A C   1 
ATOM   193  O O   . LEU B 2 22  ? 2.158   7.315   2.595   1.00 5.36  ?  34  LEU A O   1 
ATOM   194  C CB  . LEU B 2 22  ? 2.491   9.556   4.780   1.00 5.91  ?  34  LEU A CB  1 
ATOM   195  C CG  . LEU B 2 22  ? 2.221   9.997   6.195   1.00 6.44  ?  34  LEU A CG  1 
ATOM   196  C CD1 . LEU B 2 22  ? 3.498   10.367  6.874   1.00 7.95  ?  34  LEU A CD1 1 
ATOM   197  C CD2 . LEU B 2 22  ? 1.240   11.136  6.232   1.00 7.16  ?  34  LEU A CD2 1 
ATOM   198  N N   . LYS B 2 23  ? 1.724   9.342   1.677   1.00 5.28  ?  35  LYS A N   1 
ATOM   199  C CA  . LYS B 2 23  ? 1.980   8.911   0.291   1.00 5.17  ?  35  LYS A CA  1 
ATOM   200  C C   . LYS B 2 23  ? 2.931   9.868   -0.404  1.00 5.09  ?  35  LYS A C   1 
ATOM   201  O O   . LYS B 2 23  ? 2.818   11.110  -0.247  1.00 5.69  ?  35  LYS A O   1 
ATOM   202  C CB  . LYS B 2 23  ? 0.686   8.923   -0.512  1.00 5.35  ?  35  LYS A CB  1 
ATOM   203  C CG  . LYS B 2 23  ? 0.802   8.433   -1.944  1.00 5.26  ?  35  LYS A CG  1 
ATOM   204  C CD  . LYS B 2 23  ? -0.460  8.553   -2.748  1.00 5.86  ?  35  LYS A CD  1 
ATOM   205  C CE  . LYS B 2 23  ? -0.256  8.081   -4.152  1.00 5.54  ?  35  LYS A CE  1 
ATOM   206  N NZ  . LYS B 2 23  ? -1.339  8.480   -5.061  1.00 6.01  ?  35  LYS A NZ  1 
ATOM   207  N N   . ILE B 2 24  ? 3.845   9.333   -1.196  1.00 5.02  ?  36  ILE A N   1 
ATOM   208  C CA  . ILE B 2 24  ? 4.598   10.114  -2.186  1.00 4.82  ?  36  ILE A CA  1 
ATOM   209  C C   . ILE B 2 24  ? 4.363   9.441   -3.531  1.00 5.35  ?  36  ILE A C   1 
ATOM   210  O O   . ILE B 2 24  ? 4.563   8.206   -3.664  1.00 5.55  ?  36  ILE A O   1 
ATOM   211  C CB  . ILE B 2 24  ? 6.108   10.153  -1.871  1.00 5.18  ?  36  ILE A CB  1 
ATOM   212  C CG1 . ILE B 2 24  ? 6.359   10.994  -0.613  1.00 5.20  ?  36  ILE A CG1 1 
ATOM   213  C CG2 . ILE B 2 24  ? 6.893   10.729  -3.034  1.00 5.61  ?  36  ILE A CG2 1 
ATOM   214  C CD1 . ILE B 2 24  ? 7.797   10.935  -0.094  1.00 5.68  ?  36  ILE A CD1 1 
ATOM   215  N N   . VAL B 2 25  ? 4.042   10.227  -4.558  1.00 5.24  ?  37  VAL A N   1 
ATOM   216  C CA  . VAL B 2 25  ? 3.994   9.718   -5.943  1.00 5.70  ?  37  VAL A CA  1 
ATOM   217  C C   . VAL B 2 25  ? 5.419   9.697   -6.485  1.00 5.27  ?  37  VAL A C   1 
ATOM   218  O O   . VAL B 2 25  ? 6.047   10.762  -6.563  1.00 6.24  ?  37  VAL A O   1 
ATOM   219  C CB  . VAL B 2 25  ? 3.086   10.591  -6.828  1.00 5.98  ?  37  VAL A CB  1 
ATOM   220  C CG1 . VAL B 2 25  ? 3.051   10.069  -8.251  1.00 6.79  ?  37  VAL A CG1 1 
ATOM   221  C CG2 . VAL B 2 25  ? 1.655   10.612  -6.295  1.00 6.90  ?  37  VAL A CG2 1 
ATOM   222  N N   . LYS B 2 26  ? 5.932   8.510   -6.825  1.00 5.34  ?  38  LYS A N   1 
ATOM   223  C CA  . LYS B 2 26  ? 7.277   8.333   -7.359  1.00 6.41  ?  38  LYS A CA  1 
ATOM   224  C C   . LYS B 2 26  ? 7.252   8.360   -8.868  1.00 7.28  ?  38  LYS A C   1 
ATOM   225  O O   . LYS B 2 26  ? 8.202   8.881   -9.468  1.00 7.82  ?  38  LYS A O   1 
ATOM   226  C CB  . LYS B 2 26  ? 7.880   7.038   -6.840  1.00 6.57  ?  38  LYS A CB  1 
ATOM   227  C CG  . LYS B 2 26  ? 8.048   7.065   -5.321  1.00 6.59  ?  38  LYS A CG  1 
ATOM   228  C CD  . LYS B 2 26  ? 9.134   8.010   -4.791  1.00 6.45  ?  38  LYS A CD  1 
ATOM   229  C CE  . LYS B 2 26  ? 10.498  7.475   -5.194  1.00 6.92  ?  38  LYS A CE  1 
ATOM   230  N NZ  . LYS B 2 26  ? 11.601  8.308   -4.664  1.00 8.99  ?  38  LYS A NZ  1 
ATOM   231  N N   . ARG B 2 27  ? 6.296   7.724   -9.529  1.00 7.99  ?  39  ARG A N   1 
ATOM   232  C CA  . ARG B 2 27  ? 6.188   7.782   -10.999 1.00 8.89  ?  39  ARG A CA  1 
ATOM   233  C C   . ARG B 2 27  ? 4.765   8.145   -11.309 1.00 8.15  ?  39  ARG A C   1 
ATOM   234  O O   . ARG B 2 27  ? 3.848   7.415   -10.891 1.00 7.88  ?  39  ARG A O   1 
ATOM   235  C CB  . ARG B 2 27  ? 6.510   6.471   -11.682 1.00 10.10 ?  39  ARG A CB  1 
ATOM   236  C CG  . ARG B 2 27  ? 6.392   6.608   -13.202 1.00 11.37 ?  39  ARG A CG  1 
ATOM   237  C CD  . ARG B 2 27  ? 6.757   5.410   -13.974 1.00 11.58 ?  39  ARG A CD  1 
ATOM   238  N NE  . ARG B 2 27  ? 5.757   4.375   -13.865 1.00 10.19 ?  39  ARG A NE  1 
ATOM   239  C CZ  . ARG B 2 27  ? 5.979   3.100   -14.106 1.00 11.59 ?  39  ARG A CZ  1 
ATOM   240  N NH1 . ARG B 2 27  ? 7.199   2.621   -14.363 1.00 15.86 ?  39  ARG A NH1 1 
ATOM   241  N NH2 . ARG B 2 27  ? 4.985   2.249   -14.047 1.00 11.59 ?  39  ARG A NH2 1 
ATOM   242  N N   . VAL B 2 28  ? 4.522   9.258   -11.986 1.00 8.79  ?  40  VAL A N   1 
ATOM   243  C CA  . VAL B 2 28  ? 3.254   9.682   -12.408 1.00 8.86  ?  40  VAL A CA  1 
ATOM   244  C C   . VAL B 2 28  ? 2.652   8.711   -13.438 1.00 8.21  ?  40  VAL A C   1 
ATOM   245  O O   . VAL B 2 28  ? 3.381   8.238   -14.346 1.00 9.55  ?  40  VAL A O   1 
ATOM   246  C CB  . VAL B 2 28  ? 3.329   11.114  -12.976 1.00 11.30 ?  40  VAL A CB  1 
ATOM   247  C CG1 . VAL B 2 28  ? 2.005   11.614  -13.470 1.00 12.07 ?  40  VAL A CG1 1 
ATOM   248  C CG2 . VAL B 2 28  ? 3.889   12.117  -11.961 1.00 12.85 ?  40  VAL A CG2 1 
ATOM   249  N N   . GLY B 2 29  ? 1.389   8.395   -13.204 1.00 7.67  ?  41  GLY A N   1 
ATOM   250  C CA  . GLY B 2 29  ? 0.721   7.447   -14.124 1.00 8.01  ?  41  GLY A CA  1 
ATOM   251  C C   . GLY B 2 29  ? -0.037  8.157   -15.215 1.00 9.73  ?  41  GLY A C   1 
ATOM   252  O O   . GLY B 2 29  ? 0.265   9.313   -15.569 1.00 9.44  ?  41  GLY A O   1 
ATOM   253  N N   . ASN B 2 30  ? -0.991  7.424   -15.776 1.00 8.81  ?  42  ASN A N   1 
ATOM   254  C CA  . ASN B 2 30  ? -1.589  7.809   -17.064 1.00 9.27  ?  42  ASN A CA  1 
ATOM   255  C C   . ASN B 2 30  ? -2.967  8.424   -16.861 1.00 11.39 ?  42  ASN A C   1 
ATOM   256  O O   . ASN B 2 30  ? -3.863  7.867   -16.239 1.00 11.37 ?  42  ASN A O   1 
ATOM   257  C CB  . ASN B 2 30  ? -1.693  6.577   -17.966 1.00 9.72  ?  42  ASN A CB  1 
ATOM   258  C CG  . ASN B 2 30  ? -0.345  5.921   -18.172 1.00 10.60 ?  42  ASN A CG  1 
ATOM   259  O OD1 . ASN B 2 30  ? 0.652   6.628   -18.251 1.00 15.18 ?  42  ASN A OD1 1 
ATOM   260  N ND2 . ASN B 2 30  ? -0.273  4.603   -18.284 1.00 11.63 ?  42  ASN A ND2 1 
ATOM   261  N N   . GLY B 2 31  ? -3.160  9.584   -17.455 1.00 11.28 ?  43  GLY A N   1 
ATOM   262  C CA  . GLY B 2 31  ? -4.418  10.298  -17.463 1.00 12.34 ?  43  GLY A CA  1 
ATOM   263  C C   . GLY B 2 31  ? -4.834  10.688  -16.059 1.00 12.11 ?  43  GLY A C   1 
ATOM   264  O O   . GLY B 2 31  ? -4.025  10.989  -15.255 1.00 15.34 ?  43  GLY A O   1 
ATOM   265  N N   . GLU B 2 32  ? -6.145  10.820  -15.831 1.00 12.34 ?  44  GLU A N   1 
ATOM   266  C CA  . GLU B 2 32  ? -6.631  11.340  -14.590 1.00 13.01 ?  44  GLU A CA  1 
ATOM   267  C C   . GLU B 2 32  ? -7.477  10.304  -13.831 1.00 11.07 ?  44  GLU A C   1 
ATOM   268  O O   . GLU B 2 32  ? -7.816  10.556  -12.656 1.00 14.78 ?  44  GLU A O   1 
ATOM   269  C CB  . GLU B 2 32  ? -7.490  12.583  -14.832 1.00 15.46 ?  44  GLU A CB  1 
ATOM   270  C CG  . GLU B 2 32  ? -6.784  13.724  -15.570 1.00 19.62 ?  44  GLU A CG  1 
ATOM   271  C CD  . GLU B 2 32  ? -7.718  14.910  -15.833 1.00 26.45 ?  44  GLU A CD  1 
ATOM   272  O OE1 . GLU B 2 32  ? -7.941  15.250  -17.015 1.00 31.17 ?  44  GLU A OE1 1 
ATOM   273  O OE2 . GLU B 2 32  ? -8.262  15.456  -14.853 1.00 37.79 -1 44  GLU A OE2 1 
ATOM   274  N N   . GLU B 2 33  ? -7.826  9.163   -14.403 1.00 8.40  ?  45  GLU A N   1 
ATOM   275  C CA  . GLU B 2 33  ? -8.783  8.267   -13.771 1.00 7.33  ?  45  GLU A CA  1 
ATOM   276  C C   . GLU B 2 33  ? -8.062  7.382   -12.753 1.00 7.55  ?  45  GLU A C   1 
ATOM   277  O O   . GLU B 2 33  ? -7.044  6.771   -12.987 1.00 7.85  ?  45  GLU A O   1 
ATOM   278  C CB  . GLU B 2 33  ? -9.484  7.402   -14.820 1.00 7.94  ?  45  GLU A CB  1 
ATOM   279  C CG  . GLU B 2 33  ? -10.691 6.705   -14.277 1.00 8.15  ?  45  GLU A CG  1 
ATOM   280  C CD  . GLU B 2 33  ? -11.510 5.942   -15.288 1.00 9.13  ?  45  GLU A CD  1 
ATOM   281  O OE1 . GLU B 2 33  ? -11.088 5.779   -16.445 1.00 10.77 ?  45  GLU A OE1 1 
ATOM   282  O OE2 . GLU B 2 33  ? -12.583 5.472   -14.880 1.00 9.47  -1 45  GLU A OE2 1 
ATOM   283  N N   . THR B 2 34  ? -8.740  7.229   -11.615 1.00 7.21  ?  46  THR A N   1 
ATOM   284  C CA  . THR B 2 34  ? -8.390  6.291   -10.571 1.00 6.65  ?  46  THR A CA  1 
ATOM   285  C C   . THR B 2 34  ? -9.415  5.176   -10.579 1.00 6.54  ?  46  THR A C   1 
ATOM   286  O O   . THR B 2 34  ? -10.512 5.353   -11.109 1.00 6.64  ?  46  THR A O   1 
ATOM   287  C CB  . THR B 2 34  ? -8.302  6.968   -9.213  1.00 7.25  ?  46  THR A CB  1 
ATOM   288  O OG1 . THR B 2 34  ? -9.615  7.437   -8.886  1.00 7.77  ?  46  THR A OG1 1 
ATOM   289  C CG2 . THR B 2 34  ? -7.296  8.095   -9.182  1.00 7.77  ?  46  THR A CG2 1 
ATOM   290  N N   . PRO B 2 35  ? -9.128  4.021   -9.998  1.00 7.00  ?  47  PRO A N   1 
ATOM   291  C CA  . PRO B 2 35  ? -10.068 2.909   -10.018 1.00 7.53  ?  47  PRO A CA  1 
ATOM   292  C C   . PRO B 2 35  ? -11.345 3.210   -9.210  1.00 7.63  ?  47  PRO A C   1 
ATOM   293  O O   . PRO B 2 35  ? -11.400 4.176   -8.443  1.00 8.86  ?  47  PRO A O   1 
ATOM   294  C CB  . PRO B 2 35  ? -9.324  1.730   -9.387  1.00 8.40  ?  47  PRO A CB  1 
ATOM   295  C CG  . PRO B 2 35  ? -8.053  2.300   -8.826  1.00 10.08 ?  47  PRO A CG  1 
ATOM   296  C CD  . PRO B 2 35  ? -7.859  3.657   -9.383  1.00 7.62  ?  47  PRO A CD  1 
ATOM   297  N N   . MET B 2 36  ? -12.365 2.418   -9.436  1.00 7.61  ?  48  MET A N   1 
ATOM   298  C CA  . MET B 2 36  ? -13.563 2.617   -8.598  1.00 7.58  ?  48  MET A CA  1 
ATOM   299  C C   . MET B 2 36  ? -13.719 1.410   -7.690  1.00 6.95  ?  48  MET A C   1 
ATOM   300  O O   . MET B 2 36  ? -13.211 0.299   -7.930  1.00 5.94  ?  48  MET A O   1 
ATOM   301  C CB  . MET B 2 36  ? -14.824 2.951   -9.380  1.00 10.52 ?  48  MET A CB  1 
ATOM   302  C CG  . MET B 2 36  ? -15.430 1.795   -10.022 1.00 10.58 ?  48  MET A CG  1 
ATOM   303  S SD  . MET B 2 36  ? -17.079 2.127   -10.819 1.00 10.29 ?  48  MET A SD  1 
ATOM   304  C CE  . MET B 2 36  ? -18.203 2.066   -9.455  1.00 10.50 ?  48  MET A CE  1 
ATOM   305  N N   . ILE B 2 37  ? -14.529 1.625   -6.649  1.00 6.57  ?  49  ILE A N   1 
ATOM   306  C CA  . ILE B 2 37  ? -14.838 0.606   -5.696  1.00 7.47  ?  49  ILE A CA  1 
ATOM   307  C C   . ILE B 2 37  ? -15.345 -0.652  -6.398  1.00 6.59  ?  49  ILE A C   1 
ATOM   308  O O   . ILE B 2 37  ? -16.141 -0.613  -7.335  1.00 7.75  ?  49  ILE A O   1 
ATOM   309  C CB  . ILE B 2 37  ? -15.877 1.102   -4.674  1.00 7.88  ?  49  ILE A CB  1 
ATOM   310  C CG1 . ILE B 2 37  ? -16.143 0.029   -3.606  1.00 8.81  ?  49  ILE A CG1 1 
ATOM   311  C CG2 . ILE B 2 37  ? -17.185 1.609   -5.346  1.00 8.01  ?  49  ILE A CG2 1 
ATOM   312  C CD1 . ILE B 2 37  ? -17.171 0.372   -2.507  1.00 9.47  ?  49  ILE A CD1 1 
ATOM   313  N N   . GLY B 2 38  ? -14.765 -1.785  -6.009  1.00 6.37  ?  50  GLY A N   1 
ATOM   314  C CA  . GLY B 2 38  ? -15.117 -3.059  -6.585  1.00 6.86  ?  50  GLY A CA  1 
ATOM   315  C C   . GLY B 2 38  ? -14.278 -3.448  -7.778  1.00 7.94  ?  50  GLY A C   1 
ATOM   316  O O   . GLY B 2 38  ? -14.379 -4.590  -8.246  1.00 9.18  ?  50  GLY A O   1 
ATOM   317  N N   . ASP B 2 39  ? -13.491 -2.559  -8.355  1.00 7.28  ?  51  ASP A N   1 
ATOM   318  C CA  . ASP B 2 39  ? -12.682 -2.896  -9.509  1.00 6.76  ?  51  ASP A CA  1 
ATOM   319  C C   . ASP B 2 39  ? -11.658 -3.956  -9.117  1.00 6.99  ?  51  ASP A C   1 
ATOM   320  O O   . ASP B 2 39  ? -11.152 -3.953  -8.017  1.00 7.21  ?  51  ASP A O   1 
ATOM   321  C CB  . ASP B 2 39  ? -11.957 -1.677  -10.081 1.00 7.30  ?  51  ASP A CB  1 
ATOM   322  C CG  . ASP B 2 39  ? -12.776 -0.749  -10.962 1.00 7.76  ?  51  ASP A CG  1 
ATOM   323  O OD1 . ASP B 2 39  ? -13.897 -1.111  -11.299 1.00 8.49  ?  51  ASP A OD1 1 
ATOM   324  O OD2 . ASP B 2 39  ? -12.215 0.292   -11.327 1.00 7.59  -1 51  ASP A OD2 1 
ATOM   325  N N   . LYS B 2 40  ? -11.358 -4.813  -10.080 1.00 7.14  ?  52  LYS A N   1 
ATOM   326  C CA  . LYS B 2 40  ? -10.194 -5.668  -9.985  1.00 7.78  ?  52  LYS A CA  1 
ATOM   327  C C   . LYS B 2 40  ? -8.957  -4.847  -10.261 1.00 8.15  ?  52  LYS A C   1 
ATOM   328  O O   . LYS B 2 40  ? -8.839  -4.269  -11.314 1.00 9.95  ?  52  LYS A O   1 
ATOM   329  C CB  . LYS B 2 40  ? -10.329 -6.785  -11.004 1.00 10.44 ?  52  LYS A CB  1 
ATOM   330  C CG  . LYS B 2 40  ? -9.369  -7.936  -10.850 1.00 14.65 ?  52  LYS A CG  1 
ATOM   331  C CD  . LYS B 2 40  ? -9.754  -9.085  -11.758 1.00 19.11 ?  52  LYS A CD  1 
ATOM   332  C CE  . LYS B 2 40  ? -8.750  -10.222 -11.744 1.00 21.12 ?  52  LYS A CE  1 
ATOM   333  N NZ  . LYS B 2 40  ? -8.829  -11.019 -12.987 1.00 24.78 ?  52  LYS A NZ  1 
ATOM   334  N N   . VAL B 2 41  ? -8.084  -4.749  -9.264  1.00 6.65  ?  53  VAL A N   1 
ATOM   335  C CA  . VAL B 2 41  ? -6.842  -3.960  -9.372  1.00 6.76  ?  53  VAL A CA  1 
ATOM   336  C C   . VAL B 2 41  ? -5.675  -4.957  -9.329  1.00 6.71  ?  53  VAL A C   1 
ATOM   337  O O   . VAL B 2 41  ? -5.695  -5.960  -8.620  1.00 8.95  ?  53  VAL A O   1 
ATOM   338  C CB  . VAL B 2 41  ? -6.716  -2.893  -8.278  1.00 7.35  ?  53  VAL A CB  1 
ATOM   339  C CG1 . VAL B 2 41  ? -7.777  -1.834  -8.474  1.00 7.70  ?  53  VAL A CG1 1 
ATOM   340  C CG2 . VAL B 2 41  ? -6.769  -3.456  -6.857  1.00 8.41  ?  53  VAL A CG2 1 
ATOM   341  N N   . TYR B 2 42  ? -4.694  -4.650  -10.162 1.00 6.63  ?  54  TYR A N   1 
ATOM   342  C CA  . TYR B 2 42  ? -3.475  -5.470  -10.322 1.00 6.80  ?  54  TYR A CA  1 
ATOM   343  C C   . TYR B 2 42  ? -2.308  -4.616  -9.912  1.00 6.67  ?  54  TYR A C   1 
ATOM   344  O O   . TYR B 2 42  ? -2.071  -3.586  -10.488 1.00 6.34  ?  54  TYR A O   1 
ATOM   345  C CB  . TYR B 2 42  ? -3.301  -5.833  -11.803 1.00 8.69  ?  54  TYR A CB  1 
ATOM   346  C CG  . TYR B 2 42  ? -4.375  -6.694  -12.422 1.00 10.90 ?  54  TYR A CG  1 
ATOM   347  C CD1 . TYR B 2 42  ? -5.625  -6.192  -12.714 1.00 11.65 ?  54  TYR A CD1 1 
ATOM   348  C CD2 . TYR B 2 42  ? -4.115  -8.020  -12.721 1.00 13.90 ?  54  TYR A CD2 1 
ATOM   349  C CE1 . TYR B 2 42  ? -6.614  -7.013  -13.258 1.00 13.55 ?  54  TYR A CE1 1 
ATOM   350  C CE2 . TYR B 2 42  ? -5.088  -8.866  -13.249 1.00 14.89 ?  54  TYR A CE2 1 
ATOM   351  C CZ  . TYR B 2 42  ? -6.323  -8.330  -13.513 1.00 14.65 ?  54  TYR A CZ  1 
ATOM   352  O OH  . TYR B 2 42  ? -7.293  -9.107  -14.104 1.00 21.09 ?  54  TYR A OH  1 
ATOM   353  N N   . VAL B 2 43  ? -1.561  -5.067  -8.897  1.00 6.06  ?  55  VAL A N   1 
ATOM   354  C CA  . VAL B 2 43  ? -0.465  -4.276  -8.343  1.00 6.47  ?  55  VAL A CA  1 
ATOM   355  C C   . VAL B 2 43  ? 0.785   -5.117  -8.227  1.00 6.48  ?  55  VAL A C   1 
ATOM   356  O O   . VAL B 2 43  ? 0.765   -6.357  -8.069  1.00 6.79  ?  55  VAL A O   1 
ATOM   357  C CB  . VAL B 2 43  ? -0.774  -3.667  -6.973  1.00 6.40  ?  55  VAL A CB  1 
ATOM   358  C CG1 . VAL B 2 43  ? -1.999  -2.768  -7.036  1.00 6.79  ?  55  VAL A CG1 1 
ATOM   359  C CG2 . VAL B 2 43  ? -0.943  -4.700  -5.885  1.00 7.04  ?  55  VAL A CG2 1 
ATOM   360  N N   . HIS B 2 44  ? 1.905   -4.447  -8.387  1.00 6.13  ?  56  HIS A N   1 
ATOM   361  C CA  . HIS B 2 44  ? 3.194   -4.987  -7.908  1.00 7.15  ?  56  HIS A CA  1 
ATOM   362  C C   . HIS B 2 44  ? 3.544   -4.234  -6.649  1.00 7.69  ?  56  HIS A C   1 
ATOM   363  O O   . HIS B 2 44  ? 3.317   -3.018  -6.548  1.00 8.60  ?  56  HIS A O   1 
ATOM   364  C CB  . HIS B 2 44  ? 4.315   -4.903  -8.939  1.00 8.39  ?  56  HIS A CB  1 
ATOM   365  C CG  . HIS B 2 44  ? 4.462   -6.136  -9.765  1.00 8.14  ?  56  HIS A CG  1 
ATOM   366  N ND1 . HIS B 2 44  ? 4.534   -7.404  -9.190  1.00 8.84  ?  56  HIS A ND1 1 
ATOM   367  C CD2 . HIS B 2 44  ? 4.544   -6.307  -11.102 1.00 9.22  ?  56  HIS A CD2 1 
ATOM   368  C CE1 . HIS B 2 44  ? 4.631   -8.286  -10.172 1.00 9.53  ?  56  HIS A CE1 1 
ATOM   369  N NE2 . HIS B 2 44  ? 4.697   -7.648  -11.301 1.00 10.18 ?  56  HIS A NE2 1 
ATOM   370  N N   . TYR B 2 45  ? 4.160   -4.914  -5.699  1.00 8.10  ?  57  TYR A N   1 
ATOM   371  C CA  . TYR B 2 45  ? 4.545   -4.234  -4.458  1.00 8.36  ?  57  TYR A CA  1 
ATOM   372  C C   . TYR B 2 45  ? 5.835   -4.830  -3.910  1.00 8.22  ?  57  TYR A C   1 
ATOM   373  O O   . TYR B 2 45  ? 6.164   -5.996  -4.114  1.00 7.40  ?  57  TYR A O   1 
ATOM   374  C CB  . TYR B 2 45  ? 3.438   -4.304  -3.421  1.00 10.25 ?  57  TYR A CB  1 
ATOM   375  C CG  . TYR B 2 45  ? 3.212   -5.682  -2.878  1.00 11.05 ?  57  TYR A CG  1 
ATOM   376  C CD1 . TYR B 2 45  ? 2.370   -6.586  -3.513  1.00 11.55 ?  57  TYR A CD1 1 
ATOM   377  C CD2 . TYR B 2 45  ? 3.860   -6.149  -1.746  1.00 14.56 ?  57  TYR A CD2 1 
ATOM   378  C CE1 . TYR B 2 45  ? 2.142   -7.857  -3.023  1.00 12.25 ?  57  TYR A CE1 1 
ATOM   379  C CE2 . TYR B 2 45  ? 3.711   -7.448  -1.291  1.00 15.80 ?  57  TYR A CE2 1 
ATOM   380  C CZ  . TYR B 2 45  ? 2.843   -8.312  -1.937  1.00 14.39 ?  57  TYR A CZ  1 
ATOM   381  O OH  . TYR B 2 45  ? 2.607   -9.559  -1.427  1.00 16.84 ?  57  TYR A OH  1 
ATOM   382  N N   . LYS B 2 46  ? 6.446   -4.030  -3.024  1.00 8.59  ?  58  LYS A N   1 
ATOM   383  C CA  . LYS B 2 46  ? 7.516   -4.444  -2.108  1.00 11.15 ?  58  LYS A CA  1 
ATOM   384  C C   . LYS B 2 46  ? 7.174   -3.845  -0.746  1.00 12.72 ?  58  LYS A C   1 
ATOM   385  O O   . LYS B 2 46  ? 6.676   -2.705  -0.762  1.00 10.05 ?  58  LYS A O   1 
ATOM   386  C CB  . LYS B 2 46  ? 8.867   -3.952  -2.641  1.00 15.02 ?  58  LYS A CB  1 
ATOM   387  N N   . GLY B 2 47  ? 7.149   -4.659  0.346   1.00 14.40 ?  59  GLY A N   1 
ATOM   388  C CA  . GLY B 2 47  ? 6.917   -4.160  1.754   1.00 14.17 ?  59  GLY A CA  1 
ATOM   389  C C   . GLY B 2 47  ? 8.130   -4.283  2.662   1.00 13.56 ?  59  GLY A C   1 
ATOM   390  O O   . GLY B 2 47  ? 8.770   -5.405  2.631   1.00 16.34 ?  59  GLY A O   1 
ATOM   391  N N   . LYS B 2 48  ? 8.502   -3.206  3.427   1.00 12.81 ?  60  LYS A N   1 
ATOM   392  C CA  . LYS B 2 48  ? 9.592   -3.238  4.442   1.00 13.75 ?  60  LYS A CA  1 
ATOM   393  C C   . LYS B 2 48  ? 9.031   -2.952  5.826   1.00 10.84 ?  60  LYS A C   1 
ATOM   394  O O   . LYS B 2 48  ? 8.110   -2.110  5.977   1.00 8.88  ?  60  LYS A O   1 
ATOM   395  C CB  . LYS B 2 48  ? 10.649  -2.172  4.212   1.00 15.96 ?  60  LYS A CB  1 
ATOM   396  C CG  . LYS B 2 48  ? 11.516  -2.416  2.987   1.00 20.15 ?  60  LYS A CG  1 
ATOM   397  C CD  . LYS B 2 48  ? 12.583  -1.386  2.829   1.00 23.55 ?  60  LYS A CD  1 
ATOM   398  C CE  . LYS B 2 48  ? 13.964  -1.966  2.564   1.00 29.36 ?  60  LYS A CE  1 
ATOM   399  N NZ  . LYS B 2 48  ? 14.249  -2.064  1.114   1.00 33.47 ?  60  LYS A NZ  1 
ATOM   400  N N   . LEU B 2 49  ? 9.586   -3.615  6.834   1.00 8.51  ?  61  LEU A N   1 
ATOM   401  C CA  . LEU B 2 49  ? 9.300   -3.336  8.219   1.00 10.05 ?  61  LEU A CA  1 
ATOM   402  C C   . LEU B 2 49  ? 10.182  -2.185  8.674   1.00 9.49  ?  61  LEU A C   1 
ATOM   403  O O   . LEU B 2 49  ? 11.214  -1.855  8.035   1.00 9.15  ?  61  LEU A O   1 
ATOM   404  C CB  . LEU B 2 49  ? 9.618   -4.554  9.099   1.00 12.04 ?  61  LEU A CB  1 
ATOM   405  C CG  . LEU B 2 49  ? 8.862   -5.871  8.896   1.00 13.35 ?  61  LEU A CG  1 
ATOM   406  C CD1 . LEU B 2 49  ? 9.395   -6.954  9.860   1.00 16.21 ?  61  LEU A CD1 1 
ATOM   407  C CD2 . LEU B 2 49  ? 7.358   -5.723  9.088   1.00 14.17 ?  61  LEU A CD2 1 
ATOM   408  N N   . SER B 2 50  ? 9.868   -1.626  9.833   1.00 10.86 ?  62  SER A N   1 
ATOM   409  C CA  . SER B 2 50  ? 10.640  -0.550  10.482  1.00 12.59 ?  62  SER A CA  1 
ATOM   410  C C   . SER B 2 50  ? 12.029  -1.008  10.953  1.00 13.46 ?  62  SER A C   1 
ATOM   411  O O   . SER B 2 50  ? 12.879  -0.124  11.177  1.00 14.52 ?  62  SER A O   1 
ATOM   412  C CB  . SER B 2 50  ? 9.896   -0.007  11.677  1.00 14.27 ?  62  SER A CB  1 
ATOM   413  O OG  . SER B 2 50  ? 8.864   0.823   11.263  1.00 18.90 ?  62  SER A OG  1 
ATOM   414  N N   . ASN B 2 51  ? 12.277  -2.305  11.028  1.00 13.11 ?  63  ASN A N   1 
ATOM   415  C CA  . ASN B 2 51  ? 13.637  -2.800  11.309  1.00 15.33 ?  63  ASN A CA  1 
ATOM   416  C C   . ASN B 2 51  ? 14.476  -3.006  10.048  1.00 14.68 ?  63  ASN A C   1 
ATOM   417  O O   . ASN B 2 51  ? 15.616  -3.531  10.109  1.00 15.40 ?  63  ASN A O   1 
ATOM   418  C CB  . ASN B 2 51  ? 13.553  -4.065  12.134  1.00 17.61 ?  63  ASN A CB  1 
ATOM   419  C CG  . ASN B 2 51  ? 12.971  -5.236  11.384  1.00 20.87 ?  63  ASN A CG  1 
ATOM   420  O OD1 . ASN B 2 51  ? 12.693  -5.184  10.181  1.00 17.29 ?  63  ASN A OD1 1 
ATOM   421  N ND2 . ASN B 2 51  ? 12.769  -6.339  12.085  1.00 24.56 ?  63  ASN A ND2 1 
ATOM   422  N N   . GLY B 2 52  ? 13.927  -2.640  8.892   1.00 11.82 ?  64  GLY A N   1 
ATOM   423  C CA  . GLY B 2 52  ? 14.665  -2.719  7.639   1.00 13.48 ?  64  GLY A CA  1 
ATOM   424  C C   . GLY B 2 52  ? 14.424  -4.015  6.874   1.00 13.55 ?  64  GLY A C   1 
ATOM   425  O O   . GLY B 2 52  ? 14.809  -4.083  5.746   1.00 17.54 ?  64  GLY A O   1 
ATOM   426  N N   . LYS B 2 53  ? 13.773  -4.999  7.498   1.00 12.84 ?  65  LYS A N   1 
ATOM   427  C CA  . LYS B 2 53  ? 13.555  -6.328  6.858   1.00 13.56 ?  65  LYS A CA  1 
ATOM   428  C C   . LYS B 2 53  ? 12.562  -6.144  5.710   1.00 12.27 ?  65  LYS A C   1 
ATOM   429  O O   . LYS B 2 53  ? 11.526  -5.483  5.869   1.00 12.89 ?  65  LYS A O   1 
ATOM   430  C CB  . LYS B 2 53  ? 12.975  -7.350  7.836   1.00 15.86 ?  65  LYS A CB  1 
ATOM   431  N N   . LYS B 2 54  ? 12.789  -6.731  4.544   1.00 14.67 ?  66  LYS A N   1 
ATOM   432  C CA  . LYS B 2 54  ? 11.813  -6.806  3.444   1.00 14.93 ?  66  LYS A CA  1 
ATOM   433  C C   . LYS B 2 54  ? 10.845  -7.951  3.765   1.00 15.97 ?  66  LYS A C   1 
ATOM   434  O O   . LYS B 2 54  ? 11.241  -9.002  4.040   1.00 20.86 ?  66  LYS A O   1 
ATOM   435  C CB  . LYS B 2 54  ? 12.477  -7.055  2.080   1.00 17.15 ?  66  LYS A CB  1 
ATOM   436  N N   . PHE B 2 55  ? 9.550   -7.745  3.871   1.00 19.30 ?  67  PHE A N   1 
ATOM   437  C CA  . PHE B 2 55  ? 8.724   -8.896  4.378   1.00 20.30 ?  67  PHE A CA  1 
ATOM   438  C C   . PHE B 2 55  ? 7.878   -9.522  3.262   1.00 21.86 ?  67  PHE A C   1 
ATOM   439  O O   . PHE B 2 55  ? 7.276   -10.626 3.464   1.00 26.08 ?  67  PHE A O   1 
ATOM   440  C CB  . PHE B 2 55  ? 7.833   -8.518  5.560   1.00 18.12 ?  67  PHE A CB  1 
ATOM   441  C CG  . PHE B 2 55  ? 6.805   -7.455  5.274   1.00 16.31 ?  67  PHE A CG  1 
ATOM   442  C CD1 . PHE B 2 55  ? 5.592   -7.761  4.671   1.00 15.59 ?  67  PHE A CD1 1 
ATOM   443  C CD2 . PHE B 2 55  ? 7.081   -6.132  5.550   1.00 15.25 ?  67  PHE A CD2 1 
ATOM   444  C CE1 . PHE B 2 55  ? 4.660   -6.763  4.436   1.00 15.58 ?  67  PHE A CE1 1 
ATOM   445  C CE2 . PHE B 2 55  ? 6.147   -5.146  5.287   1.00 14.31 ?  67  PHE A CE2 1 
ATOM   446  C CZ  . PHE B 2 55  ? 4.953   -5.457  4.719   1.00 17.12 ?  67  PHE A CZ  1 
ATOM   447  N N   . ASP B 2 56  ? 7.753   -8.833  2.122   1.00 20.11 ?  68  ASP A N   1 
ATOM   448  C CA  . ASP B 2 56  ? 7.028   -9.448  1.007   1.00 18.61 ?  68  ASP A CA  1 
ATOM   449  C C   . ASP B 2 56  ? 7.406   -8.709  -0.265  1.00 16.91 ?  68  ASP A C   1 
ATOM   450  O O   . ASP B 2 56  ? 7.778   -7.530  -0.198  1.00 16.07 ?  68  ASP A O   1 
ATOM   451  C CB  . ASP B 2 56  ? 5.510   -9.426  1.238   1.00 22.23 ?  68  ASP A CB  1 
ATOM   452  C CG  . ASP B 2 56  ? 4.667   -10.459 0.492   1.00 21.84 ?  68  ASP A CG  1 
ATOM   453  O OD1 . ASP B 2 56  ? 5.162   -11.078 -0.381  1.00 26.10 ?  68  ASP A OD1 1 
ATOM   454  O OD2 . ASP B 2 56  ? 3.476   -10.561 0.824   1.00 31.83 ?  68  ASP A OD2 1 
ATOM   455  N N   . SER B 2 57  ? 7.234   -9.393  -1.401  1.00 15.09 ?  69  SER A N   1 
ATOM   456  C CA  . SER B 2 57  ? 7.411   -8.757  -2.774  1.00 14.05 ?  69  SER A CA  1 
ATOM   457  C C   . SER B 2 57  ? 6.765   -9.610  -3.872  1.00 14.02 ?  69  SER A C   1 
ATOM   458  O O   . SER B 2 57  ? 7.098   -10.791 -4.091  1.00 14.59 ?  69  SER A O   1 
ATOM   459  C CB  . SER B 2 57  ? 8.835   -8.505  -3.099  1.00 17.45 ?  69  SER A CB  1 
ATOM   460  O OG  . SER B 2 57  ? 9.098   -8.470  -4.508  1.00 16.58 ?  69  SER A OG  1 
ATOM   461  N N   . SER B 2 58  ? 5.906   -8.961  -4.645  1.00 9.74  ?  70  SER A N   1 
ATOM   462  C CA  . SER B 2 58  ? 5.241   -9.647  -5.745  1.00 8.60  ?  70  SER A CA  1 
ATOM   463  C C   . SER B 2 58  ? 6.227   -9.829  -6.891  1.00 8.68  ?  70  SER A C   1 
ATOM   464  O O   . SER B 2 58  ? 6.122   -10.789 -7.661  1.00 7.86  ?  70  SER A O   1 
ATOM   465  C CB  . SER B 2 58  ? 4.007   -8.910  -6.128  1.00 8.08  ?  70  SER A CB  1 
ATOM   466  O OG  . SER B 2 58  ? 4.362   -7.619  -6.560  1.00 8.11  ?  70  SER A OG  1 
ATOM   467  N N   . HIS B 2 59  ? 7.146   -8.906  -7.125  1.00 8.34  ?  71  HIS A N   1 
ATOM   468  C CA  . HIS B 2 59  ? 8.129   -9.037  -8.165  1.00 9.36  ?  71  HIS A CA  1 
ATOM   469  C C   . HIS B 2 59  ? 8.859   -10.367 -8.056  1.00 9.85  ?  71  HIS A C   1 
ATOM   470  O O   . HIS B 2 59  ? 9.054   -11.033 -9.073  1.00 10.03 ?  71  HIS A O   1 
ATOM   471  C CB  . HIS B 2 59  ? 9.162   -7.887  -8.126  1.00 10.61 ?  71  HIS A CB  1 
ATOM   472  C CG  . HIS B 2 59  ? 8.544   -6.539  -8.260  1.00 12.55 ?  71  HIS A CG  1 
ATOM   473  N ND1 . HIS B 2 59  ? 8.195   -6.042  -9.463  1.00 14.28 ?  71  HIS A ND1 1 
ATOM   474  C CD2 . HIS B 2 59  ? 8.238   -5.619  -7.334  1.00 13.65 ?  71  HIS A CD2 1 
ATOM   475  C CE1 . HIS B 2 59  ? 7.734   -4.800  -9.260  1.00 11.56 ?  71  HIS A CE1 1 
ATOM   476  N NE2 . HIS B 2 59  ? 7.704   -4.553  -7.982  1.00 14.45 ?  71  HIS A NE2 1 
ATOM   477  N N   . ASP B 2 60  ? 9.201   -10.750 -6.836  1.00 9.93  ?  72  ASP A N   1 
ATOM   478  C CA  . ASP B 2 60  ? 9.982   -11.978 -6.630  1.00 11.39 ?  72  ASP A CA  1 
ATOM   479  C C   . ASP B 2 60  ? 9.139   -13.210 -6.973  1.00 11.81 ?  72  ASP A C   1 
ATOM   480  O O   . ASP B 2 60  ? 9.718   -14.292 -7.095  1.00 11.95 ?  72  ASP A O   1 
ATOM   481  C CB  . ASP B 2 60  ? 10.490  -12.054 -5.202  1.00 14.69 ?  72  ASP A CB  1 
ATOM   482  C CG  . ASP B 2 60  ? 11.538  -11.002 -4.853  1.00 17.06 ?  72  ASP A CG  1 
ATOM   483  O OD1 . ASP B 2 60  ? 12.099  -10.429 -5.817  1.00 18.40 ?  72  ASP A OD1 1 
ATOM   484  O OD2 . ASP B 2 60  ? 11.697  -10.731 -3.624  1.00 22.78 -1 72  ASP A OD2 1 
ATOM   485  N N   . ARG B 2 61  ? 7.814   -13.096 -7.000  1.00 8.73  ?  73  ARG A N   1 
ATOM   486  C CA  . ARG B 2 61  ? 6.901   -14.227 -7.333  1.00 9.04  ?  73  ARG A CA  1 
ATOM   487  C C   . ARG B 2 61  ? 6.534   -14.232 -8.802  1.00 7.39  ?  73  ARG A C   1 
ATOM   488  O O   . ARG B 2 61  ? 5.923   -15.175 -9.262  1.00 7.67  ?  73  ARG A O   1 
ATOM   489  C CB  . ARG B 2 61  ? 5.592   -14.160 -6.553  1.00 10.96 ?  73  ARG A CB  1 
ATOM   490  C CG  . ARG B 2 61  ? 5.797   -14.267 -5.052  1.00 13.09 ?  73  ARG A CG  1 
ATOM   491  C CD  . ARG B 2 61  ? 4.526   -14.568 -4.308  1.00 14.96 ?  73  ARG A CD  1 
ATOM   492  N NE  . ARG B 2 61  ? 3.718   -13.374 -4.318  1.00 16.75 ?  73  ARG A NE  1 
ATOM   493  C CZ  . ARG B 2 61  ? 3.732   -12.456 -3.352  1.00 20.17 ?  73  ARG A CZ  1 
ATOM   494  N NH1 . ARG B 2 61  ? 4.500   -12.656 -2.291  1.00 20.57 ?  73  ARG A NH1 1 
ATOM   495  N NH2 . ARG B 2 61  ? 2.953   -11.387 -3.433  1.00 18.35 ?  73  ARG A NH2 1 
ATOM   496  N N   . ASN B 2 62  ? 6.993   -13.250 -9.566  1.00 6.56  ?  74  ASN A N   1 
ATOM   497  C CA  . ASN B 2 62  ? 6.718   -13.169 -10.992 1.00 7.07  ?  74  ASN A CA  1 
ATOM   498  C C   . ASN B 2 62  ? 5.224   -13.177 -11.333 1.00 8.00  ?  74  ASN A C   1 
ATOM   499  O O   . ASN B 2 62  ? 4.823   -13.632 -12.409 1.00 7.76  ?  74  ASN A O   1 
ATOM   500  C CB  . ASN B 2 62  ? 7.440   -14.284 -11.725 1.00 6.96  ?  74  ASN A CB  1 
ATOM   501  C CG  . ASN B 2 62  ? 8.932   -14.158 -11.581 1.00 7.36  ?  74  ASN A CG  1 
ATOM   502  O OD1 . ASN B 2 62  ? 9.544   -13.118 -11.914 1.00 8.34  ?  74  ASN A OD1 1 
ATOM   503  N ND2 . ASN B 2 62  ? 9.570   -15.211 -11.076 1.00 6.05  ?  74  ASN A ND2 1 
ATOM   504  N N   . GLU B 2 63  ? 4.409   -12.587 -10.449 1.00 7.80  ?  75  GLU A N   1 
ATOM   505  C CA  . GLU B 2 63  ? 2.995   -12.374 -10.749 1.00 8.41  ?  75  GLU A CA  1 
ATOM   506  C C   . GLU B 2 63  ? 2.527   -11.198 -9.917  1.00 7.36  ?  75  GLU A C   1 
ATOM   507  O O   . GLU B 2 63  ? 2.914   -11.061 -8.777  1.00 7.76  ?  75  GLU A O   1 
ATOM   508  C CB  . GLU B 2 63  ? 2.147   -13.635 -10.509 1.00 10.30 ?  75  GLU A CB  1 
ATOM   509  C CG  . GLU B 2 63  ? 2.221   -14.157 -9.096  1.00 10.97 ?  75  GLU A CG  1 
ATOM   510  C CD  . GLU B 2 63  ? 1.361   -15.371 -8.762  1.00 11.46 ?  75  GLU A CD  1 
ATOM   511  O OE1 . GLU B 2 63  ? 1.417   -16.346 -9.479  1.00 9.84  ?  75  GLU A OE1 1 
ATOM   512  O OE2 . GLU B 2 63  ? 0.670   -15.355 -7.700  1.00 16.42 -1 75  GLU A OE2 1 
ATOM   513  N N   . PRO B 2 64  ? 1.582   -10.410 -10.434 1.00 7.76  ?  76  PRO A N   1 
ATOM   514  C CA  . PRO B 2 64  ? 1.033   -9.301  -9.660  1.00 7.56  ?  76  PRO A CA  1 
ATOM   515  C C   . PRO B 2 64  ? 0.085   -9.846  -8.602  1.00 7.23  ?  76  PRO A C   1 
ATOM   516  O O   . PRO B 2 64  ? -0.391  -11.022 -8.618  1.00 8.45  ?  76  PRO A O   1 
ATOM   517  C CB  . PRO B 2 64  ? 0.247   -8.554  -10.716 1.00 9.08  ?  76  PRO A CB  1 
ATOM   518  C CG  . PRO B 2 64  ? -0.245  -9.612  -11.639 1.00 9.66  ?  76  PRO A CG  1 
ATOM   519  C CD  . PRO B 2 64  ? 0.921   -10.590 -11.737 1.00 8.31  ?  76  PRO A CD  1 
ATOM   520  N N   . PHE B 2 65  ? -0.142  -9.017  -7.595  1.00 6.88  ?  77  PHE A N   1 
ATOM   521  C CA  . PHE B 2 65  ? -1.195  -9.287  -6.627  1.00 6.89  ?  77  PHE A CA  1 
ATOM   522  C C   . PHE B 2 65  ? -2.494  -8.605  -7.099  1.00 6.95  ?  77  PHE A C   1 
ATOM   523  O O   . PHE B 2 65  ? -2.506  -7.441  -7.468  1.00 7.39  ?  77  PHE A O   1 
ATOM   524  C CB  . PHE B 2 65  ? -0.752  -8.706  -5.278  1.00 8.32  ?  77  PHE A CB  1 
ATOM   525  C CG  . PHE B 2 65  ? -1.722  -9.030  -4.183  1.00 10.06 ?  77  PHE A CG  1 
ATOM   526  C CD1 . PHE B 2 65  ? -1.789  -10.305 -3.664  1.00 14.01 ?  77  PHE A CD1 1 
ATOM   527  C CD2 . PHE B 2 65  ? -2.626  -8.103  -3.703  1.00 11.47 ?  77  PHE A CD2 1 
ATOM   528  C CE1 . PHE B 2 65  ? -2.745  -10.639 -2.718  1.00 16.54 ?  77  PHE A CE1 1 
ATOM   529  C CE2 . PHE B 2 65  ? -3.532  -8.427  -2.715  1.00 13.55 ?  77  PHE A CE2 1 
ATOM   530  C CZ  . PHE B 2 65  ? -3.591  -9.685  -2.223  1.00 14.94 ?  77  PHE A CZ  1 
ATOM   531  N N   . VAL B 2 66  ? -3.595  -9.326  -6.999  1.00 7.16  ?  78  VAL A N   1 
ATOM   532  C CA  . VAL B 2 66  ? -4.850  -8.910  -7.567  1.00 8.00  ?  78  VAL A CA  1 
ATOM   533  C C   . VAL B 2 66  ? -5.882  -8.956  -6.458  1.00 8.05  ?  78  VAL A C   1 
ATOM   534  O O   . VAL B 2 66  ? -5.988  -9.909  -5.677  1.00 10.86 ?  78  VAL A O   1 
ATOM   535  C CB  . VAL B 2 66  ? -5.268  -9.817  -8.741  1.00 9.75  ?  78  VAL A CB  1 
ATOM   536  C CG1 . VAL B 2 66  ? -6.584  -9.336  -9.321  1.00 11.71 ?  78  VAL A CG1 1 
ATOM   537  C CG2 . VAL B 2 66  ? -4.191  -9.894  -9.798  1.00 10.49 ?  78  VAL A CG2 1 
ATOM   538  N N   . PHE B 2 67  ? -6.654  -7.894  -6.349  1.00 7.41  ?  79  PHE A N   1 
ATOM   539  C CA  . PHE B 2 67  ? -7.726  -7.839  -5.351  1.00 7.42  ?  79  PHE A CA  1 
ATOM   540  C C   . PHE B 2 67  ? -8.846  -6.907  -5.842  1.00 6.90  ?  79  PHE A C   1 
ATOM   541  O O   . PHE B 2 67  ? -8.686  -6.236  -6.852  1.00 7.43  ?  79  PHE A O   1 
ATOM   542  C CB  . PHE B 2 67  ? -7.213  -7.426  -3.964  1.00 7.57  ?  79  PHE A CB  1 
ATOM   543  C CG  . PHE B 2 67  ? -6.679  -6.025  -3.836  1.00 7.46  ?  79  PHE A CG  1 
ATOM   544  C CD1 . PHE B 2 67  ? -5.411  -5.678  -4.274  1.00 7.97  ?  79  PHE A CD1 1 
ATOM   545  C CD2 . PHE B 2 67  ? -7.458  -5.009  -3.299  1.00 6.91  ?  79  PHE A CD2 1 
ATOM   546  C CE1 . PHE B 2 67  ? -4.906  -4.404  -4.097  1.00 7.77  ?  79  PHE A CE1 1 
ATOM   547  C CE2 . PHE B 2 67  ? -6.970  -3.733  -3.125  1.00 7.81  ?  79  PHE A CE2 1 
ATOM   548  C CZ  . PHE B 2 67  ? -5.706  -3.420  -3.569  1.00 7.92  ?  79  PHE A CZ  1 
ATOM   549  N N   . SER B 2 68  ? -9.988  -6.946  -5.138  1.00 6.84  ?  80  SER A N   1 
ATOM   550  C CA  . SER B 2 68  ? -11.136 -6.078  -5.466  1.00 7.30  ?  80  SER A CA  1 
ATOM   551  C C   . SER B 2 68  ? -11.057 -4.858  -4.544  1.00 6.63  ?  80  SER A C   1 
ATOM   552  O O   . SER B 2 68  ? -11.055 -4.977  -3.319  1.00 6.96  ?  80  SER A O   1 
ATOM   553  C CB  . SER B 2 68  ? -12.438 -6.820  -5.246  1.00 8.27  ?  80  SER A CB  1 
ATOM   554  O OG  . SER B 2 68  ? -12.529 -7.883  -6.165  1.00 12.50 ?  80  SER A OG  1 
ATOM   555  N N   . LEU B 2 69  ? -10.973 -3.700  -5.176  1.00 6.46  ?  81  LEU A N   1 
ATOM   556  C CA  . LEU B 2 69  ? -10.698 -2.435  -4.425  1.00 6.37  ?  81  LEU A CA  1 
ATOM   557  C C   . LEU B 2 69  ? -11.854 -2.077  -3.508  1.00 6.29  ?  81  LEU A C   1 
ATOM   558  O O   . LEU B 2 69  ? -13.025 -2.128  -3.882  1.00 7.18  ?  81  LEU A O   1 
ATOM   559  C CB  . LEU B 2 69  ? -10.428 -1.324  -5.434  1.00 6.70  ?  81  LEU A CB  1 
ATOM   560  C CG  . LEU B 2 69  ? -10.056 0.019   -4.783  1.00 7.38  ?  81  LEU A CG  1 
ATOM   561  C CD1 . LEU B 2 69  ? -8.708  -0.083  -4.060  1.00 7.95  ?  81  LEU A CD1 1 
ATOM   562  C CD2 . LEU B 2 69  ? -10.043 1.102   -5.843  1.00 7.58  ?  81  LEU A CD2 1 
ATOM   563  N N   . GLY B 2 70  ? -11.522 -1.654  -2.289  1.00 6.53  ?  82  GLY A N   1 
ATOM   564  C CA  . GLY B 2 70  ? -12.515 -1.083  -1.371  1.00 7.65  ?  82  GLY A CA  1 
ATOM   565  C C   . GLY B 2 70  ? -13.389 -2.087  -0.677  1.00 8.18  ?  82  GLY A C   1 
ATOM   566  O O   . GLY B 2 70  ? -14.432 -1.671  -0.130  1.00 9.90  ?  82  GLY A O   1 
ATOM   567  N N   . LYS B 2 71  ? -12.972 -3.333  -0.636  1.00 8.31  ?  83  LYS A N   1 
ATOM   568  C CA  . LYS B 2 71  ? -13.766 -4.436  -0.058  1.00 9.04  ?  83  LYS A CA  1 
ATOM   569  C C   . LYS B 2 71  ? -13.125 -5.009  1.195   1.00 9.54  ?  83  LYS A C   1 
ATOM   570  O O   . LYS B 2 71  ? -13.610 -6.005  1.741   1.00 10.60 ?  83  LYS A O   1 
ATOM   571  C CB  . LYS B 2 71  ? -13.942 -5.550  -1.097  1.00 10.73 ?  83  LYS A CB  1 
ATOM   572  C CG  . LYS B 2 71  ? -14.707 -5.103  -2.342  1.00 13.49 ?  83  LYS A CG  1 
ATOM   573  C CD  . LYS B 2 71  ? -16.117 -4.680  -2.046  1.00 17.13 ?  83  LYS A CD  1 
ATOM   574  C CE  . LYS B 2 71  ? -16.690 -3.840  -3.158  1.00 19.76 ?  83  LYS A CE  1 
ATOM   575  N NZ  . LYS B 2 71  ? -18.138 -3.604  -2.949  1.00 23.74 ?  83  LYS A NZ  1 
ATOM   576  N N   . GLY B 2 72  ? -12.069 -4.413  1.713   1.00 8.42  ?  84  GLY A N   1 
ATOM   577  C CA  . GLY B 2 72  ? -11.430 -4.920  2.903   1.00 9.09  ?  84  GLY A CA  1 
ATOM   578  C C   . GLY B 2 72  ? -10.769 -6.261  2.678   1.00 9.47  ?  84  GLY A C   1 
ATOM   579  O O   . GLY B 2 72  ? -10.567 -7.030  3.633   1.00 10.90 ?  84  GLY A O   1 
ATOM   580  N N   . GLN B 2 73  ? -10.293 -6.551  1.468   1.00 8.75  ?  85  GLN A N   1 
ATOM   581  C CA  . GLN B 2 73  ? -9.567  -7.791  1.197   1.00 9.79  ?  85  GLN A CA  1 
ATOM   582  C C   . GLN B 2 73  ? -8.086  -7.631  1.495   1.00 11.39 ?  85  GLN A C   1 
ATOM   583  O O   . GLN B 2 73  ? -7.350  -8.615  1.582   1.00 16.24 ?  85  GLN A O   1 
ATOM   584  C CB  . GLN B 2 73  ? -9.706  -8.204  -0.249  1.00 9.53  ?  85  GLN A CB  1 
ATOM   585  C CG  . GLN B 2 73  ? -11.159 -8.460  -0.644  1.00 9.52  ?  85  GLN A CG  1 
ATOM   586  C CD  . GLN B 2 73  ? -11.326 -8.854  -2.092  1.00 9.55  ?  85  GLN A CD  1 
ATOM   587  O OE1 . GLN B 2 73  ? -10.387 -8.763  -2.897  1.00 10.04 ?  85  GLN A OE1 1 
ATOM   588  N NE2 . GLN B 2 73  ? -12.543 -9.273  -2.416  1.00 11.07 ?  85  GLN A NE2 1 
ATOM   589  N N   . VAL B 2 74  ? -7.645  -6.408  1.703   1.00 9.33  ?  86  VAL A N   1 
ATOM   590  C CA  . VAL B 2 74  ? -6.264  -6.041  1.972   1.00 9.77  ?  86  VAL A CA  1 
ATOM   591  C C   . VAL B 2 74  ? -6.320  -5.084  3.185   1.00 8.35  ?  86  VAL A C   1 
ATOM   592  O O   . VAL B 2 74  ? -7.382  -4.605  3.554   1.00 7.76  ?  86  VAL A O   1 
ATOM   593  C CB  . VAL B 2 74  ? -5.619  -5.364  0.744   1.00 10.07 ?  86  VAL A CB  1 
ATOM   594  C CG1 . VAL B 2 74  ? -5.469  -6.325  -0.426  1.00 12.19 ?  86  VAL A CG1 1 
ATOM   595  C CG2 . VAL B 2 74  ? -6.388  -4.138  0.308   1.00 9.44  ?  86  VAL A CG2 1 
ATOM   596  N N   . ILE B 2 75  ? -5.139  -4.746  3.712   1.00 8.17  ?  87  ILE A N   1 
ATOM   597  C CA  . ILE B 2 75  ? -5.066  -3.740  4.775   1.00 7.56  ?  87  ILE A CA  1 
ATOM   598  C C   . ILE B 2 75  ? -5.682  -2.412  4.333   1.00 6.99  ?  87  ILE A C   1 
ATOM   599  O O   . ILE B 2 75  ? -5.716  -2.034  3.159   1.00 6.90  ?  87  ILE A O   1 
ATOM   600  C CB  . ILE B 2 75  ? -3.641  -3.551  5.320   1.00 8.04  ?  87  ILE A CB  1 
ATOM   601  C CG1 . ILE B 2 75  ? -2.677  -3.054  4.228   1.00 9.27  ?  87  ILE A CG1 1 
ATOM   602  C CG2 . ILE B 2 75  ? -3.132  -4.831  5.990   1.00 8.95  ?  87  ILE A CG2 1 
ATOM   603  C CD1 . ILE B 2 75  ? -1.312  -2.649  4.776   1.00 9.51  ?  87  ILE A CD1 1 
ATOM   604  N N   . LYS B 2 76  ? -6.193  -1.691  5.302   1.00 7.04  ?  88  LYS A N   1 
ATOM   605  C CA  . LYS B 2 76  ? -6.868  -0.469  5.034   1.00 7.34  ?  88  LYS A CA  1 
ATOM   606  C C   . LYS B 2 76  ? -5.973  0.466   4.220   1.00 6.84  ?  88  LYS A C   1 
ATOM   607  O O   . LYS B 2 76  ? -6.470  1.155   3.314   1.00 7.26  ?  88  LYS A O   1 
ATOM   608  C CB  . LYS B 2 76  ? -7.337  0.210   6.317   1.00 9.74  ?  88  LYS A CB  1 
ATOM   609  C CG  . LYS B 2 76  ? -8.470  -0.471  7.069   1.00 11.90 ?  88  LYS A CG  1 
ATOM   610  C CD  . LYS B 2 76  ? -8.657  0.149   8.446   1.00 15.04 ?  88  LYS A CD  1 
ATOM   611  C CE  . LYS B 2 76  ? -9.846  -0.453  9.169   1.00 19.17 ?  88  LYS A CE  1 
ATOM   612  N NZ  . LYS B 2 76  ? -9.883  0.001   10.575  1.00 24.52 ?  88  LYS A NZ  1 
ATOM   613  N N   . ALA B 2 77  ? -4.693  0.560   4.552   1.00 6.32  ?  89  ALA A N   1 
ATOM   614  C CA  . ALA B 2 77  ? -3.778  1.480   3.851   1.00 6.65  ?  89  ALA A CA  1 
ATOM   615  C C   . ALA B 2 77  ? -3.796  1.216   2.355   1.00 6.70  ?  89  ALA A C   1 
ATOM   616  O O   . ALA B 2 77  ? -3.572  2.146   1.574   1.00 6.59  ?  89  ALA A O   1 
ATOM   617  C CB  . ALA B 2 77  ? -2.397  1.388   4.403   1.00 7.24  ?  89  ALA A CB  1 
ATOM   618  N N   . TRP B 2 78  ? -3.877  -0.058  1.965   1.00 6.18  ?  90  TRP A N   1 
ATOM   619  C CA  . TRP B 2 78  ? -3.876  -0.391  0.553   1.00 6.74  ?  90  TRP A CA  1 
ATOM   620  C C   . TRP B 2 78  ? -5.181  -0.011  -0.121  1.00 6.34  ?  90  TRP A C   1 
ATOM   621  O O   . TRP B 2 78  ? -5.189  0.497   -1.252  1.00 7.09  ?  90  TRP A O   1 
ATOM   622  C CB  . TRP B 2 78  ? -3.571  -1.856  0.310   1.00 7.22  ?  90  TRP A CB  1 
ATOM   623  C CG  . TRP B 2 78  ? -2.135  -2.250  0.403   1.00 8.23  ?  90  TRP A CG  1 
ATOM   624  C CD1 . TRP B 2 78  ? -1.143  -1.645  1.112   1.00 7.80  ?  90  TRP A CD1 1 
ATOM   625  C CD2 . TRP B 2 78  ? -1.558  -3.410  -0.205  1.00 10.23 ?  90  TRP A CD2 1 
ATOM   626  N NE1 . TRP B 2 78  ? 0.029   -2.333  0.973   1.00 8.41  ?  90  TRP A NE1 1 
ATOM   627  C CE2 . TRP B 2 78  ? -0.197  -3.426  0.165   1.00 10.52 ?  90  TRP A CE2 1 
ATOM   628  C CE3 . TRP B 2 78  ? -2.048  -4.433  -1.028  1.00 12.50 ?  90  TRP A CE3 1 
ATOM   629  C CZ2 . TRP B 2 78  ? 0.667   -4.466  -0.206  1.00 12.40 ?  90  TRP A CZ2 1 
ATOM   630  C CZ3 . TRP B 2 78  ? -1.197  -5.468  -1.363  1.00 15.04 ?  90  TRP A CZ3 1 
ATOM   631  C CH2 . TRP B 2 78  ? 0.138   -5.478  -0.975  1.00 14.55 ?  90  TRP A CH2 1 
ATOM   632  N N   . ASP B 2 79  ? -6.312  -0.276  0.523   1.00 5.92  ?  91  ASP A N   1 
ATOM   633  C CA  . ASP B 2 79  ? -7.590  0.178   -0.048  1.00 6.22  ?  91  ASP A CA  1 
ATOM   634  C C   . ASP B 2 79  ? -7.555  1.680   -0.229  1.00 6.79  ?  91  ASP A C   1 
ATOM   635  O O   . ASP B 2 79  ? -7.909  2.196   -1.291  1.00 7.39  ?  91  ASP A O   1 
ATOM   636  C CB  . ASP B 2 79  ? -8.778  -0.318  0.780   1.00 6.31  ?  91  ASP A CB  1 
ATOM   637  C CG  . ASP B 2 79  ? -9.385  -1.654  0.379   1.00 6.34  ?  91  ASP A CG  1 
ATOM   638  O OD1 . ASP B 2 79  ? -9.135  -2.104  -0.741  1.00 7.20  ?  91  ASP A OD1 1 
ATOM   639  O OD2 . ASP B 2 79  ? -10.197 -2.172  1.180   1.00 7.92  -1 91  ASP A OD2 1 
ATOM   640  N N   . ILE B 2 80  ? -7.133  2.428   0.769   1.00 6.60  ?  92  ILE A N   1 
ATOM   641  C CA  . ILE B 2 80  ? -7.109  3.891   0.700   1.00 7.03  ?  92  ILE A CA  1 
ATOM   642  C C   . ILE B 2 80  ? -6.069  4.327   -0.320  1.00 6.60  ?  92  ILE A C   1 
ATOM   643  O O   . ILE B 2 80  ? -6.359  5.183   -1.159  1.00 7.01  ?  92  ILE A O   1 
ATOM   644  C CB  . ILE B 2 80  ? -6.805  4.481   2.085   1.00 8.14  ?  92  ILE A CB  1 
ATOM   645  C CG1 . ILE B 2 80  ? -7.917  4.246   3.103   1.00 9.15  ?  92  ILE A CG1 1 
ATOM   646  C CG2 . ILE B 2 80  ? -6.454  5.961   1.977   1.00 9.63  ?  92  ILE A CG2 1 
ATOM   647  C CD1 . ILE B 2 80  ? -7.442  4.417   4.550   1.00 9.44  ?  92  ILE A CD1 1 
ATOM   648  N N   . GLY B 2 81  ? -4.887  3.739   -0.299  1.00 5.75  ?  93  GLY A N   1 
ATOM   649  C CA  . GLY B 2 81  ? -3.824  4.213   -1.153  1.00 5.79  ?  93  GLY A CA  1 
ATOM   650  C C   . GLY B 2 81  ? -4.029  3.885   -2.607  1.00 6.01  ?  93  GLY A C   1 
ATOM   651  O O   . GLY B 2 81  ? -3.786  4.734   -3.485  1.00 5.35  ?  93  GLY A O   1 
ATOM   652  N N   . VAL B 2 82  ? -4.361  2.648   -2.920  1.00 5.70  ?  94  VAL A N   1 
ATOM   653  C CA  . VAL B 2 82  ? -4.570  2.287   -4.331  1.00 5.63  ?  94  VAL A CA  1 
ATOM   654  C C   . VAL B 2 82  ? -5.712  3.097   -4.930  1.00 5.94  ?  94  VAL A C   1 
ATOM   655  O O   . VAL B 2 82  ? -5.683  3.418   -6.120  1.00 6.17  ?  94  VAL A O   1 
ATOM   656  C CB  . VAL B 2 82  ? -4.705  0.777   -4.482  1.00 5.89  ?  94  VAL A CB  1 
ATOM   657  C CG1 . VAL B 2 82  ? -5.117  0.388   -5.905  1.00 6.76  ?  94  VAL A CG1 1 
ATOM   658  C CG2 . VAL B 2 82  ? -3.421  0.052   -4.100  1.00 6.45  ?  94  VAL A CG2 1 
ATOM   659  N N   . ALA B 2 83  ? -6.741  3.426   -4.139  1.00 5.41  ?  95  ALA A N   1 
ATOM   660  C CA  . ALA B 2 83  ? -7.826  4.217   -4.650  1.00 5.50  ?  95  ALA A CA  1 
ATOM   661  C C   . ALA B 2 83  ? -7.373  5.587   -5.134  1.00 6.73  ?  95  ALA A C   1 
ATOM   662  O O   . ALA B 2 83  ? -8.096  6.238   -5.898  1.00 8.41  ?  95  ALA A O   1 
ATOM   663  C CB  . ALA B 2 83  ? -8.873  4.335   -3.588  1.00 5.68  ?  95  ALA A CB  1 
ATOM   664  N N   . THR B 2 84  ? -6.246  6.091   -4.672  1.00 5.61  ?  96  THR A N   1 
ATOM   665  C CA  . THR B 2 84  ? -5.704  7.391   -5.127  1.00 5.49  ?  96  THR A CA  1 
ATOM   666  C C   . THR B 2 84  ? -4.834  7.287   -6.367  1.00 5.52  ?  96  THR A C   1 
ATOM   667  O O   . THR B 2 84  ? -4.414  8.330   -6.847  1.00 6.69  ?  96  THR A O   1 
ATOM   668  C CB  . THR B 2 84  ? -4.896  8.104   -4.025  1.00 5.69  ?  96  THR A CB  1 
ATOM   669  O OG1 . THR B 2 84  ? -3.668  7.390   -3.825  1.00 5.56  ?  96  THR A OG1 1 
ATOM   670  C CG2 . THR B 2 84  ? -5.661  8.249   -2.740  1.00 5.63  ?  96  THR A CG2 1 
ATOM   671  N N   . MET B 2 85  ? -4.524  6.102   -6.853  1.00 5.47  ?  97  MET A N   1 
ATOM   672  C CA  . MET B 2 85  ? -3.503  5.923   -7.888  1.00 5.49  ?  97  MET A CA  1 
ATOM   673  C C   . MET B 2 85  ? -4.130  5.894   -9.277  1.00 6.07  ?  97  MET A C   1 
ATOM   674  O O   . MET B 2 85  ? -5.219  5.383   -9.492  1.00 6.80  ?  97  MET A O   1 
ATOM   675  C CB  . MET B 2 85  ? -2.761  4.606   -7.656  1.00 5.50  ?  97  MET A CB  1 
ATOM   676  C CG  . MET B 2 85  ? -1.983  4.551   -6.347  1.00 5.33  ?  97  MET A CG  1 
ATOM   677  S SD  . MET B 2 85  ? -1.084  3.019   -6.105  1.00 5.99  ?  97  MET A SD  1 
ATOM   678  C CE  . MET B 2 85  ? 0.190   3.245   -7.346  1.00 5.98  ?  97  MET A CE  1 
ATOM   679  N N   . LYS B 2 86  ? -3.344  6.383   -10.245 1.00 6.24  ?  98  LYS A N   1 
ATOM   680  C CA  . LYS B 2 86  ? -3.634  6.188   -11.662 1.00 6.97  ?  98  LYS A CA  1 
ATOM   681  C C   . LYS B 2 86  ? -2.916  4.957   -12.199 1.00 6.99  ?  98  LYS A C   1 
ATOM   682  O O   . LYS B 2 86  ? -1.933  4.467   -11.665 1.00 6.68  ?  98  LYS A O   1 
ATOM   683  C CB  . LYS B 2 86  ? -3.201  7.419   -12.444 1.00 9.00  ?  98  LYS A CB  1 
ATOM   684  C CG  . LYS B 2 86  ? -4.072  8.627   -12.199 1.00 12.58 ?  98  LYS A CG  1 
ATOM   685  C CD  . LYS B 2 86  ? -3.657  9.500   -11.140 1.00 16.50 ?  98  LYS A CD  1 
ATOM   686  C CE  . LYS B 2 86  ? -4.183  10.907  -11.353 1.00 18.05 ?  98  LYS A CE  1 
ATOM   687  N NZ  . LYS B 2 86  ? -3.758  11.662  -10.176 1.00 17.90 ?  98  LYS A NZ  1 
ATOM   688  N N   . LYS B 2 87  ? -3.464  4.438   -13.301 1.00 6.68  ?  99  LYS A N   1 
ATOM   689  C CA  . LYS B 2 87  ? -2.822  3.312   -13.991 1.00 7.31  ?  99  LYS A CA  1 
ATOM   690  C C   . LYS B 2 87  ? -1.400  3.741   -14.353 1.00 6.69  ?  99  LYS A C   1 
ATOM   691  O O   . LYS B 2 87  ? -1.134  4.803   -14.927 1.00 6.85  ?  99  LYS A O   1 
ATOM   692  C CB  . LYS B 2 87  ? -3.580  2.916   -15.254 1.00 8.01  ?  99  LYS A CB  1 
ATOM   693  C CG  . LYS B 2 87  ? -2.963  1.738   -15.987 1.00 9.60  ?  99  LYS A CG  1 
ATOM   694  C CD  . LYS B 2 87  ? -3.858  1.170   -17.090 1.00 10.89 ?  99  LYS A CD  1 
ATOM   695  C CE  . LYS B 2 87  ? -3.130  0.005   -17.740 1.00 12.32 ?  99  LYS A CE  1 
ATOM   696  N NZ  . LYS B 2 87  ? -4.009  -0.620  -18.772 1.00 16.71 ?  99  LYS A NZ  1 
ATOM   697  N N   . GLY B 2 88  ? -0.438  2.865   -14.064 1.00 6.15  ?  100 GLY A N   1 
ATOM   698  C CA  . GLY B 2 88  ? 0.948   3.138   -14.376 1.00 6.50  ?  100 GLY A CA  1 
ATOM   699  C C   . GLY B 2 88  ? 1.683   3.880   -13.260 1.00 6.71  ?  100 GLY A C   1 
ATOM   700  O O   . GLY B 2 88  ? 2.867   4.083   -13.357 1.00 7.14  ?  100 GLY A O   1 
ATOM   701  N N   . GLU B 2 89  ? 0.989   4.344   -12.224 1.00 5.71  ?  101 GLU A N   1 
ATOM   702  C CA  . GLU B 2 89  ? 1.619   5.116   -11.147 1.00 5.22  ?  101 GLU A CA  1 
ATOM   703  C C   . GLU B 2 89  ? 2.416   4.167   -10.279 1.00 5.38  ?  101 GLU A C   1 
ATOM   704  O O   . GLU B 2 89  ? 2.006   3.023   -10.018 1.00 5.28  ?  101 GLU A O   1 
ATOM   705  C CB  . GLU B 2 89  ? 0.526   5.805   -10.331 1.00 5.36  ?  101 GLU A CB  1 
ATOM   706  C CG  . GLU B 2 89  ? 1.054   6.637   -9.168  1.00 5.74  ?  101 GLU A CG  1 
ATOM   707  C CD  . GLU B 2 89  ? -0.076  7.338   -8.450  1.00 6.23  ?  101 GLU A CD  1 
ATOM   708  O OE1 . GLU B 2 89  ? -1.002  7.845   -9.129  1.00 6.42  ?  101 GLU A OE1 1 
ATOM   709  O OE2 . GLU B 2 89  ? -0.077  7.240   -7.236  1.00 9.30  -1 101 GLU A OE2 1 
ATOM   710  N N   . ILE B 2 90  ? 3.520   4.699   -9.749  1.00 5.22  ?  102 ILE A N   1 
ATOM   711  C CA  . ILE B 2 90  ? 4.259   4.063   -8.622  1.00 5.37  ?  102 ILE A CA  1 
ATOM   712  C C   . ILE B 2 90  ? 4.229   5.036   -7.466  1.00 5.17  ?  102 ILE A C   1 
ATOM   713  O O   . ILE B 2 90  ? 4.515   6.219   -7.636  1.00 5.35  ?  102 ILE A O   1 
ATOM   714  C CB  . ILE B 2 90  ? 5.707   3.714   -9.002  1.00 6.01  ?  102 ILE A CB  1 
ATOM   715  C CG1 . ILE B 2 90  ? 5.676   2.773   -10.208 1.00 6.70  ?  102 ILE A CG1 1 
ATOM   716  C CG2 . ILE B 2 90  ? 6.425   3.117   -7.789  1.00 6.31  ?  102 ILE A CG2 1 
ATOM   717  C CD1 . ILE B 2 90  ? 7.104   2.460   -10.719 1.00 7.64  ?  102 ILE A CD1 1 
ATOM   718  N N   . CYS B 2 91  ? 3.861   4.562   -6.273  1.00 5.25  ?  103 CYS A N   1 
ATOM   719  C CA  . CYS B 2 91  ? 3.905   5.414   -5.076  1.00 5.43  ?  103 CYS A CA  1 
ATOM   720  C C   . CYS B 2 91  ? 4.574   4.689   -3.933  1.00 4.71  ?  103 CYS A C   1 
ATOM   721  O O   . CYS B 2 91  ? 4.795   3.466   -3.984  1.00 5.01  ?  103 CYS A O   1 
ATOM   722  C CB  . CYS B 2 91  ? 2.509   5.881   -4.684  1.00 5.17  ?  103 CYS A CB  1 
ATOM   723  S SG  . CYS B 2 91  ? 1.494   4.678   -3.801  1.00 6.39  ?  103 CYS A SG  1 
ATOM   724  N N   . HIS B 2 92  ? 4.922   5.487   -2.925  1.00 4.42  ?  104 HIS A N   1 
ATOM   725  C CA  . HIS B 2 92  ? 5.353   5.005   -1.610  1.00 4.96  ?  104 HIS A CA  1 
ATOM   726  C C   . HIS B 2 92  ? 4.273   5.327   -0.620  1.00 5.21  ?  104 HIS A C   1 
ATOM   727  O O   . HIS B 2 92  ? 3.697   6.409   -0.623  1.00 5.69  ?  104 HIS A O   1 
ATOM   728  C CB  . HIS B 2 92  ? 6.646   5.655   -1.170  1.00 5.23  ?  104 HIS A CB  1 
ATOM   729  C CG  . HIS B 2 92  ? 7.810   5.183   -1.936  1.00 5.08  ?  104 HIS A CG  1 
ATOM   730  N ND1 . HIS B 2 92  ? 9.092   5.689   -1.742  1.00 5.52  ?  104 HIS A ND1 1 
ATOM   731  C CD2 . HIS B 2 92  ? 7.901   4.195   -2.854  1.00 5.64  ?  104 HIS A CD2 1 
ATOM   732  C CE1 . HIS B 2 92  ? 9.905   5.006   -2.495  1.00 5.90  ?  104 HIS A CE1 1 
ATOM   733  N NE2 . HIS B 2 92  ? 9.231   4.107   -3.204  1.00 6.19  ?  104 HIS A NE2 1 
ATOM   734  N N   . LEU B 2 93  ? 3.955   4.351   0.232   1.00 5.23  ?  105 LEU A N   1 
ATOM   735  C CA  . LEU B 2 93  ? 3.003   4.468   1.350   1.00 6.07  ?  105 LEU A CA  1 
ATOM   736  C C   . LEU B 2 93  ? 3.657   4.152   2.677   1.00 6.10  ?  105 LEU A C   1 
ATOM   737  O O   . LEU B 2 93  ? 4.386   3.159   2.783   1.00 7.19  ?  105 LEU A O   1 
ATOM   738  C CB  . LEU B 2 93  ? 1.813   3.526   1.188   1.00 7.03  ?  105 LEU A CB  1 
ATOM   739  C CG  . LEU B 2 93  ? 0.940   3.717   -0.037  1.00 7.12  ?  105 LEU A CG  1 
ATOM   740  C CD1 . LEU B 2 93  ? -0.108  2.627   -0.079  1.00 8.48  ?  105 LEU A CD1 1 
ATOM   741  C CD2 . LEU B 2 93  ? 0.246   5.069   -0.059  1.00 6.91  ?  105 LEU A CD2 1 
ATOM   742  N N   . LEU B 2 94  ? 3.448   4.988   3.672   1.00 5.73  ?  106 LEU A N   1 
ATOM   743  C CA  . LEU B 2 94  ? 3.909   4.771   5.032   1.00 6.05  ?  106 LEU A CA  1 
ATOM   744  C C   . LEU B 2 94  ? 2.675   4.635   5.903   1.00 6.57  ?  106 LEU A C   1 
ATOM   745  O O   . LEU B 2 94  ? 1.884   5.578   5.969   1.00 7.35  ?  106 LEU A O   1 
ATOM   746  C CB  . LEU B 2 94  ? 4.787   5.947   5.425   1.00 7.17  ?  106 LEU A CB  1 
ATOM   747  C CG  . LEU B 2 94  ? 5.695   5.828   6.663   1.00 8.74  ?  106 LEU A CG  1 
ATOM   748  C CD1 . LEU B 2 94  ? 4.950   5.912   7.942   1.00 9.10  ?  106 LEU A CD1 1 
ATOM   749  C CD2 . LEU B 2 94  ? 6.527   4.571   6.617   1.00 7.73  ?  106 LEU A CD2 1 
ATOM   750  N N   . CYS B 2 95  ? 2.455   3.450   6.451   1.00 6.09  ?  107 CYS A N   1 
ATOM   751  C CA  . CYS B 2 95  ? 1.210   2.977   7.014   1.00 6.89  ?  107 CYS A CA  1 
ATOM   752  C C   . CYS B 2 95  ? 1.385   2.772   8.529   1.00 6.82  ?  107 CYS A C   1 
ATOM   753  O O   . CYS B 2 95  ? 2.116   1.861   8.926   1.00 7.01  ?  107 CYS A O   1 
ATOM   754  C CB  . CYS B 2 95  ? 0.872   1.645   6.324   1.00 8.24  ?  107 CYS A CB  1 
ATOM   755  S SG  . CYS B 2 95  ? 0.889   1.746   4.513   1.00 9.90  ?  107 CYS A SG  1 
ATOM   756  N N   . LYS B 2 96  ? 0.661   3.518   9.336   1.00 6.31  ?  108 LYS A N   1 
ATOM   757  C CA  . LYS B 2 96  ? 0.664   3.251   10.786  1.00 6.67  ?  108 LYS A CA  1 
ATOM   758  C C   . LYS B 2 96  ? -0.153  1.994   11.046  1.00 6.00  ?  108 LYS A C   1 
ATOM   759  O O   . LYS B 2 96  ? -0.974  1.553   10.210  1.00 6.03  ?  108 LYS A O   1 
ATOM   760  C CB  . LYS B 2 96  ? 0.119   4.469   11.510  1.00 6.89  ?  108 LYS A CB  1 
ATOM   761  C CG  . LYS B 2 96  ? 0.923   5.757   11.316  1.00 7.74  ?  108 LYS A CG  1 
ATOM   762  C CD  . LYS B 2 96  ? 2.419   5.628   11.550  1.00 8.50  ?  108 LYS A CD  1 
ATOM   763  C CE  . LYS B 2 96  ? 2.770   5.521   13.017  1.00 8.76  ?  108 LYS A CE  1 
ATOM   764  N NZ  . LYS B 2 96  ? 4.221   5.345   13.230  1.00 8.80  ?  108 LYS A NZ  1 
ATOM   765  N N   . PRO B 2 97  ? 0.063   1.315   12.203  1.00 6.41  ?  109 PRO A N   1 
ATOM   766  C CA  . PRO B 2 97  ? -0.564  0.008   12.405  1.00 6.30  ?  109 PRO A CA  1 
ATOM   767  C C   . PRO B 2 97  ? -2.097  0.034   12.398  1.00 6.71  ?  109 PRO A C   1 
ATOM   768  O O   . PRO B 2 97  ? -2.691  -0.986  12.033  1.00 6.74  ?  109 PRO A O   1 
ATOM   769  C CB  . PRO B 2 97  ? 0.007   -0.506  13.754  1.00 7.02  ?  109 PRO A CB  1 
ATOM   770  C CG  . PRO B 2 97  ? 0.748   0.676   14.379  1.00 8.06  ?  109 PRO A CG  1 
ATOM   771  C CD  . PRO B 2 97  ? 1.050   1.637   13.249  1.00 6.90  ?  109 PRO A CD  1 
ATOM   772  N N   . GLU B 2 98  ? -2.711  1.155   12.728  1.00 6.50  ?  110 GLU A N   1 
ATOM   773  C CA  . GLU B 2 98  ? -4.185  1.273   12.690  1.00 7.11  ?  110 GLU A CA  1 
ATOM   774  C C   . GLU B 2 98  ? -4.712  1.099   11.251  1.00 7.52  ?  110 GLU A C   1 
ATOM   775  O O   . GLU B 2 98  ? -5.899  0.866   11.058  1.00 9.04  ?  110 GLU A O   1 
ATOM   776  C CB  . GLU B 2 98  ? -4.651  2.614   13.246  1.00 7.79  ?  110 GLU A CB  1 
ATOM   777  C CG  . GLU B 2 98  ? -4.363  2.779   14.732  1.00 8.94  ?  110 GLU A CG  1 
ATOM   778  C CD  . GLU B 2 98  ? -2.928  3.113   15.110  1.00 10.14 ?  110 GLU A CD  1 
ATOM   779  O OE1 . GLU B 2 98  ? -2.098  3.512   14.248  1.00 8.80  ?  110 GLU A OE1 1 
ATOM   780  O OE2 . GLU B 2 98  ? -2.604  3.025   16.311  1.00 12.50 -1 110 GLU A OE2 1 
ATOM   781  N N   . TYR B 2 99  ? -3.843  1.289   10.253  1.00 6.66  ?  111 TYR A N   1 
ATOM   782  C CA  . TYR B 2 99  ? -4.248  1.094   8.849   1.00 6.34  ?  111 TYR A CA  1 
ATOM   783  C C   . TYR B 2 99  ? -3.560  -0.136  8.275   1.00 6.58  ?  111 TYR A C   1 
ATOM   784  O O   . TYR B 2 99  ? -3.544  -0.356  7.025   1.00 7.38  ?  111 TYR A O   1 
ATOM   785  C CB  . TYR B 2 99  ? -3.943  2.355   8.026   1.00 6.16  ?  111 TYR A CB  1 
ATOM   786  C CG  . TYR B 2 99  ? -4.818  3.507   8.441   1.00 6.61  ?  111 TYR A CG  1 
ATOM   787  C CD1 . TYR B 2 99  ? -4.490  4.340   9.486   1.00 6.32  ?  111 TYR A CD1 1 
ATOM   788  C CD2 . TYR B 2 99  ? -5.994  3.759   7.771   1.00 7.37  ?  111 TYR A CD2 1 
ATOM   789  C CE1 . TYR B 2 99  ? -5.302  5.397   9.861   1.00 7.79  ?  111 TYR A CE1 1 
ATOM   790  C CE2 . TYR B 2 99  ? -6.827  4.813   8.140   1.00 7.84  ?  111 TYR A CE2 1 
ATOM   791  C CZ  . TYR B 2 99  ? -6.476  5.634   9.189   1.00 7.88  ?  111 TYR A CZ  1 
ATOM   792  O OH  . TYR B 2 99  ? -7.293  6.675   9.533   1.00 9.60  ?  111 TYR A OH  1 
ATOM   793  N N   . ALA B 2 100 ? -3.003  -0.989  9.127   1.00 7.00  ?  112 ALA A N   1 
ATOM   794  C CA  . ALA B 2 100 ? -2.349  -2.232  8.701   1.00 7.66  ?  112 ALA A CA  1 
ATOM   795  C C   . ALA B 2 100 ? -2.832  -3.358  9.618   1.00 8.04  ?  112 ALA A C   1 
ATOM   796  O O   . ALA B 2 100 ? -4.007  -3.692  9.631   1.00 8.98  ?  112 ALA A O   1 
ATOM   797  C CB  . ALA B 2 100 ? -0.846  -2.035  8.624   1.00 7.15  ?  112 ALA A CB  1 
ATOM   798  N N   . TYR B 2 101 ? -1.929  -3.913  10.443  1.00 7.44  ?  113 TYR A N   1 
ATOM   799  C CA  . TYR B 2 101 ? -2.291  -5.116  11.186  1.00 8.01  ?  113 TYR A CA  1 
ATOM   800  C C   . TYR B 2 101 ? -2.410  -4.832  12.668  1.00 7.56  ?  113 TYR A C   1 
ATOM   801  O O   . TYR B 2 101 ? -2.567  -5.763  13.510  1.00 8.04  ?  113 TYR A O   1 
ATOM   802  C CB  . TYR B 2 101 ? -1.276  -6.226  10.938  1.00 9.12  ?  113 TYR A CB  1 
ATOM   803  C CG  . TYR B 2 101 ? -1.328  -6.746  9.528   1.00 9.96  ?  113 TYR A CG  1 
ATOM   804  C CD1 . TYR B 2 101 ? -2.313  -7.648  9.207   1.00 11.81 ?  113 TYR A CD1 1 
ATOM   805  C CD2 . TYR B 2 101 ? -0.475  -6.312  8.533   1.00 10.88 ?  113 TYR A CD2 1 
ATOM   806  C CE1 . TYR B 2 101 ? -2.439  -8.103  7.906   1.00 12.94 ?  113 TYR A CE1 1 
ATOM   807  C CE2 . TYR B 2 101 ? -0.581  -6.774  7.218   1.00 12.24 ?  113 TYR A CE2 1 
ATOM   808  C CZ  . TYR B 2 101 ? -1.572  -7.681  6.946   1.00 13.28 ?  113 TYR A CZ  1 
ATOM   809  O OH  . TYR B 2 101 ? -1.743  -8.180  5.681   1.00 19.03 ?  113 TYR A OH  1 
ATOM   810  N N   . GLY B 2 102 ? -2.395  -3.580  13.090  1.00 7.05  ?  114 GLY A N   1 
ATOM   811  C CA  . GLY B 2 102 ? -2.764  -3.234  14.453  1.00 7.01  ?  114 GLY A CA  1 
ATOM   812  C C   . GLY B 2 102 ? -1.888  -3.904  15.480  1.00 6.56  ?  114 GLY A C   1 
ATOM   813  O O   . GLY B 2 102 ? -0.686  -4.157  15.289  1.00 7.45  ?  114 GLY A O   1 
ATOM   814  N N   . SER B 2 103 ? -2.502  -4.141  16.636  1.00 6.76  ?  115 SER A N   1 
ATOM   815  C CA  . SER B 2 103 ? -1.832  -4.867  17.742  1.00 6.98  ?  115 SER A CA  1 
ATOM   816  C C   . SER B 2 103 ? -1.694  -6.346  17.430  1.00 7.09  ?  115 SER A C   1 
ATOM   817  O O   . SER B 2 103 ? -0.827  -7.027  18.014  1.00 6.80  ?  115 SER A O   1 
ATOM   818  C CB  . SER B 2 103 ? -2.573  -4.658  19.037  1.00 7.68  ?  115 SER A CB  1 
ATOM   819  O OG  . SER B 2 103 ? -3.958  -4.899  18.940  1.00 8.66  ?  115 SER A OG  1 
ATOM   820  N N   . ALA B 2 104 ? -2.463  -6.911  16.521  1.00 7.39  ?  116 ALA A N   1 
ATOM   821  C CA  . ALA B 2 104 ? -2.397  -8.336  16.270  1.00 7.94  ?  116 ALA A CA  1 
ATOM   822  C C   . ALA B 2 104 ? -1.101  -8.675  15.567  1.00 8.43  ?  116 ALA A C   1 
ATOM   823  O O   . ALA B 2 104 ? -0.480  -9.733  15.833  1.00 9.50  ?  116 ALA A O   1 
ATOM   824  C CB  . ALA B 2 104 ? -3.564  -8.790  15.424  1.00 8.61  ?  116 ALA A CB  1 
ATOM   825  N N   . GLY B 2 105 ? -0.619  -7.821  14.646  1.00 8.23  ?  117 GLY A N   1 
ATOM   826  C CA  . GLY B 2 105 ? 0.417   -8.283  13.720  1.00 8.88  ?  117 GLY A CA  1 
ATOM   827  C C   . GLY B 2 105 ? -0.072  -9.318  12.733  1.00 8.32  ?  117 GLY A C   1 
ATOM   828  O O   . GLY B 2 105 ? -1.266  -9.551  12.616  1.00 9.67  ?  117 GLY A O   1 
ATOM   829  N N   . SER B 2 106 ? 0.896   -9.932  12.027  1.00 8.95  ?  118 SER A N   1 
ATOM   830  C CA  . SER B 2 106 ? 0.557   -10.963 11.023  1.00 10.20 ?  118 SER A CA  1 
ATOM   831  C C   . SER B 2 106 ? 1.783   -11.868 10.902  1.00 11.04 ?  118 SER A C   1 
ATOM   832  O O   . SER B 2 106 ? 2.809   -11.451 10.394  1.00 11.33 ?  118 SER A O   1 
ATOM   833  C CB  . SER B 2 106 ? 0.214   -10.322 9.699   1.00 10.41 ?  118 SER A CB  1 
ATOM   834  O OG  . SER B 2 106 ? -0.215  -11.326 8.773   1.00 13.47 ?  118 SER A OG  1 
ATOM   835  N N   . LEU B 2 107 ? 1.638   -13.111 11.375  1.00 16.02 ?  119 LEU A N   1 
ATOM   836  C CA  . LEU B 2 107 ? 2.706   -14.129 11.254  1.00 17.76 ?  119 LEU A CA  1 
ATOM   837  C C   . LEU B 2 107 ? 2.961   -14.435 9.776   1.00 18.31 ?  119 LEU A C   1 
ATOM   838  O O   . LEU B 2 107 ? 2.018   -14.442 8.981   1.00 19.82 ?  119 LEU A O   1 
ATOM   839  C CB  . LEU B 2 107 ? 2.307   -15.396 12.021  1.00 21.14 ?  119 LEU A CB  1 
ATOM   840  N N   . PRO B 2 108 ? 4.218   -14.703 9.339   1.00 17.57 ?  120 PRO A N   1 
ATOM   841  C CA  . PRO B 2 108 ? 5.398   -14.772 10.196  1.00 19.15 ?  120 PRO A CA  1 
ATOM   842  C C   . PRO B 2 108 ? 6.169   -13.479 10.471  1.00 17.09 ?  120 PRO A C   1 
ATOM   843  O O   . PRO B 2 108 ? 6.895   -13.441 11.436  1.00 23.43 ?  120 PRO A O   1 
ATOM   844  C CB  . PRO B 2 108 ? 6.359   -15.700 9.410   1.00 19.26 ?  120 PRO A CB  1 
ATOM   845  C CG  . PRO B 2 108 ? 6.002   -15.442 7.977   1.00 20.89 ?  120 PRO A CG  1 
ATOM   846  C CD  . PRO B 2 108 ? 4.502   -15.181 7.975   1.00 20.14 ?  120 PRO A CD  1 
ATOM   847  N N   . LYS B 2 109 ? 6.055   -12.451 9.616   1.00 16.25 ?  121 LYS A N   1 
ATOM   848  C CA  . LYS B 2 109 ? 7.032   -11.387 9.557   1.00 17.75 ?  121 LYS A CA  1 
ATOM   849  C C   . LYS B 2 109 ? 6.583   -10.123 10.294  1.00 14.45 ?  121 LYS A C   1 
ATOM   850  O O   . LYS B 2 109 ? 7.449   -9.319  10.665  1.00 16.13 ?  121 LYS A O   1 
ATOM   851  C CB  . LYS B 2 109 ? 7.347   -11.006 8.104   1.00 19.89 ?  121 LYS A CB  1 
ATOM   852  N N   . ILE B 2 110 ? 5.258   -9.895  10.462  1.00 12.13 ?  122 ILE A N   1 
ATOM   853  C CA  . ILE B 2 110 ? 4.824   -8.545  10.853  1.00 9.98  ?  122 ILE A CA  1 
ATOM   854  C C   . ILE B 2 110 ? 4.532   -8.552  12.348  1.00 7.39  ?  122 ILE A C   1 
ATOM   855  O O   . ILE B 2 110 ? 3.570   -9.226  12.777  1.00 7.80  ?  122 ILE A O   1 
ATOM   856  C CB  . ILE B 2 110 ? 3.621   -8.056  10.044  1.00 10.07 ?  122 ILE A CB  1 
ATOM   857  C CG1 . ILE B 2 110 ? 3.972   -8.058  8.550   1.00 11.10 ?  122 ILE A CG1 1 
ATOM   858  C CG2 . ILE B 2 110 ? 3.163   -6.673  10.504  1.00 9.71  ?  122 ILE A CG2 1 
ATOM   859  C CD1 . ILE B 2 110 ? 2.812   -7.722  7.635   1.00 11.79 ?  122 ILE A CD1 1 
ATOM   860  N N   . PRO B 2 111 ? 5.304   -7.799  13.134  1.00 7.36  ?  123 PRO A N   1 
ATOM   861  C CA  . PRO B 2 111 ? 5.089   -7.763  14.582  1.00 7.68  ?  123 PRO A CA  1 
ATOM   862  C C   . PRO B 2 111 ? 3.850   -6.950  14.921  1.00 7.15  ?  123 PRO A C   1 
ATOM   863  O O   . PRO B 2 111 ? 3.270   -6.239  14.123  1.00 7.34  ?  123 PRO A O   1 
ATOM   864  C CB  . PRO B 2 111 ? 6.338   -7.137  15.165  1.00 9.16  ?  123 PRO A CB  1 
ATOM   865  C CG  . PRO B 2 111 ? 6.876   -6.309  14.049  1.00 9.88  ?  123 PRO A CG  1 
ATOM   866  C CD  . PRO B 2 111 ? 6.431   -6.952  12.740  1.00 8.81  ?  123 PRO A CD  1 
ATOM   867  N N   . SER B 2 112 ? 3.452   -7.054  16.187  1.00 6.77  ?  124 SER A N   1 
ATOM   868  C CA  . SER B 2 112 ? 2.459   -6.166  16.786  1.00 7.09  ?  124 SER A CA  1 
ATOM   869  C C   . SER B 2 112 ? 2.884   -4.703  16.607  1.00 6.74  ?  124 SER A C   1 
ATOM   870  O O   . SER B 2 112 ? 4.055   -4.375  16.766  1.00 7.84  ?  124 SER A O   1 
ATOM   871  C CB  . SER B 2 112 ? 2.341   -6.528  18.287  1.00 7.03  ?  124 SER A CB  1 
ATOM   872  O OG  . SER B 2 112 ? 1.351   -5.740  18.898  1.00 7.11  ?  124 SER A OG  1 
ATOM   873  N N   . ASN B 2 113 ? 1.904   -3.842  16.380  1.00 6.01  ?  125 ASN A N   1 
ATOM   874  C CA  . ASN B 2 113 ? 2.079   -2.389  16.415  1.00 6.63  ?  125 ASN A CA  1 
ATOM   875  C C   . ASN B 2 113 ? 3.145   -1.934  15.392  1.00 6.95  ?  125 ASN A C   1 
ATOM   876  O O   . ASN B 2 113 ? 3.872   -0.990  15.600  1.00 8.07  ?  125 ASN A O   1 
ATOM   877  C CB  . ASN B 2 113 ? 2.475   -1.908  17.806  1.00 7.10  ?  125 ASN A CB  1 
ATOM   878  C CG  . ASN B 2 113 ? 1.446   -2.244  18.857  1.00 8.88  ?  125 ASN A CG  1 
ATOM   879  O OD1 . ASN B 2 113 ? 0.267   -2.311  18.591  1.00 10.04 ?  125 ASN A OD1 1 
ATOM   880  N ND2 . ASN B 2 113 ? 1.923   -2.487  20.076  1.00 12.13 ?  125 ASN A ND2 1 
ATOM   881  N N   . ALA B 2 114 ? 3.081   -2.521  14.208  1.00 6.79  ?  126 ALA A N   1 
ATOM   882  C CA  . ALA B 2 114 ? 4.122   -2.283  13.177  1.00 6.56  ?  126 ALA A CA  1 
ATOM   883  C C   . ALA B 2 114 ? 3.685   -1.180  12.210  1.00 6.37  ?  126 ALA A C   1 
ATOM   884  O O   . ALA B 2 114 ? 2.634   -1.258  11.545  1.00 6.91  ?  126 ALA A O   1 
ATOM   885  C CB  . ALA B 2 114 ? 4.362   -3.534  12.381  1.00 6.60  ?  126 ALA A CB  1 
ATOM   886  N N   . THR B 2 115 ? 4.545   -0.185  12.072  1.00 6.01  ?  127 THR A N   1 
ATOM   887  C CA  . THR B 2 115 ? 4.475   0.787   10.942  1.00 6.32  ?  127 THR A CA  1 
ATOM   888  C C   . THR B 2 115 ? 5.163   0.159   9.729   1.00 7.01  ?  127 THR A C   1 
ATOM   889  O O   . THR B 2 115 ? 6.260   -0.389  9.861   1.00 7.40  ?  127 THR A O   1 
ATOM   890  C CB  . THR B 2 115 ? 5.110   2.103   11.393  1.00 7.12  ?  127 THR A CB  1 
ATOM   891  O OG1 . THR B 2 115 ? 4.294   2.687   12.381  1.00 6.99  ?  127 THR A OG1 1 
ATOM   892  C CG2 . THR B 2 115 ? 5.217   3.082   10.231  1.00 7.53  ?  127 THR A CG2 1 
ATOM   893  N N   . LEU B 2 116 ? 4.485   0.170   8.579   1.00 6.54  ?  128 LEU A N   1 
ATOM   894  C CA  . LEU B 2 116 ? 4.958   -0.492  7.351   1.00 7.37  ?  128 LEU A CA  1 
ATOM   895  C C   . LEU B 2 116 ? 5.224   0.516   6.235   1.00 6.00  ?  128 LEU A C   1 
ATOM   896  O O   . LEU B 2 116 ? 4.485   1.507   6.095   1.00 6.17  ?  128 LEU A O   1 
ATOM   897  C CB  . LEU B 2 116 ? 3.947   -1.525  6.882   1.00 7.75  ?  128 LEU A CB  1 
ATOM   898  C CG  . LEU B 2 116 ? 3.456   -2.536  7.933   1.00 8.84  ?  128 LEU A CG  1 
ATOM   899  C CD1 . LEU B 2 116 ? 2.413   -3.457  7.350   1.00 9.77  ?  128 LEU A CD1 1 
ATOM   900  C CD2 . LEU B 2 116 ? 4.613   -3.357  8.464   1.00 9.36  ?  128 LEU A CD2 1 
ATOM   901  N N   . PHE B 2 117 ? 6.210   0.184   5.414   1.00 5.91  ?  129 PHE A N   1 
ATOM   902  C CA  . PHE B 2 117 ? 6.532   0.924   4.220   1.00 5.50  ?  129 PHE A CA  1 
ATOM   903  C C   . PHE B 2 117 ? 6.232   0.041   3.020   1.00 5.34  ?  129 PHE A C   1 
ATOM   904  O O   . PHE B 2 117 ? 6.643   -1.114  2.980   1.00 6.08  ?  129 PHE A O   1 
ATOM   905  C CB  . PHE B 2 117 ? 8.013   1.282   4.197   1.00 5.51  ?  129 PHE A CB  1 
ATOM   906  C CG  . PHE B 2 117 ? 8.507   1.824   2.886   1.00 5.84  ?  129 PHE A CG  1 
ATOM   907  C CD1 . PHE B 2 117 ? 8.338   3.152   2.550   1.00 5.92  ?  129 PHE A CD1 1 
ATOM   908  C CD2 . PHE B 2 117 ? 9.137   0.990   1.972   1.00 6.79  ?  129 PHE A CD2 1 
ATOM   909  C CE1 . PHE B 2 117 ? 8.831   3.651   1.353   1.00 6.62  ?  129 PHE A CE1 1 
ATOM   910  C CE2 . PHE B 2 117 ? 9.567   1.468   0.747   1.00 6.88  ?  129 PHE A CE2 1 
ATOM   911  C CZ  . PHE B 2 117 ? 9.369   2.780   0.441   1.00 6.15  ?  129 PHE A CZ  1 
ATOM   912  N N   . PHE B 2 118 ? 5.603   0.599   2.000   1.00 5.83  ?  130 PHE A N   1 
ATOM   913  C CA  . PHE B 2 118 ? 5.381   -0.080  0.753   1.00 5.69  ?  130 PHE A CA  1 
ATOM   914  C C   . PHE B 2 118 ? 5.746   0.779   -0.455  1.00 5.82  ?  130 PHE A C   1 
ATOM   915  O O   . PHE B 2 118 ? 5.509   1.985   -0.431  1.00 5.82  ?  130 PHE A O   1 
ATOM   916  C CB  . PHE B 2 118 ? 3.925   -0.500  0.515   1.00 7.24  ?  130 PHE A CB  1 
ATOM   917  C CG  . PHE B 2 118 ? 3.414   -1.453  1.545   1.00 8.80  ?  130 PHE A CG  1 
ATOM   918  C CD1 . PHE B 2 118 ? 3.650   -2.804  1.383   1.00 10.49 ?  130 PHE A CD1 1 
ATOM   919  C CD2 . PHE B 2 118 ? 2.750   -1.013  2.673   1.00 9.57  ?  130 PHE A CD2 1 
ATOM   920  C CE1 . PHE B 2 118 ? 3.172   -3.704  2.336   1.00 13.59 ?  130 PHE A CE1 1 
ATOM   921  C CE2 . PHE B 2 118 ? 2.292   -1.906  3.628   1.00 11.78 ?  130 PHE A CE2 1 
ATOM   922  C CZ  . PHE B 2 118 ? 2.497   -3.244  3.442   1.00 13.21 ?  130 PHE A CZ  1 
ATOM   923  N N   . GLU B 2 119 ? 6.257   0.147   -1.504  1.00 6.68  ?  131 GLU A N   1 
ATOM   924  C CA  . GLU B 2 119 ? 6.292   0.685   -2.832  1.00 6.57  ?  131 GLU A CA  1 
ATOM   925  C C   . GLU B 2 119 ? 5.260   -0.082  -3.648  1.00 6.26  ?  131 GLU A C   1 
ATOM   926  O O   . GLU B 2 119 ? 5.344   -1.309  -3.685  1.00 8.05  ?  131 GLU A O   1 
ATOM   927  C CB  . GLU B 2 119 ? 7.688   0.553   -3.455  1.00 7.54  ?  131 GLU A CB  1 
ATOM   928  C CG  . GLU B 2 119 ? 7.759   1.105   -4.889  1.00 9.00  ?  131 GLU A CG  1 
ATOM   929  C CD  . GLU B 2 119 ? 9.145   1.224   -5.475  1.00 12.20 ?  131 GLU A CD  1 
ATOM   930  O OE1 . GLU B 2 119 ? 9.929   2.003   -4.964  1.00 11.75 ?  131 GLU A OE1 1 
ATOM   931  O OE2 . GLU B 2 119 ? 9.394   0.543   -6.501  1.00 20.12 -1 131 GLU A OE2 1 
ATOM   932  N N   . ILE B 2 120 ? 4.319   0.614   -4.286  1.00 6.21  ?  132 ILE A N   1 
ATOM   933  C CA  . ILE B 2 120 ? 3.220   -0.022  -4.993  1.00 6.41  ?  132 ILE A CA  1 
ATOM   934  C C   . ILE B 2 120 ? 3.201   0.560   -6.401  1.00 6.01  ?  132 ILE A C   1 
ATOM   935  O O   . ILE B 2 120 ? 3.175   1.772   -6.580  1.00 5.56  ?  132 ILE A O   1 
ATOM   936  C CB  . ILE B 2 120 ? 1.867   0.202   -4.297  1.00 7.72  ?  132 ILE A CB  1 
ATOM   937  C CG1 . ILE B 2 120 ? 1.893   -0.378  -2.880  1.00 9.63  ?  132 ILE A CG1 1 
ATOM   938  C CG2 . ILE B 2 120 ? 0.727   -0.372  -5.127  1.00 8.48  ?  132 ILE A CG2 1 
ATOM   939  C CD1 . ILE B 2 120 ? 0.611   -0.191  -2.093  1.00 11.90 ?  132 ILE A CD1 1 
ATOM   940  N N   . GLU B 2 121 ? 3.041   -0.329  -7.391  1.00 6.00  ?  133 GLU A N   1 
ATOM   941  C CA  . GLU B 2 121 ? 2.780   0.033   -8.775  1.00 6.38  ?  133 GLU A CA  1 
ATOM   942  C C   . GLU B 2 121 ? 1.391   -0.468  -9.157  1.00 5.96  ?  133 GLU A C   1 
ATOM   943  O O   . GLU B 2 121 ? 1.072   -1.660  -9.009  1.00 6.24  ?  133 GLU A O   1 
ATOM   944  C CB  . GLU B 2 121 ? 3.843   -0.626  -9.667  1.00 7.17  ?  133 GLU A CB  1 
ATOM   945  C CG  . GLU B 2 121 ? 3.635   -0.382  -11.145 1.00 8.92  ?  133 GLU A CG  1 
ATOM   946  C CD  . GLU B 2 121 ? 4.691   -0.980  -12.089 1.00 11.09 ?  133 GLU A CD  1 
ATOM   947  O OE1 . GLU B 2 121 ? 5.435   -1.871  -11.610 1.00 14.43 ?  133 GLU A OE1 1 
ATOM   948  O OE2 . GLU B 2 121 ? 4.601   -0.678  -13.307 1.00 12.02 -1 133 GLU A OE2 1 
ATOM   949  N N   . LEU B 2 122 ? 0.564   0.458   -9.625  1.00 5.47  ?  134 LEU A N   1 
ATOM   950  C CA  . LEU B 2 122 ? -0.755  0.072   -10.095 1.00 5.51  ?  134 LEU A CA  1 
ATOM   951  C C   . LEU B 2 122 ? -0.660  -0.273  -11.586 1.00 5.97  ?  134 LEU A C   1 
ATOM   952  O O   . LEU B 2 122 ? -0.462  0.569   -12.458 1.00 6.28  ?  134 LEU A O   1 
ATOM   953  C CB  . LEU B 2 122 ? -1.767  1.199   -9.883  1.00 5.16  ?  134 LEU A CB  1 
ATOM   954  C CG  . LEU B 2 122 ? -3.175  0.850   -10.376 1.00 5.51  ?  134 LEU A CG  1 
ATOM   955  C CD1 . LEU B 2 122 ? -3.749  -0.420  -9.735  1.00 5.89  ?  134 LEU A CD1 1 
ATOM   956  C CD2 . LEU B 2 122 ? -4.152  1.998   -10.126 1.00 5.78  ?  134 LEU A CD2 1 
ATOM   957  N N   . LEU B 2 123 ? -0.701  -1.591  -11.864 1.00 5.67  ?  135 LEU A N   1 
ATOM   958  C CA  . LEU B 2 123 ? -0.527  -2.091  -13.239 1.00 6.62  ?  135 LEU A CA  1 
ATOM   959  C C   . LEU B 2 123 ? -1.752  -1.860  -14.084 1.00 6.88  ?  135 LEU A C   1 
ATOM   960  O O   . LEU B 2 123 ? -1.617  -1.535  -15.268 1.00 8.21  ?  135 LEU A O   1 
ATOM   961  C CB  . LEU B 2 123 ? -0.155  -3.571  -13.217 1.00 6.53  ?  135 LEU A CB  1 
ATOM   962  C CG  . LEU B 2 123 ? 1.109   -3.920  -12.414 1.00 7.04  ?  135 LEU A CG  1 
ATOM   963  C CD1 . LEU B 2 123 ? 1.134   -5.400  -12.093 1.00 8.21  ?  135 LEU A CD1 1 
ATOM   964  C CD2 . LEU B 2 123 ? 2.327   -3.471  -13.190 1.00 7.60  ?  135 LEU A CD2 1 
ATOM   965  N N   . ASP B 2 124 ? -2.897  -2.131  -13.503 1.00 6.59  ?  136 ASP A N   1 
ATOM   966  C CA  . ASP B 2 124 ? -4.126  -2.070  -14.261 1.00 7.28  ?  136 ASP A CA  1 
ATOM   967  C C   . ASP B 2 124 ? -5.283  -2.097  -13.282 1.00 6.90  ?  136 ASP A C   1 
ATOM   968  O O   . ASP B 2 124 ? -5.151  -2.483  -12.126 1.00 6.67  ?  136 ASP A O   1 
ATOM   969  C CB  . ASP B 2 124 ? -4.191  -3.304  -15.178 1.00 9.15  ?  136 ASP A CB  1 
ATOM   970  C CG  . ASP B 2 124 ? -5.148  -3.168  -16.338 1.00 12.18 ?  136 ASP A CG  1 
ATOM   971  O OD1 . ASP B 2 124 ? -5.638  -2.075  -16.613 1.00 12.45 ?  136 ASP A OD1 1 
ATOM   972  O OD2 . ASP B 2 124 ? -5.317  -4.236  -16.996 1.00 16.34 -1 136 ASP A OD2 1 
ATOM   973  N N   . PHE B 2 125 ? -6.441  -1.661  -13.785 1.00 7.51  ?  137 PHE A N   1 
ATOM   974  C CA  . PHE B 2 125 ? -7.687  -1.811  -13.062 1.00 8.38  ?  137 PHE A CA  1 
ATOM   975  C C   . PHE B 2 125 ? -8.818  -2.035  -14.065 1.00 9.24  ?  137 PHE A C   1 
ATOM   976  O O   . PHE B 2 125 ? -8.771  -1.526  -15.175 1.00 9.21  ?  137 PHE A O   1 
ATOM   977  C CB  . PHE B 2 125 ? -7.960  -0.621  -12.149 1.00 8.29  ?  137 PHE A CB  1 
ATOM   978  C CG  . PHE B 2 125 ? -8.129  0.747   -12.742 1.00 7.88  ?  137 PHE A CG  1 
ATOM   979  C CD1 . PHE B 2 125 ? -9.364  1.208   -13.165 1.00 8.45  ?  137 PHE A CD1 1 
ATOM   980  C CD2 . PHE B 2 125 ? -7.028  1.572   -12.904 1.00 9.18  ?  137 PHE A CD2 1 
ATOM   981  C CE1 . PHE B 2 125 ? -9.502  2.480   -13.682 1.00 9.11  ?  137 PHE A CE1 1 
ATOM   982  C CE2 . PHE B 2 125 ? -7.183  2.867   -13.375 1.00 10.34 ?  137 PHE A CE2 1 
ATOM   983  C CZ  . PHE B 2 125 ? -8.411  3.304   -13.797 1.00 9.95  ?  137 PHE A CZ  1 
ATOM   984  N N   . LYS B 2 126 ? -9.805  -2.834  -13.671 1.00 9.48  ?  138 LYS A N   1 
ATOM   985  C CA  . LYS B 2 126 ? -10.911 -3.048  -14.574 1.00 11.87 ?  138 LYS A CA  1 
ATOM   986  C C   . LYS B 2 126 ? -12.134 -3.435  -13.744 1.00 10.68 ?  138 LYS A C   1 
ATOM   987  O O   . LYS B 2 126 ? -12.068 -4.088  -12.719 1.00 11.03 ?  138 LYS A O   1 
ATOM   988  C CB  . LYS B 2 126 ? -10.573 -4.133  -15.588 1.00 17.79 ?  138 LYS A CB  1 
ATOM   989  C CG  . LYS B 2 126 ? -10.303 -5.480  -14.983 1.00 21.08 ?  138 LYS A CG  1 
ATOM   990  C CD  . LYS B 2 126 ? -9.650  -6.440  -15.962 1.00 25.23 ?  138 LYS A CD  1 
ATOM   991  C CE  . LYS B 2 126 ? -9.822  -7.884  -15.555 1.00 26.42 ?  138 LYS A CE  1 
ATOM   992  N NZ  . LYS B 2 126 ? -9.745  -8.758  -16.753 1.00 32.20 ?  138 LYS A NZ  1 
ATOM   993  N N   . GLY B 2 127 ? -13.279 -2.975  -14.250 1.00 11.49 ?  139 GLY A N   1 
ATOM   994  C CA  . GLY B 2 127 ? -14.560 -3.366  -13.696 1.00 12.35 ?  139 GLY A CA  1 
ATOM   995  C C   . GLY B 2 127 ? -14.915 -4.799  -14.047 1.00 16.03 ?  139 GLY A C   1 
ATOM   996  O O   . GLY B 2 127 ? -14.377 -5.327  -15.047 1.00 18.83 ?  139 GLY A O   1 
HETATM 997  O O   . HOH C 3 .   ? -2.529  -5.735  2.433   1.00 20.54 ?  101 HOH B O   1 
HETATM 998  O O   . HOH C 3 .   ? -10.297 -4.287  7.281   1.00 29.91 ?  102 HOH B O   1 
HETATM 999  O O   . HOH D 3 .   ? -0.495  17.412  -3.262  1.00 26.71 ?  201 HOH A O   1 
HETATM 1000 O O   . HOH D 3 .   ? -10.607 5.467   -6.410  1.00 13.94 ?  202 HOH A O   1 
HETATM 1001 O O   . HOH D 3 .   ? -13.194 -7.088  -8.523  1.00 19.14 ?  203 HOH A O   1 
HETATM 1002 O O   . HOH D 3 .   ? 13.221  14.172  5.284   1.00 15.81 ?  204 HOH A O   1 
HETATM 1003 O O   . HOH D 3 .   ? 1.624   -12.386 7.269   1.00 21.66 ?  205 HOH A O   1 
HETATM 1004 O O   . HOH D 3 .   ? -7.359  9.208   -0.005  1.00 13.59 ?  206 HOH A O   1 
HETATM 1005 O O   . HOH D 3 .   ? 11.149  11.274  11.258  1.00 25.29 ?  207 HOH A O   1 
HETATM 1006 O O   . HOH D 3 .   ? 7.988   16.205  8.449   1.00 29.85 ?  208 HOH A O   1 
HETATM 1007 O O   . HOH D 3 .   ? -10.564 -1.276  3.634   1.00 16.53 ?  209 HOH A O   1 
HETATM 1008 O O   . HOH D 3 .   ? -13.121 1.863   -13.251 1.00 9.52  ?  210 HOH A O   1 
HETATM 1009 O O   . HOH D 3 .   ? 11.808  -11.975 -11.125 1.00 17.75 ?  211 HOH A O   1 
HETATM 1010 O O   . HOH D 3 .   ? -5.364  5.972   -14.892 1.00 8.01  ?  212 HOH A O   1 
HETATM 1011 O O   . HOH D 3 .   ? -12.773 4.487   -12.402 1.00 7.32  ?  213 HOH A O   1 
HETATM 1012 O O   . HOH D 3 .   ? -2.915  10.724  14.560  1.00 20.60 ?  214 HOH A O   1 
HETATM 1013 O O   . HOH D 3 .   ? -1.276  -1.472  20.616  1.00 16.60 ?  215 HOH A O   1 
HETATM 1014 O O   . HOH D 3 .   ? 8.572   -10.154 -11.563 1.00 17.48 ?  216 HOH A O   1 
HETATM 1015 O O   . HOH D 3 .   ? 6.830   -0.281  -14.753 1.00 16.97 ?  217 HOH A O   1 
HETATM 1016 O O   . HOH D 3 .   ? 4.212   14.851  -0.051  1.00 8.20  ?  218 HOH A O   1 
HETATM 1017 O O   . HOH D 3 .   ? -15.470 0.070   -13.130 1.00 22.13 ?  219 HOH A O   1 
HETATM 1018 O O   . HOH D 3 .   ? 4.521   15.039  5.947   1.00 10.75 ?  220 HOH A O   1 
HETATM 1019 O O   . HOH D 3 .   ? -8.760  6.012   -17.775 1.00 14.33 ?  221 HOH A O   1 
HETATM 1020 O O   . HOH D 3 .   ? -10.318 14.875  5.026   1.00 22.75 ?  222 HOH A O   1 
HETATM 1021 O O   . HOH D 3 .   ? -0.011  9.462   -11.043 1.00 10.54 ?  223 HOH A O   1 
HETATM 1022 O O   . HOH D 3 .   ? 11.076  -6.723  -5.064  1.00 28.87 ?  224 HOH A O   1 
HETATM 1023 O O   . HOH D 3 .   ? -2.484  9.847   -8.089  1.00 12.19 ?  225 HOH A O   1 
HETATM 1024 O O   . HOH D 3 .   ? -2.774  15.506  8.381   1.00 10.82 ?  226 HOH A O   1 
HETATM 1025 O O   . HOH D 3 .   ? -18.507 -1.251  -8.476  1.00 18.88 ?  227 HOH A O   1 
HETATM 1026 O O   . HOH D 3 .   ? -1.616  -12.901 -10.130 1.00 17.79 ?  228 HOH A O   1 
HETATM 1027 O O   . HOH D 3 .   ? 0.171   4.618   15.228  1.00 14.35 ?  229 HOH A O   1 
HETATM 1028 O O   . HOH D 3 .   ? 1.076   -4.766  13.325  1.00 6.96  ?  230 HOH A O   1 
HETATM 1029 O O   . HOH D 3 .   ? 2.497   0.191   -14.781 1.00 21.61 ?  231 HOH A O   1 
HETATM 1030 O O   . HOH D 3 .   ? -15.132 0.866   0.540   1.00 10.55 ?  232 HOH A O   1 
HETATM 1031 O O   . HOH D 3 .   ? -4.264  1.805   18.084  1.00 15.42 ?  233 HOH A O   1 
HETATM 1032 O O   . HOH D 3 .   ? 6.593   -3.480  16.379  1.00 15.91 ?  234 HOH A O   1 
HETATM 1033 O O   . HOH D 3 .   ? -9.193  -3.353  5.151   1.00 19.56 ?  235 HOH A O   1 
HETATM 1034 O O   . HOH D 3 .   ? 7.075   -1.771  -9.440  1.00 24.95 ?  236 HOH A O   1 
HETATM 1035 O O   . HOH D 3 .   ? -1.362  11.513  -15.050 1.00 17.82 ?  237 HOH A O   1 
HETATM 1036 O O   . HOH D 3 .   ? -1.140  12.014  -10.845 1.00 21.65 ?  238 HOH A O   1 
HETATM 1037 O O   . HOH D 3 .   ? -12.041 3.508   -17.622 1.00 14.47 ?  239 HOH A O   1 
HETATM 1038 O O   . HOH D 3 .   ? -10.158 -4.698  -0.756  1.00 8.00  ?  240 HOH A O   1 
HETATM 1039 O O   . HOH D 3 .   ? -9.877  0.456   -16.691 1.00 19.60 ?  241 HOH A O   1 
HETATM 1040 O O   . HOH D 3 .   ? 10.036  -6.081  -0.706  1.00 25.49 ?  242 HOH A O   1 
HETATM 1041 O O   . HOH D 3 .   ? 4.177   1.666   14.912  1.00 8.50  ?  243 HOH A O   1 
HETATM 1042 O O   . HOH D 3 .   ? 3.769   -11.307 14.540  1.00 13.16 ?  244 HOH A O   1 
HETATM 1043 O O   . HOH D 3 .   ? 7.483   -2.537  11.042  1.00 10.29 ?  245 HOH A O   1 
HETATM 1044 O O   . HOH D 3 .   ? -13.514 -8.703  2.231   1.00 24.45 ?  246 HOH A O   1 
HETATM 1045 O O   . HOH D 3 .   ? 9.734   10.941  -8.476  1.00 8.25  ?  247 HOH A O   1 
HETATM 1046 O O   . HOH D 3 .   ? 12.289  -14.639 -8.034  1.00 13.53 ?  248 HOH A O   1 
HETATM 1047 O O   . HOH D 3 .   ? -9.730  -11.030 -4.327  1.00 25.65 ?  249 HOH A O   1 
HETATM 1048 O O   . HOH D 3 .   ? -8.533  6.849   -0.798  1.00 8.46  ?  250 HOH A O   1 
HETATM 1049 O O   . HOH D 3 .   ? 1.994   7.371   8.481   1.00 9.98  ?  251 HOH A O   1 
HETATM 1050 O O   . HOH D 3 .   ? 9.927   7.737   -0.064  1.00 7.43  ?  252 HOH A O   1 
HETATM 1051 O O   . HOH D 3 .   ? 12.383  0.452   7.028   1.00 11.60 ?  253 HOH A O   1 
HETATM 1052 O O   . HOH D 3 .   ? 5.049   11.127  9.825   1.00 7.93  ?  254 HOH A O   1 
HETATM 1053 O O   . HOH D 3 .   ? -4.266  14.214  0.407   1.00 21.14 ?  255 HOH A O   1 
HETATM 1054 O O   . HOH D 3 .   ? -16.188 -1.863  -9.910  1.00 14.69 ?  256 HOH A O   1 
HETATM 1055 O O   . HOH D 3 .   ? -7.852  8.763   13.977  1.00 22.44 ?  257 HOH A O   1 
HETATM 1056 O O   . HOH D 3 .   ? -1.358  -0.867  16.852  1.00 12.25 ?  258 HOH A O   1 
HETATM 1057 O O   . HOH D 3 .   ? 11.096  9.275   -2.102  1.00 16.07 ?  259 HOH A O   1 
HETATM 1058 O O   . HOH D 3 .   ? -5.573  10.799  -7.431  1.00 21.43 ?  260 HOH A O   1 
HETATM 1059 O O   . HOH D 3 .   ? -9.146  7.351   4.864   1.00 10.88 ?  261 HOH A O   1 
HETATM 1060 O O   . HOH D 3 .   ? -13.580 -1.280  -16.446 1.00 22.89 ?  262 HOH A O   1 
HETATM 1061 O O   . HOH D 3 .   ? -10.620 1.569   -1.542  1.00 10.58 ?  263 HOH A O   1 
HETATM 1062 O O   . HOH D 3 .   ? 8.409   -13.028 -3.047  1.00 27.12 ?  264 HOH A O   1 
HETATM 1063 O O   . HOH D 3 .   ? -6.059  -2.740  7.987   1.00 10.42 ?  265 HOH A O   1 
HETATM 1064 O O   . HOH D 3 .   ? -5.575  -3.797  11.957  1.00 26.84 ?  266 HOH A O   1 
HETATM 1065 O O   . HOH D 3 .   ? -14.766 4.387   -6.191  1.00 8.23  ?  267 HOH A O   1 
HETATM 1066 O O   . HOH D 3 .   ? -7.095  8.172   -16.936 1.00 18.86 ?  268 HOH A O   1 
HETATM 1067 O O   . HOH D 3 .   ? -16.170 -6.319  -6.926  1.00 17.32 ?  269 HOH A O   1 
HETATM 1068 O O   . HOH D 3 .   ? -1.787  11.247  -4.744  1.00 15.25 ?  270 HOH A O   1 
HETATM 1069 O O   . HOH D 3 .   ? 5.307   12.624  -8.553  1.00 12.34 ?  271 HOH A O   1 
HETATM 1070 O O   . HOH D 3 .   ? -2.915  16.004  3.679   1.00 10.48 ?  272 HOH A O   1 
HETATM 1071 O O   . HOH D 3 .   ? -0.481  -13.162 -6.333  1.00 20.61 ?  273 HOH A O   1 
HETATM 1072 O O   . HOH D 3 .   ? 1.153   -11.887 15.000  1.00 13.46 ?  274 HOH A O   1 
HETATM 1073 O O   . HOH D 3 .   ? -0.497  1.596   17.548  1.00 15.36 ?  275 HOH A O   1 
HETATM 1074 O O   . HOH D 3 .   ? 1.444   12.162  -2.492  1.00 14.39 ?  276 HOH A O   1 
HETATM 1075 O O   . HOH D 3 .   ? 9.680   19.787  2.829   1.00 13.28 ?  277 HOH A O   1 
HETATM 1076 O O   . HOH D 3 .   ? -11.951 15.188  7.499   1.00 18.42 ?  278 HOH A O   1 
HETATM 1077 O O   . HOH D 3 .   ? 4.392   -11.770 7.421   1.00 18.70 ?  279 HOH A O   1 
HETATM 1078 O O   . HOH D 3 .   ? 5.633   7.279   11.700  1.00 7.85  ?  280 HOH A O   1 
HETATM 1079 O O   . HOH D 3 .   ? 0.877   -3.418  10.956  1.00 7.70  ?  281 HOH A O   1 
HETATM 1080 O O   . HOH D 3 .   ? -9.951  8.614   -6.316  1.00 16.84 ?  282 HOH A O   1 
HETATM 1081 O O   . HOH D 3 .   ? 1.999   -11.690 -6.156  1.00 15.28 ?  283 HOH A O   1 
HETATM 1082 O O   . HOH D 3 .   ? 2.643   9.894   -17.030 1.00 16.29 ?  284 HOH A O   1 
HETATM 1083 O O   . HOH D 3 .   ? -9.158  7.849   7.714   1.00 10.62 ?  285 HOH A O   1 
HETATM 1084 O O   . HOH D 3 .   ? -1.540  7.935   12.719  1.00 17.54 ?  286 HOH A O   1 
HETATM 1085 O O   . HOH D 3 .   ? -3.007  5.723   12.671  1.00 14.33 ?  287 HOH A O   1 
HETATM 1086 O O   . HOH D 3 .   ? 3.572   13.020  -4.126  1.00 11.17 ?  288 HOH A O   1 
HETATM 1087 O O   . HOH D 3 .   ? 2.541   12.352  12.254  1.00 13.71 ?  289 HOH A O   1 
HETATM 1088 O O   . HOH D 3 .   ? -2.800  3.736   -19.340 1.00 19.85 ?  290 HOH A O   1 
HETATM 1089 O O   . HOH D 3 .   ? 0.777   -0.451  -16.430 1.00 22.40 ?  291 HOH A O   1 
HETATM 1090 O O   . HOH D 3 .   ? 7.010   -0.004  13.539  1.00 9.79  ?  292 HOH A O   1 
HETATM 1091 O O   . HOH D 3 .   ? 12.276  -10.070 -8.663  1.00 29.68 ?  293 HOH A O   1 
HETATM 1092 O O   . HOH D 3 .   ? 14.406  12.897  3.181   1.00 16.01 ?  294 HOH A O   1 
HETATM 1093 O O   . HOH D 3 .   ? -2.953  15.574  11.236  1.00 19.00 ?  295 HOH A O   1 
HETATM 1094 O O   . HOH D 3 .   ? -5.588  6.243   13.427  1.00 19.35 ?  296 HOH A O   1 
HETATM 1095 O O   . HOH D 3 .   ? 5.767   9.263   -15.613 1.00 12.38 ?  297 HOH A O   1 
HETATM 1096 O O   . HOH D 3 .   ? 15.079  12.265  11.394  1.00 29.69 ?  298 HOH A O   1 
HETATM 1097 O O   . HOH D 3 .   ? 5.440   -12.406 4.837   1.00 30.00 ?  299 HOH A O   1 
HETATM 1098 O O   . HOH D 3 .   ? -1.226  11.008  -19.087 1.00 24.35 ?  300 HOH A O   1 
HETATM 1099 O O   . HOH D 3 .   ? -0.312  16.164  7.371   1.00 9.50  ?  301 HOH A O   1 
HETATM 1100 O O   . HOH D 3 .   ? -8.944  -10.918 2.381   1.00 29.38 ?  302 HOH A O   1 
HETATM 1101 O O   . HOH D 3 .   ? -13.885 -10.126 -4.894  1.00 20.07 ?  303 HOH A O   1 
HETATM 1102 O O   . HOH D 3 .   ? 15.684  3.380   0.550   1.00 16.81 ?  304 HOH A O   1 
HETATM 1103 O O   . HOH D 3 .   ? -14.442 -9.661  -0.223  1.00 17.97 ?  305 HOH A O   1 
HETATM 1104 O O   . HOH D 3 .   ? -8.327  10.610  -17.769 1.00 25.43 ?  306 HOH A O   1 
HETATM 1105 O O   . HOH D 3 .   ? 12.029  18.984  5.383   1.00 23.99 ?  307 HOH A O   1 
HETATM 1106 O O   . HOH D 3 .   ? 6.522   -2.191  -6.680  1.00 18.98 ?  308 HOH A O   1 
HETATM 1107 O O   . HOH D 3 .   ? 15.864  9.814   4.079   1.00 11.88 ?  309 HOH A O   1 
HETATM 1108 O O   . HOH D 3 .   ? -0.865  13.069  -3.126  1.00 23.88 ?  310 HOH A O   1 
HETATM 1109 O O   . HOH D 3 .   ? 4.241   5.707   16.168  1.00 19.73 ?  311 HOH A O   1 
HETATM 1110 O O   . HOH D 3 .   ? -3.178  -12.191 -6.364  1.00 18.48 ?  312 HOH A O   1 
HETATM 1111 O O   . HOH D 3 .   ? 5.130   -8.518  18.151  1.00 7.05  ?  313 HOH A O   1 
HETATM 1112 O O   . HOH D 3 .   ? 12.076  3.794   -5.973  1.00 22.24 ?  314 HOH A O   1 
HETATM 1113 O O   . HOH D 3 .   ? 10.112  7.188   -11.022 1.00 11.83 ?  315 HOH A O   1 
HETATM 1114 O O   . HOH D 3 .   ? -10.887 9.266   -10.997 1.00 13.38 ?  316 HOH A O   1 
HETATM 1115 O O   . HOH D 3 .   ? -10.657 11.565  -12.345 1.00 23.55 ?  317 HOH A O   1 
HETATM 1116 O O   . HOH D 3 .   ? 19.614  7.595   3.326   1.00 30.74 ?  318 HOH A O   1 
HETATM 1117 O O   . HOH D 3 .   ? 8.249   -7.596  -12.090 1.00 21.63 ?  319 HOH A O   1 
HETATM 1118 O O   . HOH D 3 .   ? -0.888  -15.516 -11.307 1.00 23.79 ?  320 HOH A O   1 
HETATM 1119 O O   . HOH D 3 .   ? -8.224  2.871   10.803  1.00 26.15 ?  321 HOH A O   1 
HETATM 1120 O O   . HOH D 3 .   ? 6.247   -7.202  -13.946 1.00 18.53 ?  322 HOH A O   1 
HETATM 1121 O O   . HOH D 3 .   ? -1.340  -13.899 11.940  1.00 30.92 ?  323 HOH A O   1 
HETATM 1122 O O   . HOH D 3 .   ? 10.344  3.181   -13.540 1.00 27.43 ?  324 HOH A O   1 
HETATM 1123 O O   . HOH D 3 .   ? 10.081  -3.690  13.167  1.00 21.76 ?  325 HOH A O   1 
HETATM 1124 O O   . HOH D 3 .   ? 5.181   15.968  10.626  1.00 22.94 ?  326 HOH A O   1 
HETATM 1125 O O   . HOH D 3 .   ? -5.934  -12.604 -12.280 1.00 33.37 ?  327 HOH A O   1 
HETATM 1126 O O   . HOH D 3 .   ? -16.609 -4.571  -10.781 1.00 17.54 ?  328 HOH A O   1 
HETATM 1127 O O   . HOH D 3 .   ? -9.767  1.283   4.097   1.00 18.41 ?  329 HOH A O   1 
HETATM 1128 O O   . HOH D 3 .   ? -0.341  -2.807  22.705  1.00 15.75 ?  330 HOH A O   1 
HETATM 1129 O O   . HOH D 3 .   ? -1.524  12.326  -7.572  1.00 18.28 ?  331 HOH A O   1 
HETATM 1130 O O   . HOH D 3 .   ? -11.598 -10.376 3.101   1.00 34.32 ?  332 HOH A O   1 
HETATM 1131 O O   . HOH D 3 .   ? 12.940  -5.363  15.610  1.00 21.38 ?  333 HOH A O   1 
HETATM 1132 O O   . HOH D 3 .   ? 13.592  1.434   0.251   1.00 21.15 ?  334 HOH A O   1 
HETATM 1133 O O   . HOH D 3 .   ? -7.732  4.514   13.020  1.00 27.32 ?  335 HOH A O   1 
HETATM 1134 O O   . HOH D 3 .   ? 10.471  -5.819  14.994  1.00 20.92 ?  336 HOH A O   1 
HETATM 1135 O O   . HOH D 3 .   ? 7.815   9.711   -13.730 1.00 16.33 ?  337 HOH A O   1 
HETATM 1136 O O   . HOH D 3 .   ? 9.558   -12.907 1.500   1.00 35.12 ?  338 HOH A O   1 
HETATM 1137 O O   . HOH D 3 .   ? 6.690   2.378   15.288  1.00 19.18 ?  339 HOH A O   1 
HETATM 1138 O O   . HOH D 3 .   ? -11.363 6.312   8.419   1.00 24.49 ?  340 HOH A O   1 
HETATM 1139 O O   . HOH D 3 .   ? -12.609 2.038   -3.380  1.00 9.15  ?  341 HOH A O   1 
HETATM 1140 O O   . HOH D 3 .   ? -3.938  -0.753  17.649  1.00 17.38 ?  342 HOH A O   1 
HETATM 1141 O O   . HOH D 3 .   ? -18.086 -5.974  -13.952 1.00 27.69 ?  343 HOH A O   1 
HETATM 1142 O O   . HOH D 3 .   ? 3.769   8.707   10.207  1.00 9.92  ?  344 HOH A O   1 
HETATM 1143 O O   . HOH D 3 .   ? 2.437   3.347   16.161  1.00 22.54 ?  345 HOH A O   1 
HETATM 1144 O O   . HOH D 3 .   ? 10.111  -8.322  14.305  1.00 26.45 ?  346 HOH A O   1 
HETATM 1145 O O   . HOH D 3 .   ? 2.490   9.534   12.424  1.00 21.82 ?  347 HOH A O   1 
HETATM 1146 O O   . HOH D 3 .   ? -10.187 3.572   8.669   1.00 25.90 ?  348 HOH A O   1 
HETATM 1147 O O   . HOH D 3 .   ? 12.007  -6.221  -2.691  1.00 28.71 ?  349 HOH A O   1 
HETATM 1148 O O   . HOH D 3 .   ? -7.580  11.855  -8.638  1.00 24.75 ?  350 HOH A O   1 
HETATM 1149 O O   . HOH D 3 .   ? -3.601  13.154  14.900  1.00 26.42 ?  351 HOH A O   1 
HETATM 1150 O O   . HOH D 3 .   ? -13.149 -1.296  4.271   1.00 24.24 ?  352 HOH A O   1 
HETATM 1151 O O   . HOH D 3 .   ? -0.258  10.976  15.261  1.00 23.25 ?  353 HOH A O   1 
HETATM 1152 O O   . HOH D 3 .   ? -12.258 1.372   -15.849 1.00 14.81 ?  354 HOH A O   1 
HETATM 1153 O O   . HOH D 3 .   ? 17.429  -0.787  6.157   1.00 26.60 ?  355 HOH A O   1 
HETATM 1154 O O   . HOH D 3 .   ? 6.766   11.572  11.965  1.00 16.55 ?  356 HOH A O   1 
HETATM 1155 O O   . HOH D 3 .   ? -5.559  -0.926  15.262  1.00 25.82 ?  357 HOH A O   1 
HETATM 1156 O O   . HOH D 3 .   ? -3.855  -13.651 -8.693  1.00 23.67 ?  358 HOH A O   1 
HETATM 1157 O O   . HOH D 3 .   ? 1.241   1.391   21.932  1.00 23.14 ?  359 HOH A O   1 
HETATM 1158 O O   . HOH D 3 .   ? 4.804   11.624  -16.706 1.00 20.20 ?  360 HOH A O   1 
HETATM 1159 O O   . HOH D 3 .   ? 14.702  0.297   5.586   1.00 16.04 ?  361 HOH A O   1 
HETATM 1160 O O   . HOH D 3 .   ? 7.669   -2.683  13.929  1.00 14.16 ?  362 HOH A O   1 
HETATM 1161 O O   . HOH D 3 .   ? -6.593  4.452   -16.904 1.00 13.22 ?  363 HOH A O   1 
HETATM 1162 O O   . HOH D 3 .   ? -4.841  17.509  4.863   1.00 24.30 ?  364 HOH A O   1 
HETATM 1163 O O   . HOH D 3 .   ? -7.696  2.042   -17.621 1.00 24.50 ?  365 HOH A O   1 
HETATM 1164 O O   . HOH D 3 .   ? -13.335 -13.664 -2.321  1.00 29.13 ?  366 HOH A O   1 
HETATM 1165 O O   . HOH D 3 .   ? 0.194   13.379  -8.966  1.00 26.18 ?  367 HOH A O   1 
HETATM 1166 O O   . HOH D 3 .   ? 0.630   13.253  14.005  1.00 18.51 ?  368 HOH A O   1 
HETATM 1167 O O   . HOH D 3 .   ? -14.110 2.821   -1.224  1.00 10.94 ?  369 HOH A O   1 
HETATM 1168 O O   . HOH D 3 .   ? 8.657   -10.385 15.034  1.00 24.73 ?  370 HOH A O   1 
HETATM 1169 O O   . HOH D 3 .   ? -8.954  10.214  -3.658  1.00 25.28 ?  371 HOH A O   1 
HETATM 1170 O O   . HOH D 3 .   ? -16.622 -8.648  -8.549  1.00 29.62 ?  372 HOH A O   1 
HETATM 1171 O O   . HOH D 3 .   ? 16.931  13.378  4.667   1.00 26.89 ?  373 HOH A O   1 
HETATM 1172 O O   . HOH D 3 .   ? 2.579   13.145  -16.955 1.00 29.96 ?  374 HOH A O   1 
HETATM 1173 O O   . HOH D 3 .   ? 8.648   -5.241  17.186  1.00 23.50 ?  375 HOH A O   1 
HETATM 1174 O O   . HOH D 3 .   ? -1.654  14.717  13.500  1.00 21.53 ?  376 HOH A O   1 
HETATM 1175 O O   . HOH D 3 .   ? -17.763 1.502   0.963   1.00 12.29 ?  377 HOH A O   1 
HETATM 1176 O O   . HOH D 3 .   ? -19.603 -0.249  0.086   1.00 20.95 ?  378 HOH A O   1 
HETATM 1177 O O   . HOH D 3 .   ? 2.529   14.554  -6.109  1.00 14.87 ?  379 HOH A O   1 
HETATM 1178 O O   . HOH D 3 .   ? 2.827   13.679  -8.697  1.00 11.61 ?  380 HOH A O   1 
HETATM 1179 O O   . HOH D 3 .   ? -10.563 2.782   6.342   1.00 28.75 ?  381 HOH A O   1 
HETATM 1180 O O   . HOH D 3 .   ? 6.330   12.976  -15.205 1.00 26.35 ?  382 HOH A O   1 
HETATM 1181 O O   . HOH D 3 .   ? -15.970 1.804   5.190   1.00 27.84 ?  383 HOH A O   1 
HETATM 1182 O O   . HOH D 3 .   ? -18.141 2.103   3.739   1.00 25.75 ?  384 HOH A O   1 
HETATM 1183 O O   . HOH D 3 .   ? 3.584   -19.747 14.145  1.00 33.17 ?  385 HOH A O   1 
# 
loop_
_pdbx_poly_seq_scheme.asym_id 
_pdbx_poly_seq_scheme.entity_id 
_pdbx_poly_seq_scheme.seq_id 
_pdbx_poly_seq_scheme.mon_id 
_pdbx_poly_seq_scheme.ndb_seq_num 
_pdbx_poly_seq_scheme.pdb_seq_num 
_pdbx_poly_seq_scheme.auth_seq_num 
_pdbx_poly_seq_scheme.pdb_mon_id 
_pdbx_poly_seq_scheme.auth_mon_id 
_pdbx_poly_seq_scheme.pdb_strand_id 
_pdbx_poly_seq_scheme.pdb_ins_code 
_pdbx_poly_seq_scheme.hetero 
A 1 1   SER 1   1   1   SER SER B . n 
A 1 2   PHE 2   2   2   PHE PHE B . n 
A 1 3   PRO 3   3   3   PRO PRO B . n 
A 1 4   PHE 4   4   4   PHE PHE B . n 
A 1 5   THR 5   5   5   THR THR B . n 
B 2 1   GLY 1   13  13  GLY GLY A . n 
B 2 2   ALA 2   14  14  ALA ALA A . n 
B 2 3   PRO 3   15  15  PRO PRO A . n 
B 2 4   ALA 4   16  16  ALA ALA A . n 
B 2 5   THR 5   17  17  THR THR A . n 
B 2 6   VAL 6   18  18  VAL VAL A . n 
B 2 7   THR 7   19  19  THR THR A . n 
B 2 8   GLU 8   20  20  GLU GLU A . n 
B 2 9   GLN 9   21  21  GLN GLN A . n 
B 2 10  GLY 10  22  22  GLY GLY A . n 
B 2 11  GLU 11  23  23  GLU GLU A . n 
B 2 12  ASP 12  24  24  ASP ASP A . n 
B 2 13  ILE 13  25  25  ILE ILE A . n 
B 2 14  THR 14  26  26  THR THR A . n 
B 2 15  SER 15  27  27  SER SER A . n 
B 2 16  LYS 16  28  28  LYS LYS A . n 
B 2 17  LYS 17  29  29  LYS LYS A . n 
B 2 18  ASP 18  30  30  ASP ASP A . n 
B 2 19  ARG 19  31  31  ARG ARG A . n 
B 2 20  GLY 20  32  32  GLY GLY A . n 
B 2 21  VAL 21  33  33  VAL VAL A . n 
B 2 22  LEU 22  34  34  LEU LEU A . n 
B 2 23  LYS 23  35  35  LYS LYS A . n 
B 2 24  ILE 24  36  36  ILE ILE A . n 
B 2 25  VAL 25  37  37  VAL VAL A . n 
B 2 26  LYS 26  38  38  LYS LYS A . n 
B 2 27  ARG 27  39  39  ARG ARG A . n 
B 2 28  VAL 28  40  40  VAL VAL A . n 
B 2 29  GLY 29  41  41  GLY GLY A . n 
B 2 30  ASN 30  42  42  ASN ASN A . n 
B 2 31  GLY 31  43  43  GLY GLY A . n 
B 2 32  GLU 32  44  44  GLU GLU A . n 
B 2 33  GLU 33  45  45  GLU GLU A . n 
B 2 34  THR 34  46  46  THR THR A . n 
B 2 35  PRO 35  47  47  PRO PRO A . n 
B 2 36  MET 36  48  48  MET MET A . n 
B 2 37  ILE 37  49  49  ILE ILE A . n 
B 2 38  GLY 38  50  50  GLY GLY A . n 
B 2 39  ASP 39  51  51  ASP ASP A . n 
B 2 40  LYS 40  52  52  LYS LYS A . n 
B 2 41  VAL 41  53  53  VAL VAL A . n 
B 2 42  TYR 42  54  54  TYR TYR A . n 
B 2 43  VAL 43  55  55  VAL VAL A . n 
B 2 44  HIS 44  56  56  HIS HIS A . n 
B 2 45  TYR 45  57  57  TYR TYR A . n 
B 2 46  LYS 46  58  58  LYS LYS A . n 
B 2 47  GLY 47  59  59  GLY GLY A . n 
B 2 48  LYS 48  60  60  LYS LYS A . n 
B 2 49  LEU 49  61  61  LEU LEU A . n 
B 2 50  SER 50  62  62  SER SER A . n 
B 2 51  ASN 51  63  63  ASN ASN A . n 
B 2 52  GLY 52  64  64  GLY GLY A . n 
B 2 53  LYS 53  65  65  LYS LYS A . n 
B 2 54  LYS 54  66  66  LYS LYS A . n 
B 2 55  PHE 55  67  67  PHE PHE A . n 
B 2 56  ASP 56  68  68  ASP ASP A . n 
B 2 57  SER 57  69  69  SER SER A . n 
B 2 58  SER 58  70  70  SER SER A . n 
B 2 59  HIS 59  71  71  HIS HIS A . n 
B 2 60  ASP 60  72  72  ASP ASP A . n 
B 2 61  ARG 61  73  73  ARG ARG A . n 
B 2 62  ASN 62  74  74  ASN ASN A . n 
B 2 63  GLU 63  75  75  GLU GLU A . n 
B 2 64  PRO 64  76  76  PRO PRO A . n 
B 2 65  PHE 65  77  77  PHE PHE A . n 
B 2 66  VAL 66  78  78  VAL VAL A . n 
B 2 67  PHE 67  79  79  PHE PHE A . n 
B 2 68  SER 68  80  80  SER SER A . n 
B 2 69  LEU 69  81  81  LEU LEU A . n 
B 2 70  GLY 70  82  82  GLY GLY A . n 
B 2 71  LYS 71  83  83  LYS LYS A . n 
B 2 72  GLY 72  84  84  GLY GLY A . n 
B 2 73  GLN 73  85  85  GLN GLN A . n 
B 2 74  VAL 74  86  86  VAL VAL A . n 
B 2 75  ILE 75  87  87  ILE ILE A . n 
B 2 76  LYS 76  88  88  LYS LYS A . n 
B 2 77  ALA 77  89  89  ALA ALA A . n 
B 2 78  TRP 78  90  90  TRP TRP A . n 
B 2 79  ASP 79  91  91  ASP ASP A . n 
B 2 80  ILE 80  92  92  ILE ILE A . n 
B 2 81  GLY 81  93  93  GLY GLY A . n 
B 2 82  VAL 82  94  94  VAL VAL A . n 
B 2 83  ALA 83  95  95  ALA ALA A . n 
B 2 84  THR 84  96  96  THR THR A . n 
B 2 85  MET 85  97  97  MET MET A . n 
B 2 86  LYS 86  98  98  LYS LYS A . n 
B 2 87  LYS 87  99  99  LYS LYS A . n 
B 2 88  GLY 88  100 100 GLY GLY A . n 
B 2 89  GLU 89  101 101 GLU GLU A . n 
B 2 90  ILE 90  102 102 ILE ILE A . n 
B 2 91  CYS 91  103 103 CYS CYS A . n 
B 2 92  HIS 92  104 104 HIS HIS A . n 
B 2 93  LEU 93  105 105 LEU LEU A . n 
B 2 94  LEU 94  106 106 LEU LEU A . n 
B 2 95  CYS 95  107 107 CYS CYS A . n 
B 2 96  LYS 96  108 108 LYS LYS A . n 
B 2 97  PRO 97  109 109 PRO PRO A . n 
B 2 98  GLU 98  110 110 GLU GLU A . n 
B 2 99  TYR 99  111 111 TYR TYR A . n 
B 2 100 ALA 100 112 112 ALA ALA A . n 
B 2 101 TYR 101 113 113 TYR TYR A . n 
B 2 102 GLY 102 114 114 GLY GLY A . n 
B 2 103 SER 103 115 115 SER SER A . n 
B 2 104 ALA 104 116 116 ALA ALA A . n 
B 2 105 GLY 105 117 117 GLY GLY A . n 
B 2 106 SER 106 118 118 SER SER A . n 
B 2 107 LEU 107 119 119 LEU LEU A . n 
B 2 108 PRO 108 120 120 PRO PRO A . n 
B 2 109 LYS 109 121 121 LYS LYS A . n 
B 2 110 ILE 110 122 122 ILE ILE A . n 
B 2 111 PRO 111 123 123 PRO PRO A . n 
B 2 112 SER 112 124 124 SER SER A . n 
B 2 113 ASN 113 125 125 ASN ASN A . n 
B 2 114 ALA 114 126 126 ALA ALA A . n 
B 2 115 THR 115 127 127 THR THR A . n 
B 2 116 LEU 116 128 128 LEU LEU A . n 
B 2 117 PHE 117 129 129 PHE PHE A . n 
B 2 118 PHE 118 130 130 PHE PHE A . n 
B 2 119 GLU 119 131 131 GLU GLU A . n 
B 2 120 ILE 120 132 132 ILE ILE A . n 
B 2 121 GLU 121 133 133 GLU GLU A . n 
B 2 122 LEU 122 134 134 LEU LEU A . n 
B 2 123 LEU 123 135 135 LEU LEU A . n 
B 2 124 ASP 124 136 136 ASP ASP A . n 
B 2 125 PHE 125 137 137 PHE PHE A . n 
B 2 126 LYS 126 138 138 LYS LYS A . n 
B 2 127 GLY 127 139 139 GLY GLY A . n 
B 2 128 GLU 128 140 ?   ?   ?   A . n 
# 
loop_
_pdbx_nonpoly_scheme.asym_id 
_pdbx_nonpoly_scheme.entity_id 
_pdbx_nonpoly_scheme.mon_id 
_pdbx_nonpoly_scheme.ndb_seq_num 
_pdbx_nonpoly_scheme.pdb_seq_num 
_pdbx_nonpoly_scheme.auth_seq_num 
_pdbx_nonpoly_scheme.pdb_mon_id 
_pdbx_nonpoly_scheme.auth_mon_id 
_pdbx_nonpoly_scheme.pdb_strand_id 
_pdbx_nonpoly_scheme.pdb_ins_code 
C 3 HOH 1   101 145 HOH HOH B . 
C 3 HOH 2   102 135 HOH HOH B . 
D 3 HOH 1   201 175 HOH HOH A . 
D 3 HOH 2   202 80  HOH HOH A . 
D 3 HOH 3   203 111 HOH HOH A . 
D 3 HOH 4   204 29  HOH HOH A . 
D 3 HOH 5   205 138 HOH HOH A . 
D 3 HOH 6   206 53  HOH HOH A . 
D 3 HOH 7   207 92  HOH HOH A . 
D 3 HOH 8   208 191 HOH HOH A . 
D 3 HOH 9   209 107 HOH HOH A . 
D 3 HOH 10  210 22  HOH HOH A . 
D 3 HOH 11  211 81  HOH HOH A . 
D 3 HOH 12  212 3   HOH HOH A . 
D 3 HOH 13  213 5   HOH HOH A . 
D 3 HOH 14  214 88  HOH HOH A . 
D 3 HOH 15  215 77  HOH HOH A . 
D 3 HOH 16  216 114 HOH HOH A . 
D 3 HOH 17  217 124 HOH HOH A . 
D 3 HOH 18  218 14  HOH HOH A . 
D 3 HOH 19  219 153 HOH HOH A . 
D 3 HOH 20  220 27  HOH HOH A . 
D 3 HOH 21  221 50  HOH HOH A . 
D 3 HOH 22  222 128 HOH HOH A . 
D 3 HOH 23  223 31  HOH HOH A . 
D 3 HOH 24  224 94  HOH HOH A . 
D 3 HOH 25  225 38  HOH HOH A . 
D 3 HOH 26  226 19  HOH HOH A . 
D 3 HOH 27  227 176 HOH HOH A . 
D 3 HOH 28  228 86  HOH HOH A . 
D 3 HOH 29  229 63  HOH HOH A . 
D 3 HOH 30  230 6   HOH HOH A . 
D 3 HOH 31  231 142 HOH HOH A . 
D 3 HOH 32  232 4   HOH HOH A . 
D 3 HOH 33  233 59  HOH HOH A . 
D 3 HOH 34  234 54  HOH HOH A . 
D 3 HOH 35  235 65  HOH HOH A . 
D 3 HOH 36  236 189 HOH HOH A . 
D 3 HOH 37  237 121 HOH HOH A . 
D 3 HOH 38  238 116 HOH HOH A . 
D 3 HOH 39  239 37  HOH HOH A . 
D 3 HOH 40  240 2   HOH HOH A . 
D 3 HOH 41  241 108 HOH HOH A . 
D 3 HOH 42  242 155 HOH HOH A . 
D 3 HOH 43  243 17  HOH HOH A . 
D 3 HOH 44  244 45  HOH HOH A . 
D 3 HOH 45  245 36  HOH HOH A . 
D 3 HOH 46  246 195 HOH HOH A . 
D 3 HOH 47  247 7   HOH HOH A . 
D 3 HOH 48  248 61  HOH HOH A . 
D 3 HOH 49  249 197 HOH HOH A . 
D 3 HOH 50  250 13  HOH HOH A . 
D 3 HOH 51  251 55  HOH HOH A . 
D 3 HOH 52  252 10  HOH HOH A . 
D 3 HOH 53  253 20  HOH HOH A . 
D 3 HOH 54  254 16  HOH HOH A . 
D 3 HOH 55  255 158 HOH HOH A . 
D 3 HOH 56  256 41  HOH HOH A . 
D 3 HOH 57  257 122 HOH HOH A . 
D 3 HOH 58  258 39  HOH HOH A . 
D 3 HOH 59  259 67  HOH HOH A . 
D 3 HOH 60  260 76  HOH HOH A . 
D 3 HOH 61  261 34  HOH HOH A . 
D 3 HOH 62  262 90  HOH HOH A . 
D 3 HOH 63  263 28  HOH HOH A . 
D 3 HOH 64  264 170 HOH HOH A . 
D 3 HOH 65  265 11  HOH HOH A . 
D 3 HOH 66  266 127 HOH HOH A . 
D 3 HOH 67  267 15  HOH HOH A . 
D 3 HOH 68  268 113 HOH HOH A . 
D 3 HOH 69  269 93  HOH HOH A . 
D 3 HOH 70  270 42  HOH HOH A . 
D 3 HOH 71  271 52  HOH HOH A . 
D 3 HOH 72  272 35  HOH HOH A . 
D 3 HOH 73  273 136 HOH HOH A . 
D 3 HOH 74  274 46  HOH HOH A . 
D 3 HOH 75  275 87  HOH HOH A . 
D 3 HOH 76  276 78  HOH HOH A . 
D 3 HOH 77  277 25  HOH HOH A . 
D 3 HOH 78  278 99  HOH HOH A . 
D 3 HOH 79  279 84  HOH HOH A . 
D 3 HOH 80  280 12  HOH HOH A . 
D 3 HOH 81  281 8   HOH HOH A . 
D 3 HOH 82  282 105 HOH HOH A . 
D 3 HOH 83  283 58  HOH HOH A . 
D 3 HOH 84  284 30  HOH HOH A . 
D 3 HOH 85  285 23  HOH HOH A . 
D 3 HOH 86  286 106 HOH HOH A . 
D 3 HOH 87  287 62  HOH HOH A . 
D 3 HOH 88  288 18  HOH HOH A . 
D 3 HOH 89  289 48  HOH HOH A . 
D 3 HOH 90  290 144 HOH HOH A . 
D 3 HOH 91  291 133 HOH HOH A . 
D 3 HOH 92  292 32  HOH HOH A . 
D 3 HOH 93  293 141 HOH HOH A . 
D 3 HOH 94  294 96  HOH HOH A . 
D 3 HOH 95  295 123 HOH HOH A . 
D 3 HOH 96  296 95  HOH HOH A . 
D 3 HOH 97  297 40  HOH HOH A . 
D 3 HOH 98  298 188 HOH HOH A . 
D 3 HOH 99  299 187 HOH HOH A . 
D 3 HOH 100 300 119 HOH HOH A . 
D 3 HOH 101 301 9   HOH HOH A . 
D 3 HOH 102 302 165 HOH HOH A . 
D 3 HOH 103 303 162 HOH HOH A . 
D 3 HOH 104 304 57  HOH HOH A . 
D 3 HOH 105 305 112 HOH HOH A . 
D 3 HOH 106 306 132 HOH HOH A . 
D 3 HOH 107 307 146 HOH HOH A . 
D 3 HOH 108 308 74  HOH HOH A . 
D 3 HOH 109 309 44  HOH HOH A . 
D 3 HOH 110 310 120 HOH HOH A . 
D 3 HOH 111 311 100 HOH HOH A . 
D 3 HOH 112 312 64  HOH HOH A . 
D 3 HOH 113 313 1   HOH HOH A . 
D 3 HOH 114 314 85  HOH HOH A . 
D 3 HOH 115 315 47  HOH HOH A . 
D 3 HOH 116 316 56  HOH HOH A . 
D 3 HOH 117 317 168 HOH HOH A . 
D 3 HOH 118 318 196 HOH HOH A . 
D 3 HOH 119 319 130 HOH HOH A . 
D 3 HOH 120 320 169 HOH HOH A . 
D 3 HOH 121 321 157 HOH HOH A . 
D 3 HOH 122 322 115 HOH HOH A . 
D 3 HOH 123 323 159 HOH HOH A . 
D 3 HOH 124 324 110 HOH HOH A . 
D 3 HOH 125 325 143 HOH HOH A . 
D 3 HOH 126 326 181 HOH HOH A . 
D 3 HOH 127 327 211 HOH HOH A . 
D 3 HOH 128 328 126 HOH HOH A . 
D 3 HOH 129 329 72  HOH HOH A . 
D 3 HOH 130 330 43  HOH HOH A . 
D 3 HOH 131 331 82  HOH HOH A . 
D 3 HOH 132 332 147 HOH HOH A . 
D 3 HOH 133 333 91  HOH HOH A . 
D 3 HOH 134 334 178 HOH HOH A . 
D 3 HOH 135 335 117 HOH HOH A . 
D 3 HOH 136 336 66  HOH HOH A . 
D 3 HOH 137 337 70  HOH HOH A . 
D 3 HOH 138 338 216 HOH HOH A . 
D 3 HOH 139 339 73  HOH HOH A . 
D 3 HOH 140 340 139 HOH HOH A . 
D 3 HOH 141 341 26  HOH HOH A . 
D 3 HOH 142 342 68  HOH HOH A . 
D 3 HOH 143 343 182 HOH HOH A . 
D 3 HOH 144 344 24  HOH HOH A . 
D 3 HOH 145 345 179 HOH HOH A . 
D 3 HOH 146 346 200 HOH HOH A . 
D 3 HOH 147 347 102 HOH HOH A . 
D 3 HOH 148 348 152 HOH HOH A . 
D 3 HOH 149 349 223 HOH HOH A . 
D 3 HOH 150 350 109 HOH HOH A . 
D 3 HOH 151 351 151 HOH HOH A . 
D 3 HOH 152 352 134 HOH HOH A . 
D 3 HOH 153 353 69  HOH HOH A . 
D 3 HOH 154 354 75  HOH HOH A . 
D 3 HOH 155 355 164 HOH HOH A . 
D 3 HOH 156 356 83  HOH HOH A . 
D 3 HOH 157 357 171 HOH HOH A . 
D 3 HOH 158 358 183 HOH HOH A . 
D 3 HOH 159 359 148 HOH HOH A . 
D 3 HOH 160 360 101 HOH HOH A . 
D 3 HOH 161 361 60  HOH HOH A . 
D 3 HOH 162 362 79  HOH HOH A . 
D 3 HOH 163 363 49  HOH HOH A . 
D 3 HOH 164 364 174 HOH HOH A . 
D 3 HOH 165 365 192 HOH HOH A . 
D 3 HOH 166 366 215 HOH HOH A . 
D 3 HOH 167 367 104 HOH HOH A . 
D 3 HOH 168 368 89  HOH HOH A . 
D 3 HOH 169 369 21  HOH HOH A . 
D 3 HOH 170 370 184 HOH HOH A . 
D 3 HOH 171 371 186 HOH HOH A . 
D 3 HOH 172 372 163 HOH HOH A . 
D 3 HOH 173 373 137 HOH HOH A . 
D 3 HOH 174 374 227 HOH HOH A . 
D 3 HOH 175 375 97  HOH HOH A . 
D 3 HOH 176 376 161 HOH HOH A . 
D 3 HOH 177 377 51  HOH HOH A . 
D 3 HOH 178 378 131 HOH HOH A . 
D 3 HOH 179 379 71  HOH HOH A . 
D 3 HOH 180 380 33  HOH HOH A . 
D 3 HOH 181 381 173 HOH HOH A . 
D 3 HOH 182 382 190 HOH HOH A . 
D 3 HOH 183 383 185 HOH HOH A . 
D 3 HOH 184 384 177 HOH HOH A . 
D 3 HOH 185 385 118 HOH HOH A . 
# 
_pdbx_struct_assembly.id                   1 
_pdbx_struct_assembly.details              author_and_software_defined_assembly 
_pdbx_struct_assembly.method_details       PISA 
_pdbx_struct_assembly.oligomeric_details   dimeric 
_pdbx_struct_assembly.oligomeric_count     2 
# 
_pdbx_struct_assembly_gen.assembly_id       1 
_pdbx_struct_assembly_gen.oper_expression   1 
_pdbx_struct_assembly_gen.asym_id_list      A,B,C,D 
# 
loop_
_pdbx_struct_assembly_prop.biol_id 
_pdbx_struct_assembly_prop.type 
_pdbx_struct_assembly_prop.value 
_pdbx_struct_assembly_prop.details 
1 'ABSA (A^2)' 740  ? 
1 MORE         -6   ? 
1 'SSA (A^2)'  6850 ? 
# 
_pdbx_struct_oper_list.id                   1 
_pdbx_struct_oper_list.type                 'identity operation' 
_pdbx_struct_oper_list.name                 1_555 
_pdbx_struct_oper_list.symmetry_operation   x,y,z 
_pdbx_struct_oper_list.matrix[1][1]         1.0000000000 
_pdbx_struct_oper_list.matrix[1][2]         0.0000000000 
_pdbx_struct_oper_list.matrix[1][3]         0.0000000000 
_pdbx_struct_oper_list.vector[1]            0.0000000000 
_pdbx_struct_oper_list.matrix[2][1]         0.0000000000 
_pdbx_struct_oper_list.matrix[2][2]         1.0000000000 
_pdbx_struct_oper_list.matrix[2][3]         0.0000000000 
_pdbx_struct_oper_list.vector[2]            0.0000000000 
_pdbx_struct_oper_list.matrix[3][1]         0.0000000000 
_pdbx_struct_oper_list.matrix[3][2]         0.0000000000 
_pdbx_struct_oper_list.matrix[3][3]         1.0000000000 
_pdbx_struct_oper_list.vector[3]            0.0000000000 
# 
loop_
_pdbx_audit_revision_history.ordinal 
_pdbx_audit_revision_history.data_content_type 
_pdbx_audit_revision_history.major_revision 
_pdbx_audit_revision_history.minor_revision 
_pdbx_audit_revision_history.revision_date 
1 'Structure model' 1 0 2022-02-23 
2 'Structure model' 1 1 2023-11-29 
# 
_pdbx_audit_revision_details.ordinal             1 
_pdbx_audit_revision_details.revision_ordinal    1 
_pdbx_audit_revision_details.data_content_type   'Structure model' 
_pdbx_audit_revision_details.provider            repository 
_pdbx_audit_revision_details.type                'Initial release' 
_pdbx_audit_revision_details.description         ? 
_pdbx_audit_revision_details.details             ? 
# 
loop_
_pdbx_audit_revision_group.ordinal 
_pdbx_audit_revision_group.revision_ordinal 
_pdbx_audit_revision_group.data_content_type 
_pdbx_audit_revision_group.group 
1 2 'Structure model' 'Data collection'        
2 2 'Structure model' 'Refinement description' 
# 
loop_
_pdbx_audit_revision_category.ordinal 
_pdbx_audit_revision_category.revision_ordinal 
_pdbx_audit_revision_category.data_content_type 
_pdbx_audit_revision_category.category 
1 2 'Structure model' chem_comp_atom                
2 2 'Structure model' chem_comp_bond                
3 2 'Structure model' pdbx_initial_refinement_model 
# 
loop_
_software.citation_id 
_software.classification 
_software.compiler_name 
_software.compiler_version 
_software.contact_author 
_software.contact_author_email 
_software.date 
_software.description 
_software.dependencies 
_software.hardware 
_software.language 
_software.location 
_software.mods 
_software.name 
_software.os 
_software.os_version 
_software.type 
_software.version 
_software.pdbx_ordinal 
? refinement        ? ? ? ? ? ? ? ? ? ? ? REFMAC      ? ? ? 5.8.0230 1 
? 'data scaling'    ? ? ? ? ? ? ? ? ? ? ? HKL-2000    ? ? ? .        2 
? 'data extraction' ? ? ? ? ? ? ? ? ? ? ? PDB_EXTRACT ? ? ? 3.27     3 
? 'data reduction'  ? ? ? ? ? ? ? ? ? ? ? HKL-3000    ? ? ? .        4 
? phasing           ? ? ? ? ? ? ? ? ? ? ? MOLREP      ? ? ? .        5 
# 
_pdbx_validate_rmsd_angle.id                         1 
_pdbx_validate_rmsd_angle.PDB_model_num              1 
_pdbx_validate_rmsd_angle.auth_atom_id_1             N 
_pdbx_validate_rmsd_angle.auth_asym_id_1             B 
_pdbx_validate_rmsd_angle.auth_comp_id_1             PRO 
_pdbx_validate_rmsd_angle.auth_seq_id_1              3 
_pdbx_validate_rmsd_angle.PDB_ins_code_1             ? 
_pdbx_validate_rmsd_angle.label_alt_id_1             ? 
_pdbx_validate_rmsd_angle.auth_atom_id_2             CD 
_pdbx_validate_rmsd_angle.auth_asym_id_2             B 
_pdbx_validate_rmsd_angle.auth_comp_id_2             PRO 
_pdbx_validate_rmsd_angle.auth_seq_id_2              3 
_pdbx_validate_rmsd_angle.PDB_ins_code_2             ? 
_pdbx_validate_rmsd_angle.label_alt_id_2             ? 
_pdbx_validate_rmsd_angle.auth_atom_id_3             CG 
_pdbx_validate_rmsd_angle.auth_asym_id_3             B 
_pdbx_validate_rmsd_angle.auth_comp_id_3             PRO 
_pdbx_validate_rmsd_angle.auth_seq_id_3              3 
_pdbx_validate_rmsd_angle.PDB_ins_code_3             ? 
_pdbx_validate_rmsd_angle.label_alt_id_3             ? 
_pdbx_validate_rmsd_angle.angle_value                96.50 
_pdbx_validate_rmsd_angle.angle_target_value         103.80 
_pdbx_validate_rmsd_angle.angle_deviation            -7.30 
_pdbx_validate_rmsd_angle.angle_standard_deviation   1.20 
_pdbx_validate_rmsd_angle.linker_flag                N 
# 
_pdbx_validate_torsion.id              1 
_pdbx_validate_torsion.PDB_model_num   1 
_pdbx_validate_torsion.auth_comp_id    ALA 
_pdbx_validate_torsion.auth_asym_id    A 
_pdbx_validate_torsion.auth_seq_id     112 
_pdbx_validate_torsion.PDB_ins_code    ? 
_pdbx_validate_torsion.label_alt_id    ? 
_pdbx_validate_torsion.phi             -134.21 
_pdbx_validate_torsion.psi             -112.89 
# 
loop_
_pdbx_distant_solvent_atoms.id 
_pdbx_distant_solvent_atoms.PDB_model_num 
_pdbx_distant_solvent_atoms.auth_atom_id 
_pdbx_distant_solvent_atoms.label_alt_id 
_pdbx_distant_solvent_atoms.auth_asym_id 
_pdbx_distant_solvent_atoms.auth_comp_id 
_pdbx_distant_solvent_atoms.auth_seq_id 
_pdbx_distant_solvent_atoms.PDB_ins_code 
_pdbx_distant_solvent_atoms.neighbor_macromolecule_distance 
_pdbx_distant_solvent_atoms.neighbor_ligand_distance 
1 1 O ? A HOH 383 ? 6.54 . 
2 1 O ? A HOH 384 ? 6.56 . 
3 1 O ? A HOH 385 ? 7.00 . 
# 
loop_
_pdbx_unobs_or_zero_occ_atoms.id 
_pdbx_unobs_or_zero_occ_atoms.PDB_model_num 
_pdbx_unobs_or_zero_occ_atoms.polymer_flag 
_pdbx_unobs_or_zero_occ_atoms.occupancy_flag 
_pdbx_unobs_or_zero_occ_atoms.auth_asym_id 
_pdbx_unobs_or_zero_occ_atoms.auth_comp_id 
_pdbx_unobs_or_zero_occ_atoms.auth_seq_id 
_pdbx_unobs_or_zero_occ_atoms.PDB_ins_code 
_pdbx_unobs_or_zero_occ_atoms.auth_atom_id 
_pdbx_unobs_or_zero_occ_atoms.label_alt_id 
_pdbx_unobs_or_zero_occ_atoms.label_asym_id 
_pdbx_unobs_or_zero_occ_atoms.label_comp_id 
_pdbx_unobs_or_zero_occ_atoms.label_seq_id 
_pdbx_unobs_or_zero_occ_atoms.label_atom_id 
1  1 Y 1 B SER 1   ? OG  ? A SER 1   OG  
2  1 Y 1 B THR 5   ? OG1 ? A THR 5   OG1 
3  1 Y 1 B THR 5   ? CG2 ? A THR 5   CG2 
4  1 Y 1 A LYS 58  ? CG  ? B LYS 46  CG  
5  1 Y 1 A LYS 58  ? CD  ? B LYS 46  CD  
6  1 Y 1 A LYS 58  ? CE  ? B LYS 46  CE  
7  1 Y 1 A LYS 58  ? NZ  ? B LYS 46  NZ  
8  1 Y 1 A LYS 65  ? CG  ? B LYS 53  CG  
9  1 Y 1 A LYS 65  ? CD  ? B LYS 53  CD  
10 1 Y 1 A LYS 65  ? CE  ? B LYS 53  CE  
11 1 Y 1 A LYS 65  ? NZ  ? B LYS 53  NZ  
12 1 Y 1 A LYS 66  ? CG  ? B LYS 54  CG  
13 1 Y 1 A LYS 66  ? CD  ? B LYS 54  CD  
14 1 Y 1 A LYS 66  ? CE  ? B LYS 54  CE  
15 1 Y 1 A LYS 66  ? NZ  ? B LYS 54  NZ  
16 1 Y 1 A LEU 119 ? CG  ? B LEU 107 CG  
17 1 Y 1 A LEU 119 ? CD1 ? B LEU 107 CD1 
18 1 Y 1 A LEU 119 ? CD2 ? B LEU 107 CD2 
19 1 Y 1 A LYS 121 ? CG  ? B LYS 109 CG  
20 1 Y 1 A LYS 121 ? CD  ? B LYS 109 CD  
21 1 Y 1 A LYS 121 ? CE  ? B LYS 109 CE  
22 1 Y 1 A LYS 121 ? NZ  ? B LYS 109 NZ  
# 
_pdbx_unobs_or_zero_occ_residues.id               1 
_pdbx_unobs_or_zero_occ_residues.PDB_model_num    1 
_pdbx_unobs_or_zero_occ_residues.polymer_flag     Y 
_pdbx_unobs_or_zero_occ_residues.occupancy_flag   1 
_pdbx_unobs_or_zero_occ_residues.auth_asym_id     A 
_pdbx_unobs_or_zero_occ_residues.auth_comp_id     GLU 
_pdbx_unobs_or_zero_occ_residues.auth_seq_id      140 
_pdbx_unobs_or_zero_occ_residues.PDB_ins_code     ? 
_pdbx_unobs_or_zero_occ_residues.label_asym_id    B 
_pdbx_unobs_or_zero_occ_residues.label_comp_id    GLU 
_pdbx_unobs_or_zero_occ_residues.label_seq_id     128 
# 
loop_
_chem_comp_atom.comp_id 
_chem_comp_atom.atom_id 
_chem_comp_atom.type_symbol 
_chem_comp_atom.pdbx_aromatic_flag 
_chem_comp_atom.pdbx_stereo_config 
_chem_comp_atom.pdbx_ordinal 
ALA N    N N N 1   
ALA CA   C N S 2   
ALA C    C N N 3   
ALA O    O N N 4   
ALA CB   C N N 5   
ALA OXT  O N N 6   
ALA H    H N N 7   
ALA H2   H N N 8   
ALA HA   H N N 9   
ALA HB1  H N N 10  
ALA HB2  H N N 11  
ALA HB3  H N N 12  
ALA HXT  H N N 13  
ARG N    N N N 14  
ARG CA   C N S 15  
ARG C    C N N 16  
ARG O    O N N 17  
ARG CB   C N N 18  
ARG CG   C N N 19  
ARG CD   C N N 20  
ARG NE   N N N 21  
ARG CZ   C N N 22  
ARG NH1  N N N 23  
ARG NH2  N N N 24  
ARG OXT  O N N 25  
ARG H    H N N 26  
ARG H2   H N N 27  
ARG HA   H N N 28  
ARG HB2  H N N 29  
ARG HB3  H N N 30  
ARG HG2  H N N 31  
ARG HG3  H N N 32  
ARG HD2  H N N 33  
ARG HD3  H N N 34  
ARG HE   H N N 35  
ARG HH11 H N N 36  
ARG HH12 H N N 37  
ARG HH21 H N N 38  
ARG HH22 H N N 39  
ARG HXT  H N N 40  
ASN N    N N N 41  
ASN CA   C N S 42  
ASN C    C N N 43  
ASN O    O N N 44  
ASN CB   C N N 45  
ASN CG   C N N 46  
ASN OD1  O N N 47  
ASN ND2  N N N 48  
ASN OXT  O N N 49  
ASN H    H N N 50  
ASN H2   H N N 51  
ASN HA   H N N 52  
ASN HB2  H N N 53  
ASN HB3  H N N 54  
ASN HD21 H N N 55  
ASN HD22 H N N 56  
ASN HXT  H N N 57  
ASP N    N N N 58  
ASP CA   C N S 59  
ASP C    C N N 60  
ASP O    O N N 61  
ASP CB   C N N 62  
ASP CG   C N N 63  
ASP OD1  O N N 64  
ASP OD2  O N N 65  
ASP OXT  O N N 66  
ASP H    H N N 67  
ASP H2   H N N 68  
ASP HA   H N N 69  
ASP HB2  H N N 70  
ASP HB3  H N N 71  
ASP HD2  H N N 72  
ASP HXT  H N N 73  
CYS N    N N N 74  
CYS CA   C N R 75  
CYS C    C N N 76  
CYS O    O N N 77  
CYS CB   C N N 78  
CYS SG   S N N 79  
CYS OXT  O N N 80  
CYS H    H N N 81  
CYS H2   H N N 82  
CYS HA   H N N 83  
CYS HB2  H N N 84  
CYS HB3  H N N 85  
CYS HG   H N N 86  
CYS HXT  H N N 87  
GLN N    N N N 88  
GLN CA   C N S 89  
GLN C    C N N 90  
GLN O    O N N 91  
GLN CB   C N N 92  
GLN CG   C N N 93  
GLN CD   C N N 94  
GLN OE1  O N N 95  
GLN NE2  N N N 96  
GLN OXT  O N N 97  
GLN H    H N N 98  
GLN H2   H N N 99  
GLN HA   H N N 100 
GLN HB2  H N N 101 
GLN HB3  H N N 102 
GLN HG2  H N N 103 
GLN HG3  H N N 104 
GLN HE21 H N N 105 
GLN HE22 H N N 106 
GLN HXT  H N N 107 
GLU N    N N N 108 
GLU CA   C N S 109 
GLU C    C N N 110 
GLU O    O N N 111 
GLU CB   C N N 112 
GLU CG   C N N 113 
GLU CD   C N N 114 
GLU OE1  O N N 115 
GLU OE2  O N N 116 
GLU OXT  O N N 117 
GLU H    H N N 118 
GLU H2   H N N 119 
GLU HA   H N N 120 
GLU HB2  H N N 121 
GLU HB3  H N N 122 
GLU HG2  H N N 123 
GLU HG3  H N N 124 
GLU HE2  H N N 125 
GLU HXT  H N N 126 
GLY N    N N N 127 
GLY CA   C N N 128 
GLY C    C N N 129 
GLY O    O N N 130 
GLY OXT  O N N 131 
GLY H    H N N 132 
GLY H2   H N N 133 
GLY HA2  H N N 134 
GLY HA3  H N N 135 
GLY HXT  H N N 136 
HIS N    N N N 137 
HIS CA   C N S 138 
HIS C    C N N 139 
HIS O    O N N 140 
HIS CB   C N N 141 
HIS CG   C Y N 142 
HIS ND1  N Y N 143 
HIS CD2  C Y N 144 
HIS CE1  C Y N 145 
HIS NE2  N Y N 146 
HIS OXT  O N N 147 
HIS H    H N N 148 
HIS H2   H N N 149 
HIS HA   H N N 150 
HIS HB2  H N N 151 
HIS HB3  H N N 152 
HIS HD1  H N N 153 
HIS HD2  H N N 154 
HIS HE1  H N N 155 
HIS HE2  H N N 156 
HIS HXT  H N N 157 
HOH O    O N N 158 
HOH H1   H N N 159 
HOH H2   H N N 160 
ILE N    N N N 161 
ILE CA   C N S 162 
ILE C    C N N 163 
ILE O    O N N 164 
ILE CB   C N S 165 
ILE CG1  C N N 166 
ILE CG2  C N N 167 
ILE CD1  C N N 168 
ILE OXT  O N N 169 
ILE H    H N N 170 
ILE H2   H N N 171 
ILE HA   H N N 172 
ILE HB   H N N 173 
ILE HG12 H N N 174 
ILE HG13 H N N 175 
ILE HG21 H N N 176 
ILE HG22 H N N 177 
ILE HG23 H N N 178 
ILE HD11 H N N 179 
ILE HD12 H N N 180 
ILE HD13 H N N 181 
ILE HXT  H N N 182 
LEU N    N N N 183 
LEU CA   C N S 184 
LEU C    C N N 185 
LEU O    O N N 186 
LEU CB   C N N 187 
LEU CG   C N N 188 
LEU CD1  C N N 189 
LEU CD2  C N N 190 
LEU OXT  O N N 191 
LEU H    H N N 192 
LEU H2   H N N 193 
LEU HA   H N N 194 
LEU HB2  H N N 195 
LEU HB3  H N N 196 
LEU HG   H N N 197 
LEU HD11 H N N 198 
LEU HD12 H N N 199 
LEU HD13 H N N 200 
LEU HD21 H N N 201 
LEU HD22 H N N 202 
LEU HD23 H N N 203 
LEU HXT  H N N 204 
LYS N    N N N 205 
LYS CA   C N S 206 
LYS C    C N N 207 
LYS O    O N N 208 
LYS CB   C N N 209 
LYS CG   C N N 210 
LYS CD   C N N 211 
LYS CE   C N N 212 
LYS NZ   N N N 213 
LYS OXT  O N N 214 
LYS H    H N N 215 
LYS H2   H N N 216 
LYS HA   H N N 217 
LYS HB2  H N N 218 
LYS HB3  H N N 219 
LYS HG2  H N N 220 
LYS HG3  H N N 221 
LYS HD2  H N N 222 
LYS HD3  H N N 223 
LYS HE2  H N N 224 
LYS HE3  H N N 225 
LYS HZ1  H N N 226 
LYS HZ2  H N N 227 
LYS HZ3  H N N 228 
LYS HXT  H N N 229 
MET N    N N N 230 
MET CA   C N S 231 
MET C    C N N 232 
MET O    O N N 233 
MET CB   C N N 234 
MET CG   C N N 235 
MET SD   S N N 236 
MET CE   C N N 237 
MET OXT  O N N 238 
MET H    H N N 239 
MET H2   H N N 240 
MET HA   H N N 241 
MET HB2  H N N 242 
MET HB3  H N N 243 
MET HG2  H N N 244 
MET HG3  H N N 245 
MET HE1  H N N 246 
MET HE2  H N N 247 
MET HE3  H N N 248 
MET HXT  H N N 249 
PHE N    N N N 250 
PHE CA   C N S 251 
PHE C    C N N 252 
PHE O    O N N 253 
PHE CB   C N N 254 
PHE CG   C Y N 255 
PHE CD1  C Y N 256 
PHE CD2  C Y N 257 
PHE CE1  C Y N 258 
PHE CE2  C Y N 259 
PHE CZ   C Y N 260 
PHE OXT  O N N 261 
PHE H    H N N 262 
PHE H2   H N N 263 
PHE HA   H N N 264 
PHE HB2  H N N 265 
PHE HB3  H N N 266 
PHE HD1  H N N 267 
PHE HD2  H N N 268 
PHE HE1  H N N 269 
PHE HE2  H N N 270 
PHE HZ   H N N 271 
PHE HXT  H N N 272 
PRO N    N N N 273 
PRO CA   C N S 274 
PRO C    C N N 275 
PRO O    O N N 276 
PRO CB   C N N 277 
PRO CG   C N N 278 
PRO CD   C N N 279 
PRO OXT  O N N 280 
PRO H    H N N 281 
PRO HA   H N N 282 
PRO HB2  H N N 283 
PRO HB3  H N N 284 
PRO HG2  H N N 285 
PRO HG3  H N N 286 
PRO HD2  H N N 287 
PRO HD3  H N N 288 
PRO HXT  H N N 289 
SER N    N N N 290 
SER CA   C N S 291 
SER C    C N N 292 
SER O    O N N 293 
SER CB   C N N 294 
SER OG   O N N 295 
SER OXT  O N N 296 
SER H    H N N 297 
SER H2   H N N 298 
SER HA   H N N 299 
SER HB2  H N N 300 
SER HB3  H N N 301 
SER HG   H N N 302 
SER HXT  H N N 303 
THR N    N N N 304 
THR CA   C N S 305 
THR C    C N N 306 
THR O    O N N 307 
THR CB   C N R 308 
THR OG1  O N N 309 
THR CG2  C N N 310 
THR OXT  O N N 311 
THR H    H N N 312 
THR H2   H N N 313 
THR HA   H N N 314 
THR HB   H N N 315 
THR HG1  H N N 316 
THR HG21 H N N 317 
THR HG22 H N N 318 
THR HG23 H N N 319 
THR HXT  H N N 320 
TRP N    N N N 321 
TRP CA   C N S 322 
TRP C    C N N 323 
TRP O    O N N 324 
TRP CB   C N N 325 
TRP CG   C Y N 326 
TRP CD1  C Y N 327 
TRP CD2  C Y N 328 
TRP NE1  N Y N 329 
TRP CE2  C Y N 330 
TRP CE3  C Y N 331 
TRP CZ2  C Y N 332 
TRP CZ3  C Y N 333 
TRP CH2  C Y N 334 
TRP OXT  O N N 335 
TRP H    H N N 336 
TRP H2   H N N 337 
TRP HA   H N N 338 
TRP HB2  H N N 339 
TRP HB3  H N N 340 
TRP HD1  H N N 341 
TRP HE1  H N N 342 
TRP HE3  H N N 343 
TRP HZ2  H N N 344 
TRP HZ3  H N N 345 
TRP HH2  H N N 346 
TRP HXT  H N N 347 
TYR N    N N N 348 
TYR CA   C N S 349 
TYR C    C N N 350 
TYR O    O N N 351 
TYR CB   C N N 352 
TYR CG   C Y N 353 
TYR CD1  C Y N 354 
TYR CD2  C Y N 355 
TYR CE1  C Y N 356 
TYR CE2  C Y N 357 
TYR CZ   C Y N 358 
TYR OH   O N N 359 
TYR OXT  O N N 360 
TYR H    H N N 361 
TYR H2   H N N 362 
TYR HA   H N N 363 
TYR HB2  H N N 364 
TYR HB3  H N N 365 
TYR HD1  H N N 366 
TYR HD2  H N N 367 
TYR HE1  H N N 368 
TYR HE2  H N N 369 
TYR HH   H N N 370 
TYR HXT  H N N 371 
VAL N    N N N 372 
VAL CA   C N S 373 
VAL C    C N N 374 
VAL O    O N N 375 
VAL CB   C N N 376 
VAL CG1  C N N 377 
VAL CG2  C N N 378 
VAL OXT  O N N 379 
VAL H    H N N 380 
VAL H2   H N N 381 
VAL HA   H N N 382 
VAL HB   H N N 383 
VAL HG11 H N N 384 
VAL HG12 H N N 385 
VAL HG13 H N N 386 
VAL HG21 H N N 387 
VAL HG22 H N N 388 
VAL HG23 H N N 389 
VAL HXT  H N N 390 
# 
loop_
_chem_comp_bond.comp_id 
_chem_comp_bond.atom_id_1 
_chem_comp_bond.atom_id_2 
_chem_comp_bond.value_order 
_chem_comp_bond.pdbx_aromatic_flag 
_chem_comp_bond.pdbx_stereo_config 
_chem_comp_bond.pdbx_ordinal 
ALA N   CA   sing N N 1   
ALA N   H    sing N N 2   
ALA N   H2   sing N N 3   
ALA CA  C    sing N N 4   
ALA CA  CB   sing N N 5   
ALA CA  HA   sing N N 6   
ALA C   O    doub N N 7   
ALA C   OXT  sing N N 8   
ALA CB  HB1  sing N N 9   
ALA CB  HB2  sing N N 10  
ALA CB  HB3  sing N N 11  
ALA OXT HXT  sing N N 12  
ARG N   CA   sing N N 13  
ARG N   H    sing N N 14  
ARG N   H2   sing N N 15  
ARG CA  C    sing N N 16  
ARG CA  CB   sing N N 17  
ARG CA  HA   sing N N 18  
ARG C   O    doub N N 19  
ARG C   OXT  sing N N 20  
ARG CB  CG   sing N N 21  
ARG CB  HB2  sing N N 22  
ARG CB  HB3  sing N N 23  
ARG CG  CD   sing N N 24  
ARG CG  HG2  sing N N 25  
ARG CG  HG3  sing N N 26  
ARG CD  NE   sing N N 27  
ARG CD  HD2  sing N N 28  
ARG CD  HD3  sing N N 29  
ARG NE  CZ   sing N N 30  
ARG NE  HE   sing N N 31  
ARG CZ  NH1  sing N N 32  
ARG CZ  NH2  doub N N 33  
ARG NH1 HH11 sing N N 34  
ARG NH1 HH12 sing N N 35  
ARG NH2 HH21 sing N N 36  
ARG NH2 HH22 sing N N 37  
ARG OXT HXT  sing N N 38  
ASN N   CA   sing N N 39  
ASN N   H    sing N N 40  
ASN N   H2   sing N N 41  
ASN CA  C    sing N N 42  
ASN CA  CB   sing N N 43  
ASN CA  HA   sing N N 44  
ASN C   O    doub N N 45  
ASN C   OXT  sing N N 46  
ASN CB  CG   sing N N 47  
ASN CB  HB2  sing N N 48  
ASN CB  HB3  sing N N 49  
ASN CG  OD1  doub N N 50  
ASN CG  ND2  sing N N 51  
ASN ND2 HD21 sing N N 52  
ASN ND2 HD22 sing N N 53  
ASN OXT HXT  sing N N 54  
ASP N   CA   sing N N 55  
ASP N   H    sing N N 56  
ASP N   H2   sing N N 57  
ASP CA  C    sing N N 58  
ASP CA  CB   sing N N 59  
ASP CA  HA   sing N N 60  
ASP C   O    doub N N 61  
ASP C   OXT  sing N N 62  
ASP CB  CG   sing N N 63  
ASP CB  HB2  sing N N 64  
ASP CB  HB3  sing N N 65  
ASP CG  OD1  doub N N 66  
ASP CG  OD2  sing N N 67  
ASP OD2 HD2  sing N N 68  
ASP OXT HXT  sing N N 69  
CYS N   CA   sing N N 70  
CYS N   H    sing N N 71  
CYS N   H2   sing N N 72  
CYS CA  C    sing N N 73  
CYS CA  CB   sing N N 74  
CYS CA  HA   sing N N 75  
CYS C   O    doub N N 76  
CYS C   OXT  sing N N 77  
CYS CB  SG   sing N N 78  
CYS CB  HB2  sing N N 79  
CYS CB  HB3  sing N N 80  
CYS SG  HG   sing N N 81  
CYS OXT HXT  sing N N 82  
GLN N   CA   sing N N 83  
GLN N   H    sing N N 84  
GLN N   H2   sing N N 85  
GLN CA  C    sing N N 86  
GLN CA  CB   sing N N 87  
GLN CA  HA   sing N N 88  
GLN C   O    doub N N 89  
GLN C   OXT  sing N N 90  
GLN CB  CG   sing N N 91  
GLN CB  HB2  sing N N 92  
GLN CB  HB3  sing N N 93  
GLN CG  CD   sing N N 94  
GLN CG  HG2  sing N N 95  
GLN CG  HG3  sing N N 96  
GLN CD  OE1  doub N N 97  
GLN CD  NE2  sing N N 98  
GLN NE2 HE21 sing N N 99  
GLN NE2 HE22 sing N N 100 
GLN OXT HXT  sing N N 101 
GLU N   CA   sing N N 102 
GLU N   H    sing N N 103 
GLU N   H2   sing N N 104 
GLU CA  C    sing N N 105 
GLU CA  CB   sing N N 106 
GLU CA  HA   sing N N 107 
GLU C   O    doub N N 108 
GLU C   OXT  sing N N 109 
GLU CB  CG   sing N N 110 
GLU CB  HB2  sing N N 111 
GLU CB  HB3  sing N N 112 
GLU CG  CD   sing N N 113 
GLU CG  HG2  sing N N 114 
GLU CG  HG3  sing N N 115 
GLU CD  OE1  doub N N 116 
GLU CD  OE2  sing N N 117 
GLU OE2 HE2  sing N N 118 
GLU OXT HXT  sing N N 119 
GLY N   CA   sing N N 120 
GLY N   H    sing N N 121 
GLY N   H2   sing N N 122 
GLY CA  C    sing N N 123 
GLY CA  HA2  sing N N 124 
GLY CA  HA3  sing N N 125 
GLY C   O    doub N N 126 
GLY C   OXT  sing N N 127 
GLY OXT HXT  sing N N 128 
HIS N   CA   sing N N 129 
HIS N   H    sing N N 130 
HIS N   H2   sing N N 131 
HIS CA  C    sing N N 132 
HIS CA  CB   sing N N 133 
HIS CA  HA   sing N N 134 
HIS C   O    doub N N 135 
HIS C   OXT  sing N N 136 
HIS CB  CG   sing N N 137 
HIS CB  HB2  sing N N 138 
HIS CB  HB3  sing N N 139 
HIS CG  ND1  sing Y N 140 
HIS CG  CD2  doub Y N 141 
HIS ND1 CE1  doub Y N 142 
HIS ND1 HD1  sing N N 143 
HIS CD2 NE2  sing Y N 144 
HIS CD2 HD2  sing N N 145 
HIS CE1 NE2  sing Y N 146 
HIS CE1 HE1  sing N N 147 
HIS NE2 HE2  sing N N 148 
HIS OXT HXT  sing N N 149 
HOH O   H1   sing N N 150 
HOH O   H2   sing N N 151 
ILE N   CA   sing N N 152 
ILE N   H    sing N N 153 
ILE N   H2   sing N N 154 
ILE CA  C    sing N N 155 
ILE CA  CB   sing N N 156 
ILE CA  HA   sing N N 157 
ILE C   O    doub N N 158 
ILE C   OXT  sing N N 159 
ILE CB  CG1  sing N N 160 
ILE CB  CG2  sing N N 161 
ILE CB  HB   sing N N 162 
ILE CG1 CD1  sing N N 163 
ILE CG1 HG12 sing N N 164 
ILE CG1 HG13 sing N N 165 
ILE CG2 HG21 sing N N 166 
ILE CG2 HG22 sing N N 167 
ILE CG2 HG23 sing N N 168 
ILE CD1 HD11 sing N N 169 
ILE CD1 HD12 sing N N 170 
ILE CD1 HD13 sing N N 171 
ILE OXT HXT  sing N N 172 
LEU N   CA   sing N N 173 
LEU N   H    sing N N 174 
LEU N   H2   sing N N 175 
LEU CA  C    sing N N 176 
LEU CA  CB   sing N N 177 
LEU CA  HA   sing N N 178 
LEU C   O    doub N N 179 
LEU C   OXT  sing N N 180 
LEU CB  CG   sing N N 181 
LEU CB  HB2  sing N N 182 
LEU CB  HB3  sing N N 183 
LEU CG  CD1  sing N N 184 
LEU CG  CD2  sing N N 185 
LEU CG  HG   sing N N 186 
LEU CD1 HD11 sing N N 187 
LEU CD1 HD12 sing N N 188 
LEU CD1 HD13 sing N N 189 
LEU CD2 HD21 sing N N 190 
LEU CD2 HD22 sing N N 191 
LEU CD2 HD23 sing N N 192 
LEU OXT HXT  sing N N 193 
LYS N   CA   sing N N 194 
LYS N   H    sing N N 195 
LYS N   H2   sing N N 196 
LYS CA  C    sing N N 197 
LYS CA  CB   sing N N 198 
LYS CA  HA   sing N N 199 
LYS C   O    doub N N 200 
LYS C   OXT  sing N N 201 
LYS CB  CG   sing N N 202 
LYS CB  HB2  sing N N 203 
LYS CB  HB3  sing N N 204 
LYS CG  CD   sing N N 205 
LYS CG  HG2  sing N N 206 
LYS CG  HG3  sing N N 207 
LYS CD  CE   sing N N 208 
LYS CD  HD2  sing N N 209 
LYS CD  HD3  sing N N 210 
LYS CE  NZ   sing N N 211 
LYS CE  HE2  sing N N 212 
LYS CE  HE3  sing N N 213 
LYS NZ  HZ1  sing N N 214 
LYS NZ  HZ2  sing N N 215 
LYS NZ  HZ3  sing N N 216 
LYS OXT HXT  sing N N 217 
MET N   CA   sing N N 218 
MET N   H    sing N N 219 
MET N   H2   sing N N 220 
MET CA  C    sing N N 221 
MET CA  CB   sing N N 222 
MET CA  HA   sing N N 223 
MET C   O    doub N N 224 
MET C   OXT  sing N N 225 
MET CB  CG   sing N N 226 
MET CB  HB2  sing N N 227 
MET CB  HB3  sing N N 228 
MET CG  SD   sing N N 229 
MET CG  HG2  sing N N 230 
MET CG  HG3  sing N N 231 
MET SD  CE   sing N N 232 
MET CE  HE1  sing N N 233 
MET CE  HE2  sing N N 234 
MET CE  HE3  sing N N 235 
MET OXT HXT  sing N N 236 
PHE N   CA   sing N N 237 
PHE N   H    sing N N 238 
PHE N   H2   sing N N 239 
PHE CA  C    sing N N 240 
PHE CA  CB   sing N N 241 
PHE CA  HA   sing N N 242 
PHE C   O    doub N N 243 
PHE C   OXT  sing N N 244 
PHE CB  CG   sing N N 245 
PHE CB  HB2  sing N N 246 
PHE CB  HB3  sing N N 247 
PHE CG  CD1  doub Y N 248 
PHE CG  CD2  sing Y N 249 
PHE CD1 CE1  sing Y N 250 
PHE CD1 HD1  sing N N 251 
PHE CD2 CE2  doub Y N 252 
PHE CD2 HD2  sing N N 253 
PHE CE1 CZ   doub Y N 254 
PHE CE1 HE1  sing N N 255 
PHE CE2 CZ   sing Y N 256 
PHE CE2 HE2  sing N N 257 
PHE CZ  HZ   sing N N 258 
PHE OXT HXT  sing N N 259 
PRO N   CA   sing N N 260 
PRO N   CD   sing N N 261 
PRO N   H    sing N N 262 
PRO CA  C    sing N N 263 
PRO CA  CB   sing N N 264 
PRO CA  HA   sing N N 265 
PRO C   O    doub N N 266 
PRO C   OXT  sing N N 267 
PRO CB  CG   sing N N 268 
PRO CB  HB2  sing N N 269 
PRO CB  HB3  sing N N 270 
PRO CG  CD   sing N N 271 
PRO CG  HG2  sing N N 272 
PRO CG  HG3  sing N N 273 
PRO CD  HD2  sing N N 274 
PRO CD  HD3  sing N N 275 
PRO OXT HXT  sing N N 276 
SER N   CA   sing N N 277 
SER N   H    sing N N 278 
SER N   H2   sing N N 279 
SER CA  C    sing N N 280 
SER CA  CB   sing N N 281 
SER CA  HA   sing N N 282 
SER C   O    doub N N 283 
SER C   OXT  sing N N 284 
SER CB  OG   sing N N 285 
SER CB  HB2  sing N N 286 
SER CB  HB3  sing N N 287 
SER OG  HG   sing N N 288 
SER OXT HXT  sing N N 289 
THR N   CA   sing N N 290 
THR N   H    sing N N 291 
THR N   H2   sing N N 292 
THR CA  C    sing N N 293 
THR CA  CB   sing N N 294 
THR CA  HA   sing N N 295 
THR C   O    doub N N 296 
THR C   OXT  sing N N 297 
THR CB  OG1  sing N N 298 
THR CB  CG2  sing N N 299 
THR CB  HB   sing N N 300 
THR OG1 HG1  sing N N 301 
THR CG2 HG21 sing N N 302 
THR CG2 HG22 sing N N 303 
THR CG2 HG23 sing N N 304 
THR OXT HXT  sing N N 305 
TRP N   CA   sing N N 306 
TRP N   H    sing N N 307 
TRP N   H2   sing N N 308 
TRP CA  C    sing N N 309 
TRP CA  CB   sing N N 310 
TRP CA  HA   sing N N 311 
TRP C   O    doub N N 312 
TRP C   OXT  sing N N 313 
TRP CB  CG   sing N N 314 
TRP CB  HB2  sing N N 315 
TRP CB  HB3  sing N N 316 
TRP CG  CD1  doub Y N 317 
TRP CG  CD2  sing Y N 318 
TRP CD1 NE1  sing Y N 319 
TRP CD1 HD1  sing N N 320 
TRP CD2 CE2  doub Y N 321 
TRP CD2 CE3  sing Y N 322 
TRP NE1 CE2  sing Y N 323 
TRP NE1 HE1  sing N N 324 
TRP CE2 CZ2  sing Y N 325 
TRP CE3 CZ3  doub Y N 326 
TRP CE3 HE3  sing N N 327 
TRP CZ2 CH2  doub Y N 328 
TRP CZ2 HZ2  sing N N 329 
TRP CZ3 CH2  sing Y N 330 
TRP CZ3 HZ3  sing N N 331 
TRP CH2 HH2  sing N N 332 
TRP OXT HXT  sing N N 333 
TYR N   CA   sing N N 334 
TYR N   H    sing N N 335 
TYR N   H2   sing N N 336 
TYR CA  C    sing N N 337 
TYR CA  CB   sing N N 338 
TYR CA  HA   sing N N 339 
TYR C   O    doub N N 340 
TYR C   OXT  sing N N 341 
TYR CB  CG   sing N N 342 
TYR CB  HB2  sing N N 343 
TYR CB  HB3  sing N N 344 
TYR CG  CD1  doub Y N 345 
TYR CG  CD2  sing Y N 346 
TYR CD1 CE1  sing Y N 347 
TYR CD1 HD1  sing N N 348 
TYR CD2 CE2  doub Y N 349 
TYR CD2 HD2  sing N N 350 
TYR CE1 CZ   doub Y N 351 
TYR CE1 HE1  sing N N 352 
TYR CE2 CZ   sing Y N 353 
TYR CE2 HE2  sing N N 354 
TYR CZ  OH   sing N N 355 
TYR OH  HH   sing N N 356 
TYR OXT HXT  sing N N 357 
VAL N   CA   sing N N 358 
VAL N   H    sing N N 359 
VAL N   H2   sing N N 360 
VAL CA  C    sing N N 361 
VAL CA  CB   sing N N 362 
VAL CA  HA   sing N N 363 
VAL C   O    doub N N 364 
VAL C   OXT  sing N N 365 
VAL CB  CG1  sing N N 366 
VAL CB  CG2  sing N N 367 
VAL CB  HB   sing N N 368 
VAL CG1 HG11 sing N N 369 
VAL CG1 HG12 sing N N 370 
VAL CG1 HG13 sing N N 371 
VAL CG2 HG21 sing N N 372 
VAL CG2 HG22 sing N N 373 
VAL CG2 HG23 sing N N 374 
VAL OXT HXT  sing N N 375 
# 
_pdbx_audit_support.funding_organization   'National Natural Science Foundation of China (NSFC)' 
_pdbx_audit_support.country                China 
_pdbx_audit_support.grant_number           21775060 
_pdbx_audit_support.ordinal                1 
# 
_pdbx_entity_nonpoly.entity_id   3 
_pdbx_entity_nonpoly.name        water 
_pdbx_entity_nonpoly.comp_id     HOH 
# 
_pdbx_initial_refinement_model.id               1 
_pdbx_initial_refinement_model.entity_id_list   ? 
_pdbx_initial_refinement_model.type             'experimental model' 
_pdbx_initial_refinement_model.source_name      PDB 
_pdbx_initial_refinement_model.accession_code   3O5R 
_pdbx_initial_refinement_model.details          ? 
# 
_pdbx_struct_assembly_auth_evidence.id                     1 
_pdbx_struct_assembly_auth_evidence.assembly_id            1 
_pdbx_struct_assembly_auth_evidence.experimental_support   'isothermal titration calorimetry' 
_pdbx_struct_assembly_auth_evidence.details                ? 
# 
